data_5VNG
#
_entry.id   5VNG
#
_cell.length_a   148.262
_cell.length_b   97.102
_cell.length_c   130.032
_cell.angle_alpha   90.00
_cell.angle_beta   90.19
_cell.angle_gamma   90.00
#
_symmetry.space_group_name_H-M   'C 1 2 1'
#
loop_
_entity.id
_entity.type
_entity.pdbx_description
1 polymer 'Protein transport protein Sec23A'
2 polymer 'Protein transport protein Sec24A'
3 polymer 'Vesicle-trafficking protein SEC22b'
4 polymer 'C-terminal ILE-ILE'
5 non-polymer 'ZINC ION'
6 water water
#
loop_
_entity_poly.entity_id
_entity_poly.type
_entity_poly.pdbx_seq_one_letter_code
_entity_poly.pdbx_strand_id
1 'polypeptide(L)'
;MTTYLEFIQQNEERDGVRFSWNVWPSSRLEATRMVVPVAALFTPLKERPDLPPIQYEPVLCSRTTCRAVLNPLCQVDYRA
KLWACNFCYQRNQFPPSYAGISELNQPAELLPQFSSIEYVVLRGPQMPLIFLYVVDTCMEDEDLQALKESMQMSLSLLPP
TALVGLITFGRMVQVHELGCEGISKSYVFRGTKDLSAKQLQEMLGLSKVPLTQATRGPQVQQPPPSNRFLQPVQKIDMNL
TDLLGELQRDPWPVPQGKRPLRSSGVALSIAVGLLECTFPNTGARIMMFIGGPATQGPGMVVGDELKTPIRSWHDIDKDN
AKYVKKGTKHFEALANRAATTGHVIDIYACALDQTGLLEMKCCPNLTGGYMVMGDSFNTSLFKQTFQRVFTKDMHGQFKM
GFGGTLEIKTSREIKISGAIGPCVSLNSKGPCVSENEIGTGGTCQWKICGLSPTTTLAIYFEVVNQHNAPIPQGGRGAIQ
FVTQYQHSSGQRRIRVTTIARNWADAQTQIQNIAASFDQEAAAILMARLAIYRAETEEGPDVLRWLDRQLIRLCQKFGEY
HKDDPSSFRFSETFSLYPQFMFHLRRSSFLQVFNNSPDESSYYRHHFMRQDLTQSLIMIQPILYAYSFSGPPEPVLLDSS
SILADRILLMDTFFQILIYHGETIAQWRKSGYQDMPEYENFRHLLQAPVDDAQEILHSRFPMPRYIDTEHGGSQARFLLS
KVNPSQTHNNMYAWGQESGAPILTDDVSLQVFMDHLKKLAVSSA
;
A
2 'polypeptide(L)'
;EGLRVVNLLQERNMLPSTPLKPPVPNLHEDIQKLNCNPELFRCTLTSIPQTQALLNKAKLPLGLLLHPFKDLVQLPVVTS
STIVRCRSCRTYINPFVSFLDQRRWKCNLCYRVNDVPEEFLYNPLTRVYGEPHRRPEVQNATIEFMAPSEYMLRPPQPPV
YLFVFDVSHNAVETGYLNSVCQSLLDNLDLLPGNTRTKIGFITFDSTIHFYGLQESLSQPQMLIVSDIEDVFIPMPENLL
VNLNESKELVQDLLKTLPQMFTKTLETQSALGPALQAAFKLMSPTGGRMSVFQTQLPTLGVGALKPREEPNHRSSAKDIH
MTPSTDFYKKLALDCSGQQVAVDLFLLSGQYSDLASLGCISRYSAGSVYYYPSYHHQHNPVQVQKLQKELQRYLTRKIGF
EAVMRIRCTKGLSIHTFHGNFFVRSTDLLSLPNVNPDAGYAVQMSVEESLTDTQLVSFQSALLYTSSKGERRIRVHTLCL
PVVSTLNDVFLGADVQAISGLLANMAVDRSMTASLSDARDALVNAVIDSLSAYRSSVLSNQQPGLMVPFSLRLFPLFVLA
LLKQKSFQTGTNARLDERIFAMCQVKNQPLVYLMLTTHPSLYRVDNLSDEGALNISDRTIPQPPILQLSVEKLSRDGAFL
MDAGSVLMLWVGKNCTQNFLSQVLGVQNYASIPQPMTDLPELDTPESARIIAFISWLREQRPFFPILYVIADESPMKANF
LQNMIEDRTESALSYYEFLLHIQQQVNK
;
B
3 'polypeptide(L)'
;MVLLTMIARVADGLPLAASMQEDEQSGRDLQQYQSQAKQLFRKLNEQSPTRCTLEAGAMTFHYIIEQGVCYLVLCEAAFP
KKLAFAYLEDLHSEFDEQHGKKVPTVSRPYSFIEFDTFIQKTKKLYIDSRARRNLGSINTELQDVQRIMVANIEEVL
;
C
4 'polypeptide(L)' EVTSII D
#
loop_
_chem_comp.id
_chem_comp.type
_chem_comp.name
_chem_comp.formula
ZN non-polymer 'ZINC ION' 'Zn 2'
#
# COMPACT_ATOMS: atom_id res chain seq x y z
N THR A 3 -7.82 67.11 20.53
CA THR A 3 -8.51 66.67 19.33
C THR A 3 -8.90 65.19 19.43
N TYR A 4 -10.19 64.91 19.27
CA TYR A 4 -10.67 63.52 19.35
C TYR A 4 -10.06 62.67 18.25
N LEU A 5 -9.78 63.26 17.09
CA LEU A 5 -9.08 62.53 16.04
C LEU A 5 -7.68 62.16 16.48
N GLU A 6 -6.93 63.14 17.01
CA GLU A 6 -5.60 62.84 17.56
C GLU A 6 -5.68 61.80 18.67
N PHE A 7 -6.78 61.81 19.43
CA PHE A 7 -6.95 60.80 20.48
C PHE A 7 -7.14 59.41 19.89
N ILE A 8 -8.02 59.30 18.89
CA ILE A 8 -8.29 57.99 18.28
C ILE A 8 -7.04 57.46 17.56
N GLN A 9 -6.32 58.36 16.88
CA GLN A 9 -5.15 57.92 16.11
C GLN A 9 -4.02 57.49 17.03
N GLN A 10 -3.71 58.28 18.05
CA GLN A 10 -2.58 57.97 18.92
C GLN A 10 -2.83 56.70 19.74
N ASN A 11 -4.09 56.39 20.05
CA ASN A 11 -4.37 55.23 20.89
C ASN A 11 -4.28 53.93 20.10
N GLU A 12 -4.70 53.93 18.83
CA GLU A 12 -4.51 52.74 18.01
C GLU A 12 -3.03 52.51 17.73
N GLU A 13 -2.25 53.58 17.60
CA GLU A 13 -0.81 53.43 17.38
C GLU A 13 -0.13 52.78 18.59
N ARG A 14 -0.52 53.19 19.79
CA ARG A 14 0.12 52.71 21.00
C ARG A 14 -0.49 51.40 21.50
N ASP A 15 -1.82 51.33 21.54
CA ASP A 15 -2.50 50.19 22.15
C ASP A 15 -3.08 49.20 21.14
N GLY A 16 -3.06 49.52 19.86
CA GLY A 16 -3.63 48.61 18.87
C GLY A 16 -5.09 48.31 19.09
N VAL A 17 -5.87 49.32 19.47
CA VAL A 17 -7.29 49.14 19.76
C VAL A 17 -8.04 50.37 19.26
N ARG A 18 -9.30 50.14 18.87
CA ARG A 18 -10.19 51.22 18.45
C ARG A 18 -11.60 50.89 18.89
N PHE A 19 -12.21 51.77 19.67
CA PHE A 19 -13.54 51.55 20.22
C PHE A 19 -14.60 52.28 19.41
N SER A 20 -15.81 51.71 19.42
CA SER A 20 -16.94 52.40 18.82
C SER A 20 -17.29 53.66 19.61
N TRP A 21 -17.22 53.60 20.93
CA TRP A 21 -17.45 54.74 21.79
C TRP A 21 -16.27 54.88 22.74
N ASN A 22 -15.73 56.09 22.85
CA ASN A 22 -14.62 56.37 23.76
C ASN A 22 -15.07 57.00 25.07
N VAL A 23 -16.37 57.24 25.23
CA VAL A 23 -16.96 57.68 26.49
C VAL A 23 -18.14 56.77 26.78
N TRP A 24 -18.10 56.11 27.93
CA TRP A 24 -18.95 54.96 28.17
C TRP A 24 -20.17 55.31 29.02
N PRO A 25 -21.22 54.49 28.94
CA PRO A 25 -22.42 54.74 29.75
C PRO A 25 -22.10 54.84 31.24
N SER A 26 -22.70 55.82 31.89
CA SER A 26 -22.54 56.04 33.32
C SER A 26 -23.73 55.57 34.13
N SER A 27 -24.71 54.93 33.50
CA SER A 27 -25.93 54.54 34.19
C SER A 27 -26.42 53.19 33.66
N ARG A 28 -27.03 52.41 34.55
CA ARG A 28 -27.80 51.24 34.16
C ARG A 28 -29.13 51.61 33.51
N LEU A 29 -29.66 52.80 33.81
CA LEU A 29 -30.85 53.29 33.14
C LEU A 29 -30.74 53.17 31.64
N GLU A 30 -29.61 53.62 31.08
CA GLU A 30 -29.41 53.59 29.65
C GLU A 30 -28.07 52.95 29.29
N ALA A 31 -27.64 51.94 30.05
CA ALA A 31 -26.69 50.97 29.50
C ALA A 31 -27.30 50.23 28.32
N THR A 32 -28.62 50.33 28.14
CA THR A 32 -29.34 49.83 26.98
C THR A 32 -29.37 50.81 25.82
N ARG A 33 -29.02 52.08 26.06
CA ARG A 33 -29.24 53.13 25.05
C ARG A 33 -28.44 52.90 23.78
N MET A 34 -27.38 52.11 23.83
CA MET A 34 -26.43 52.01 22.74
C MET A 34 -27.08 51.50 21.46
N VAL A 35 -27.19 52.37 20.46
CA VAL A 35 -27.64 51.93 19.14
C VAL A 35 -26.56 51.06 18.50
N VAL A 36 -25.30 51.42 18.72
CA VAL A 36 -24.15 50.61 18.35
C VAL A 36 -23.47 50.18 19.64
N PRO A 37 -23.24 48.88 19.86
CA PRO A 37 -22.71 48.44 21.15
C PRO A 37 -21.28 48.90 21.39
N VAL A 38 -20.93 48.98 22.67
CA VAL A 38 -19.57 49.33 23.06
C VAL A 38 -18.67 48.15 22.74
N ALA A 39 -17.84 48.30 21.70
CA ALA A 39 -16.98 47.22 21.24
C ALA A 39 -15.62 47.79 20.86
N ALA A 40 -14.68 46.89 20.58
CA ALA A 40 -13.31 47.29 20.28
C ALA A 40 -12.71 46.41 19.20
N LEU A 41 -11.98 47.03 18.28
CA LEU A 41 -11.16 46.32 17.30
C LEU A 41 -9.76 46.19 17.89
N PHE A 42 -9.47 45.03 18.46
CA PHE A 42 -8.22 44.81 19.20
C PHE A 42 -7.23 44.03 18.34
N THR A 43 -6.04 44.60 18.16
CA THR A 43 -4.95 43.94 17.45
C THR A 43 -3.88 43.54 18.45
N PRO A 44 -3.85 42.28 18.91
CA PRO A 44 -2.97 41.93 20.04
C PRO A 44 -1.49 42.10 19.76
N LEU A 45 -1.02 41.74 18.56
CA LEU A 45 0.40 41.81 18.23
C LEU A 45 0.74 43.03 17.39
N LYS A 46 0.04 44.14 17.60
CA LYS A 46 0.26 45.34 16.79
C LYS A 46 1.71 45.82 16.91
N GLU A 47 2.39 45.90 15.77
CA GLU A 47 3.76 46.37 15.75
C GLU A 47 3.82 47.88 16.03
N ARG A 48 4.97 48.32 16.54
CA ARG A 48 5.20 49.73 16.83
C ARG A 48 6.70 49.95 16.93
N PRO A 49 7.19 51.15 16.57
CA PRO A 49 8.64 51.38 16.52
C PRO A 49 9.06 51.10 17.95
N ASP A 50 9.59 49.89 18.18
CA ASP A 50 10.56 49.47 19.19
C ASP A 50 10.19 49.85 20.62
N LEU A 51 9.26 49.09 21.24
CA LEU A 51 9.24 49.15 22.69
C LEU A 51 10.23 48.13 23.26
N PRO A 52 10.82 48.40 24.42
CA PRO A 52 11.84 47.48 24.95
C PRO A 52 11.21 46.15 25.37
N PRO A 53 11.74 45.03 24.86
CA PRO A 53 11.29 43.72 25.35
C PRO A 53 11.59 43.57 26.83
N ILE A 54 10.54 43.45 27.63
CA ILE A 54 10.65 43.50 29.08
C ILE A 54 10.85 42.07 29.59
N GLN A 55 12.05 41.79 30.10
CA GLN A 55 12.41 40.44 30.57
C GLN A 55 12.09 40.25 32.06
N TYR A 56 10.88 40.63 32.47
CA TYR A 56 10.47 40.41 33.84
C TYR A 56 9.58 39.17 33.92
N GLU A 57 8.96 38.97 35.07
CA GLU A 57 7.72 38.25 35.23
C GLU A 57 6.64 39.29 35.50
N PRO A 58 5.49 39.21 34.84
CA PRO A 58 4.62 40.39 34.73
C PRO A 58 4.07 40.98 36.03
N VAL A 59 4.45 40.44 37.19
CA VAL A 59 4.03 40.97 38.49
C VAL A 59 2.53 41.01 38.73
N LEU A 60 1.94 39.87 39.07
CA LEU A 60 0.49 39.70 39.11
C LEU A 60 -0.07 40.17 40.45
N CYS A 61 -1.35 40.52 40.43
CA CYS A 61 -2.05 41.02 41.62
C CYS A 61 -2.51 39.85 42.47
N SER A 62 -2.07 39.81 43.69
CA SER A 62 -2.36 38.70 44.54
C SER A 62 -3.72 38.78 45.10
N ARG A 63 -4.70 38.53 44.26
CA ARG A 63 -6.05 38.58 44.75
C ARG A 63 -6.84 37.48 44.19
N THR A 64 -6.22 36.33 44.07
CA THR A 64 -6.94 35.16 43.58
C THR A 64 -7.60 35.35 42.23
N THR A 65 -8.91 35.52 42.22
CA THR A 65 -9.62 35.60 40.95
C THR A 65 -9.13 36.74 40.08
N CYS A 66 -8.93 37.89 40.66
CA CYS A 66 -8.49 39.01 39.85
C CYS A 66 -7.20 38.67 39.08
N ARG A 67 -6.05 38.71 39.76
CA ARG A 67 -4.75 38.41 39.16
C ARG A 67 -4.45 39.32 37.96
N ALA A 68 -4.82 40.59 38.07
CA ALA A 68 -4.52 41.52 36.99
C ALA A 68 -3.04 41.89 37.01
N VAL A 69 -2.58 42.47 35.90
CA VAL A 69 -1.17 42.79 35.70
C VAL A 69 -0.93 44.24 36.13
N LEU A 70 0.22 44.48 36.76
CA LEU A 70 0.60 45.83 37.17
C LEU A 70 0.64 46.75 35.96
N ASN A 71 -0.12 47.84 36.02
CA ASN A 71 -0.32 48.72 34.87
C ASN A 71 -0.29 50.19 35.31
N PRO A 72 -0.15 51.14 34.38
CA PRO A 72 -0.03 52.55 34.77
C PRO A 72 -1.26 53.11 35.48
N LEU A 73 -2.37 52.40 35.52
CA LEU A 73 -3.56 52.87 36.22
C LEU A 73 -3.56 52.52 37.70
N CYS A 74 -2.52 51.84 38.19
CA CYS A 74 -2.45 51.41 39.58
C CYS A 74 -1.84 52.52 40.44
N GLN A 75 -2.50 52.81 41.56
CA GLN A 75 -1.97 53.77 42.52
C GLN A 75 -0.87 53.12 43.34
N VAL A 76 0.29 53.76 43.37
CA VAL A 76 1.47 53.21 44.01
C VAL A 76 1.81 54.02 45.26
N ASP A 77 2.75 53.50 46.05
CA ASP A 77 3.25 54.15 47.26
C ASP A 77 4.69 53.68 47.47
N TYR A 78 5.63 54.40 46.84
CA TYR A 78 7.02 53.96 46.75
C TYR A 78 7.77 54.02 48.07
N ARG A 79 7.18 54.55 49.14
CA ARG A 79 7.81 54.49 50.45
C ARG A 79 7.13 53.50 51.39
N ALA A 80 5.86 53.18 51.17
CA ALA A 80 5.22 52.07 51.84
C ALA A 80 5.42 50.75 51.11
N LYS A 81 6.03 50.80 49.92
CA LYS A 81 6.31 49.60 49.10
C LYS A 81 5.03 48.85 48.77
N LEU A 82 3.97 49.58 48.45
CA LEU A 82 2.68 49.00 48.11
C LEU A 82 2.20 49.57 46.78
N TRP A 83 1.28 48.84 46.14
CA TRP A 83 0.58 49.33 44.97
C TRP A 83 -0.85 48.80 45.01
N ALA A 84 -1.80 49.64 44.60
CA ALA A 84 -3.21 49.31 44.66
C ALA A 84 -3.72 48.93 43.27
N CYS A 85 -4.16 47.68 43.12
CA CYS A 85 -4.73 47.24 41.86
C CYS A 85 -5.98 48.03 41.53
N ASN A 86 -6.15 48.37 40.25
CA ASN A 86 -7.23 49.25 39.84
C ASN A 86 -8.51 48.50 39.47
N PHE A 87 -8.49 47.17 39.45
CA PHE A 87 -9.69 46.40 39.16
C PHE A 87 -10.42 45.92 40.40
N CYS A 88 -9.72 45.81 41.53
CA CYS A 88 -10.39 45.36 42.74
C CYS A 88 -9.92 46.06 44.01
N TYR A 89 -9.04 47.07 43.92
CA TYR A 89 -8.57 47.95 45.00
C TYR A 89 -7.82 47.21 46.11
N GLN A 90 -7.54 45.92 45.96
CA GLN A 90 -6.70 45.23 46.92
C GLN A 90 -5.26 45.71 46.80
N ARG A 91 -4.60 45.88 47.95
CA ARG A 91 -3.25 46.44 48.01
C ARG A 91 -2.22 45.32 48.05
N ASN A 92 -1.24 45.39 47.16
CA ASN A 92 -0.22 44.37 47.01
C ASN A 92 1.12 44.85 47.53
N GLN A 93 1.99 43.90 47.84
CA GLN A 93 3.36 44.15 48.24
C GLN A 93 4.29 43.80 47.08
N PHE A 94 5.25 44.67 46.81
CA PHE A 94 6.14 44.47 45.67
C PHE A 94 7.03 43.24 45.90
N PRO A 95 7.28 42.45 44.86
CA PRO A 95 8.12 41.26 45.01
C PRO A 95 9.55 41.65 45.34
N PRO A 96 10.36 40.68 45.82
CA PRO A 96 11.74 41.00 46.20
C PRO A 96 12.53 41.80 45.17
N SER A 97 12.42 41.44 43.89
CA SER A 97 13.21 42.13 42.86
C SER A 97 12.81 43.58 42.65
N TYR A 98 11.68 44.01 43.22
CA TYR A 98 11.23 45.39 43.12
C TYR A 98 11.53 46.19 44.38
N ALA A 99 12.35 45.66 45.29
CA ALA A 99 12.59 46.32 46.56
C ALA A 99 13.36 47.63 46.41
N GLY A 100 14.11 47.79 45.32
CA GLY A 100 14.92 48.98 45.15
C GLY A 100 14.40 49.97 44.13
N ILE A 101 13.10 49.92 43.85
CA ILE A 101 12.52 50.85 42.90
C ILE A 101 12.30 52.20 43.56
N SER A 102 12.28 53.26 42.75
CA SER A 102 12.06 54.61 43.23
C SER A 102 11.37 55.41 42.13
N GLU A 103 10.98 56.64 42.45
CA GLU A 103 10.40 57.52 41.45
C GLU A 103 11.45 58.00 40.45
N LEU A 104 12.71 58.13 40.90
CA LEU A 104 13.78 58.52 39.99
C LEU A 104 14.08 57.45 38.95
N ASN A 105 13.75 56.19 39.24
CA ASN A 105 13.89 55.10 38.26
C ASN A 105 12.80 54.08 38.58
N GLN A 106 11.69 54.16 37.85
CA GLN A 106 10.50 53.37 38.09
C GLN A 106 10.44 52.19 37.13
N PRO A 107 9.65 51.16 37.46
CA PRO A 107 9.47 50.05 36.51
C PRO A 107 8.75 50.52 35.26
N ALA A 108 8.96 49.77 34.17
CA ALA A 108 8.44 50.20 32.87
C ALA A 108 6.93 50.07 32.80
N GLU A 109 6.36 49.05 33.44
CA GLU A 109 4.92 48.80 33.35
C GLU A 109 4.08 49.86 34.05
N LEU A 110 4.69 50.87 34.68
CA LEU A 110 3.95 51.94 35.32
C LEU A 110 3.99 53.26 34.57
N LEU A 111 4.90 53.40 33.61
CA LEU A 111 4.92 54.60 32.78
C LEU A 111 3.78 54.55 31.78
N PRO A 112 2.96 55.61 31.69
CA PRO A 112 1.81 55.56 30.75
C PRO A 112 2.21 55.35 29.31
N GLN A 113 3.45 55.65 28.93
CA GLN A 113 3.93 55.36 27.58
C GLN A 113 3.97 53.86 27.33
N PHE A 114 4.16 53.06 28.39
CA PHE A 114 4.27 51.62 28.26
C PHE A 114 2.97 50.90 28.64
N SER A 115 1.86 51.50 28.30
CA SER A 115 0.55 50.94 28.59
C SER A 115 0.28 49.65 27.87
N SER A 116 0.93 49.45 26.75
CA SER A 116 0.84 48.19 26.06
C SER A 116 2.26 47.73 26.20
N ILE A 117 2.49 46.59 26.78
CA ILE A 117 3.87 46.19 27.02
C ILE A 117 3.97 44.68 26.83
N GLU A 118 5.15 44.22 26.42
CA GLU A 118 5.39 42.81 26.15
C GLU A 118 6.44 42.26 27.11
N TYR A 119 6.11 41.16 27.77
CA TYR A 119 7.01 40.48 28.69
C TYR A 119 7.57 39.22 28.03
N VAL A 120 8.82 38.89 28.37
CA VAL A 120 9.45 37.66 27.94
C VAL A 120 9.59 36.76 29.17
N VAL A 121 9.00 35.58 29.12
CA VAL A 121 9.01 34.63 30.23
C VAL A 121 9.84 33.44 29.79
N LEU A 122 11.09 33.37 30.26
CA LEU A 122 11.98 32.25 29.98
C LEU A 122 11.82 31.23 31.11
N ARG A 123 11.03 30.19 30.85
CA ARG A 123 10.75 29.17 31.86
C ARG A 123 11.78 28.05 31.77
N GLY A 124 11.73 27.26 30.70
CA GLY A 124 12.66 26.17 30.50
C GLY A 124 12.96 25.98 29.03
N PRO A 125 13.18 24.73 28.64
CA PRO A 125 13.52 24.44 27.24
C PRO A 125 12.42 24.89 26.29
N GLN A 126 12.83 25.65 25.27
CA GLN A 126 11.91 26.11 24.25
C GLN A 126 11.43 24.93 23.40
N MET A 127 10.27 25.13 22.76
CA MET A 127 9.85 24.09 21.84
C MET A 127 10.09 24.51 20.41
N PRO A 128 10.55 23.61 19.55
CA PRO A 128 10.77 23.97 18.14
C PRO A 128 9.46 24.17 17.41
N LEU A 129 9.53 24.94 16.34
CA LEU A 129 8.38 25.10 15.46
C LEU A 129 8.19 23.85 14.60
N ILE A 130 6.96 23.64 14.15
CA ILE A 130 6.59 22.46 13.38
C ILE A 130 5.86 22.91 12.12
N PHE A 131 6.30 22.41 10.97
CA PHE A 131 5.68 22.73 9.69
C PHE A 131 5.38 21.42 8.97
N LEU A 132 4.10 21.14 8.76
CA LEU A 132 3.66 19.91 8.12
C LEU A 132 3.07 20.27 6.76
N TYR A 133 3.72 19.82 5.69
CA TYR A 133 3.25 20.04 4.34
C TYR A 133 2.26 18.94 3.96
N VAL A 134 1.11 19.33 3.44
CA VAL A 134 0.09 18.41 2.96
C VAL A 134 -0.18 18.76 1.50
N VAL A 135 0.31 17.94 0.58
CA VAL A 135 0.40 18.29 -0.84
C VAL A 135 -0.56 17.42 -1.64
N ASP A 136 -1.40 18.06 -2.46
CA ASP A 136 -2.21 17.36 -3.43
C ASP A 136 -1.39 17.06 -4.68
N THR A 137 -1.55 15.86 -5.20
CA THR A 137 -0.84 15.43 -6.41
C THR A 137 -1.78 15.24 -7.60
N CYS A 138 -3.03 15.69 -7.49
CA CYS A 138 -3.99 15.58 -8.59
C CYS A 138 -4.12 16.94 -9.29
N MET A 139 -3.07 17.28 -10.04
CA MET A 139 -3.03 18.55 -10.76
C MET A 139 -2.12 18.42 -11.97
N GLU A 140 -2.20 19.40 -12.85
CA GLU A 140 -1.38 19.39 -14.05
C GLU A 140 0.10 19.55 -13.69
N ASP A 141 0.96 19.12 -14.61
CA ASP A 141 2.40 19.15 -14.35
C ASP A 141 2.90 20.57 -14.14
N GLU A 142 2.37 21.53 -14.90
CA GLU A 142 2.77 22.92 -14.72
C GLU A 142 2.45 23.40 -13.30
N ASP A 143 1.26 23.07 -12.79
CA ASP A 143 0.88 23.49 -11.45
C ASP A 143 1.68 22.73 -10.40
N LEU A 144 1.83 21.42 -10.57
CA LEU A 144 2.54 20.63 -9.56
C LEU A 144 4.01 21.00 -9.50
N GLN A 145 4.64 21.27 -10.65
CA GLN A 145 6.05 21.64 -10.67
C GLN A 145 6.27 22.96 -9.95
N ALA A 146 5.41 23.95 -10.20
CA ALA A 146 5.54 25.24 -9.53
C ALA A 146 5.29 25.11 -8.03
N LEU A 147 4.37 24.24 -7.63
CA LEU A 147 4.12 24.02 -6.21
C LEU A 147 5.33 23.38 -5.55
N LYS A 148 5.98 22.44 -6.23
CA LYS A 148 7.19 21.83 -5.70
C LYS A 148 8.29 22.87 -5.51
N GLU A 149 8.43 23.79 -6.47
CA GLU A 149 9.46 24.82 -6.36
C GLU A 149 9.16 25.80 -5.24
N SER A 150 7.89 26.08 -4.99
CA SER A 150 7.53 27.02 -3.92
C SER A 150 7.80 26.40 -2.55
N MET A 151 7.48 25.12 -2.39
CA MET A 151 7.71 24.46 -1.10
C MET A 151 9.19 24.27 -0.82
N GLN A 152 9.99 24.06 -1.86
CA GLN A 152 11.44 23.95 -1.66
C GLN A 152 12.04 25.28 -1.23
N MET A 153 11.51 26.39 -1.74
CA MET A 153 12.00 27.71 -1.33
C MET A 153 11.68 27.97 0.14
N SER A 154 10.44 27.68 0.55
CA SER A 154 10.05 27.90 1.94
C SER A 154 10.86 27.04 2.89
N LEU A 155 11.33 25.88 2.43
CA LEU A 155 12.18 25.03 3.26
C LEU A 155 13.51 25.72 3.56
N SER A 156 14.02 26.53 2.62
CA SER A 156 15.27 27.25 2.82
C SER A 156 15.10 28.48 3.70
N LEU A 157 13.88 28.78 4.14
CA LEU A 157 13.63 29.90 5.03
C LEU A 157 13.33 29.48 6.46
N LEU A 158 13.10 28.19 6.70
CA LEU A 158 12.71 27.74 8.02
C LEU A 158 13.92 27.75 8.97
N PRO A 159 13.68 27.89 10.28
CA PRO A 159 14.79 27.89 11.23
C PRO A 159 15.46 26.52 11.27
N PRO A 160 16.74 26.46 11.58
CA PRO A 160 17.44 25.16 11.58
C PRO A 160 16.85 24.17 12.57
N THR A 161 16.22 24.63 13.64
CA THR A 161 15.69 23.74 14.67
C THR A 161 14.25 23.32 14.42
N ALA A 162 13.56 23.95 13.47
CA ALA A 162 12.16 23.64 13.24
C ALA A 162 12.00 22.21 12.71
N LEU A 163 10.86 21.60 13.03
CA LEU A 163 10.55 20.25 12.57
C LEU A 163 9.69 20.32 11.32
N VAL A 164 9.92 19.39 10.40
CA VAL A 164 9.21 19.35 9.12
C VAL A 164 8.67 17.96 8.88
N GLY A 165 7.47 17.89 8.31
CA GLY A 165 6.91 16.64 7.85
C GLY A 165 6.30 16.83 6.48
N LEU A 166 6.04 15.71 5.81
CA LEU A 166 5.48 15.73 4.46
C LEU A 166 4.39 14.68 4.32
N ILE A 167 3.21 15.12 3.88
CA ILE A 167 2.11 14.23 3.57
C ILE A 167 1.63 14.56 2.17
N THR A 168 1.75 13.60 1.26
CA THR A 168 1.19 13.72 -0.08
C THR A 168 -0.04 12.83 -0.18
N PHE A 169 -0.99 13.25 -1.00
CA PHE A 169 -2.21 12.47 -1.14
C PHE A 169 -2.75 12.57 -2.56
N GLY A 170 -3.26 11.45 -3.05
CA GLY A 170 -4.04 11.39 -4.28
C GLY A 170 -5.29 10.55 -4.06
N ARG A 171 -5.34 9.35 -4.65
CA ARG A 171 -6.35 8.39 -4.22
C ARG A 171 -6.05 7.88 -2.82
N MET A 172 -4.78 7.71 -2.48
CA MET A 172 -4.35 7.30 -1.15
C MET A 172 -3.69 8.47 -0.43
N VAL A 173 -3.36 8.25 0.85
CA VAL A 173 -2.66 9.23 1.67
C VAL A 173 -1.34 8.63 2.09
N GLN A 174 -0.25 9.37 1.87
CA GLN A 174 1.10 8.92 2.20
C GLN A 174 1.67 9.78 3.32
N VAL A 175 2.08 9.14 4.41
CA VAL A 175 2.81 9.81 5.48
C VAL A 175 4.28 9.43 5.33
N HIS A 176 5.11 10.40 4.94
CA HIS A 176 6.48 10.10 4.57
C HIS A 176 7.38 10.07 5.79
N GLU A 177 8.24 9.06 5.87
CA GLU A 177 9.27 8.96 6.90
C GLU A 177 10.59 9.39 6.29
N LEU A 178 11.05 10.58 6.66
CA LEU A 178 12.19 11.20 6.01
C LEU A 178 13.50 10.60 6.50
N GLY A 179 14.42 10.63 5.56
CA GLY A 179 15.80 10.26 5.66
C GLY A 179 16.11 8.87 6.04
N CYS A 180 15.19 7.97 5.80
CA CYS A 180 15.39 6.63 6.26
C CYS A 180 16.22 5.83 5.31
N GLU A 181 17.52 5.83 5.55
CA GLU A 181 18.50 5.12 4.76
C GLU A 181 18.44 5.55 3.30
N GLY A 182 18.48 4.62 2.35
CA GLY A 182 18.45 5.00 0.95
C GLY A 182 17.37 4.28 0.22
N ILE A 183 16.18 4.49 0.73
CA ILE A 183 14.97 3.80 0.29
C ILE A 183 13.78 4.76 0.31
N SER A 184 13.78 5.69 1.26
CA SER A 184 12.74 6.71 1.36
C SER A 184 11.30 6.23 1.43
N LYS A 185 10.91 5.69 2.59
CA LYS A 185 9.65 4.99 2.72
C LYS A 185 8.53 5.94 3.13
N SER A 186 7.31 5.40 3.14
CA SER A 186 6.13 6.14 3.52
C SER A 186 5.02 5.16 3.86
N TYR A 187 4.08 5.63 4.68
CA TYR A 187 2.93 4.83 5.12
C TYR A 187 1.72 5.24 4.29
N VAL A 188 1.11 4.26 3.61
CA VAL A 188 0.01 4.50 2.68
C VAL A 188 -1.30 4.14 3.37
N PHE A 189 -2.31 5.01 3.22
CA PHE A 189 -3.62 4.81 3.79
C PHE A 189 -4.69 4.99 2.72
N ARG A 190 -5.79 4.26 2.87
CA ARG A 190 -6.93 4.46 2.00
C ARG A 190 -7.49 5.87 2.18
N GLY A 191 -7.86 6.49 1.06
CA GLY A 191 -8.52 7.77 1.08
C GLY A 191 -10.02 7.69 1.25
N THR A 192 -10.55 6.52 1.63
CA THR A 192 -11.98 6.30 1.68
C THR A 192 -12.52 6.17 3.11
N LYS A 193 -11.66 6.22 4.13
CA LYS A 193 -12.13 6.09 5.49
C LYS A 193 -11.27 6.94 6.42
N ASP A 194 -11.88 7.41 7.50
CA ASP A 194 -11.23 8.31 8.44
C ASP A 194 -10.55 7.53 9.55
N LEU A 195 -9.59 8.19 10.20
CA LEU A 195 -8.79 7.59 11.27
C LEU A 195 -8.68 8.55 12.44
N SER A 196 -8.88 8.02 13.64
CA SER A 196 -8.70 8.83 14.84
C SER A 196 -7.21 8.98 15.16
N ALA A 197 -6.92 9.89 16.10
CA ALA A 197 -5.53 10.08 16.52
C ALA A 197 -4.99 8.82 17.20
N LYS A 198 -5.81 8.16 18.00
CA LYS A 198 -5.36 6.93 18.66
C LYS A 198 -5.09 5.82 17.65
N GLN A 199 -5.97 5.67 16.66
CA GLN A 199 -5.74 4.67 15.62
C GLN A 199 -4.45 4.97 14.85
N LEU A 200 -4.27 6.22 14.44
CA LEU A 200 -3.09 6.60 13.66
C LEU A 200 -1.81 6.39 14.47
N GLN A 201 -1.87 6.61 15.79
CA GLN A 201 -0.69 6.39 16.62
C GLN A 201 -0.28 4.92 16.63
N GLU A 202 -1.25 4.02 16.73
CA GLU A 202 -0.94 2.60 16.78
C GLU A 202 -0.42 2.10 15.44
N MET A 203 -0.98 2.58 14.33
CA MET A 203 -0.57 2.10 13.02
C MET A 203 0.80 2.63 12.61
N LEU A 204 1.18 3.81 13.10
CA LEU A 204 2.48 4.39 12.75
C LEU A 204 3.59 4.00 13.73
N GLY A 205 3.25 3.40 14.87
CA GLY A 205 4.24 3.01 15.85
C GLY A 205 4.21 3.83 17.12
N PRO A 225 13.60 16.85 21.24
CA PRO A 225 12.40 16.15 20.76
C PRO A 225 12.37 16.00 19.23
N SER A 226 12.08 14.79 18.77
CA SER A 226 12.05 14.50 17.34
C SER A 226 11.23 13.24 17.11
N ASN A 227 10.85 13.04 15.85
CA ASN A 227 10.08 11.87 15.43
C ASN A 227 10.67 11.31 14.14
N ARG A 228 10.18 10.13 13.75
CA ARG A 228 10.54 9.60 12.45
C ARG A 228 9.87 10.39 11.33
N PHE A 229 8.72 10.99 11.61
CA PHE A 229 7.95 11.76 10.63
C PHE A 229 8.14 13.26 10.78
N LEU A 230 8.71 13.74 11.88
CA LEU A 230 8.94 15.16 12.10
C LEU A 230 10.38 15.34 12.54
N GLN A 231 11.23 15.86 11.66
CA GLN A 231 12.65 15.94 11.96
C GLN A 231 13.16 17.36 11.76
N PRO A 232 14.25 17.73 12.43
CA PRO A 232 14.77 19.10 12.30
C PRO A 232 15.20 19.41 10.87
N VAL A 233 15.08 20.69 10.50
CA VAL A 233 15.41 21.13 9.16
C VAL A 233 16.91 20.92 8.89
N GLN A 234 17.75 21.25 9.88
CA GLN A 234 19.19 21.18 9.66
C GLN A 234 19.71 19.77 9.41
N LYS A 235 18.93 18.74 9.78
CA LYS A 235 19.33 17.36 9.58
C LYS A 235 18.58 16.69 8.44
N ILE A 236 17.63 17.38 7.82
CA ILE A 236 16.73 16.75 6.85
C ILE A 236 16.58 17.55 5.56
N ASP A 237 16.85 18.87 5.57
CA ASP A 237 16.55 19.73 4.42
C ASP A 237 17.10 19.19 3.09
N MET A 238 18.25 18.53 3.11
CA MET A 238 18.78 18.00 1.86
C MET A 238 17.94 16.83 1.34
N ASN A 239 17.48 15.96 2.24
CA ASN A 239 16.66 14.83 1.82
C ASN A 239 15.26 15.28 1.45
N LEU A 240 14.70 16.24 2.18
CA LEU A 240 13.35 16.71 1.88
C LEU A 240 13.32 17.52 0.59
N THR A 241 14.39 18.24 0.28
CA THR A 241 14.44 18.98 -0.97
C THR A 241 14.45 18.05 -2.17
N ASP A 242 15.23 16.96 -2.09
CA ASP A 242 15.24 15.98 -3.18
C ASP A 242 13.89 15.29 -3.31
N LEU A 243 13.26 14.97 -2.18
CA LEU A 243 11.95 14.31 -2.21
C LEU A 243 10.89 15.22 -2.81
N LEU A 244 10.85 16.48 -2.36
CA LEU A 244 9.88 17.43 -2.90
C LEU A 244 10.10 17.65 -4.39
N GLY A 245 11.36 17.62 -4.85
CA GLY A 245 11.64 17.79 -6.26
C GLY A 245 11.31 16.59 -7.12
N GLU A 246 11.20 15.41 -6.50
CA GLU A 246 10.85 14.19 -7.23
C GLU A 246 9.38 13.82 -7.10
N LEU A 247 8.56 14.66 -6.48
CA LEU A 247 7.13 14.38 -6.41
C LEU A 247 6.54 14.35 -7.81
N GLN A 248 5.69 13.35 -8.07
CA GLN A 248 4.99 13.20 -9.33
C GLN A 248 3.49 13.11 -9.06
N ARG A 249 2.71 13.26 -10.12
CA ARG A 249 1.26 13.29 -9.98
C ARG A 249 0.74 11.94 -9.48
N ASP A 250 -0.52 11.95 -9.04
CA ASP A 250 -1.18 10.75 -8.55
C ASP A 250 -1.14 9.66 -9.62
N PRO A 251 -0.56 8.50 -9.32
CA PRO A 251 -0.35 7.49 -10.37
C PRO A 251 -1.62 6.84 -10.88
N TRP A 252 -2.78 7.14 -10.30
CA TRP A 252 -4.01 6.49 -10.71
C TRP A 252 -4.59 7.21 -11.93
N PRO A 253 -4.95 6.49 -12.98
CA PRO A 253 -5.49 7.14 -14.18
C PRO A 253 -6.84 7.78 -13.91
N VAL A 254 -7.14 8.82 -14.69
CA VAL A 254 -8.41 9.53 -14.63
C VAL A 254 -9.21 9.15 -15.87
N PRO A 255 -10.28 8.36 -15.74
CA PRO A 255 -11.07 7.96 -16.91
C PRO A 255 -11.73 9.16 -17.58
N GLN A 256 -12.11 8.95 -18.84
CA GLN A 256 -12.68 10.03 -19.64
C GLN A 256 -13.97 10.55 -19.03
N GLY A 257 -14.08 11.87 -18.93
CA GLY A 257 -15.26 12.50 -18.35
C GLY A 257 -15.36 12.38 -16.85
N LYS A 258 -14.24 12.26 -16.15
CA LYS A 258 -14.22 12.07 -14.71
C LYS A 258 -13.24 13.03 -14.06
N ARG A 259 -13.48 13.31 -12.77
CA ARG A 259 -12.48 14.01 -11.97
C ARG A 259 -11.57 12.98 -11.29
N PRO A 260 -10.33 13.36 -10.97
CA PRO A 260 -9.48 12.45 -10.20
C PRO A 260 -10.04 12.22 -8.80
N LEU A 261 -9.79 11.03 -8.27
CA LEU A 261 -10.22 10.69 -6.92
C LEU A 261 -9.30 11.37 -5.93
N ARG A 262 -9.77 12.44 -5.31
CA ARG A 262 -8.98 13.27 -4.41
C ARG A 262 -9.55 13.15 -3.00
N SER A 263 -8.71 12.72 -2.06
CA SER A 263 -9.12 12.48 -0.68
C SER A 263 -8.60 13.58 0.22
N SER A 264 -9.17 14.78 0.06
CA SER A 264 -8.72 15.93 0.84
C SER A 264 -9.09 15.77 2.32
N GLY A 265 -10.32 15.33 2.60
CA GLY A 265 -10.76 15.24 3.98
C GLY A 265 -10.01 14.22 4.80
N VAL A 266 -9.57 13.13 4.17
CA VAL A 266 -8.84 12.09 4.91
C VAL A 266 -7.39 12.51 5.15
N ALA A 267 -6.76 13.13 4.14
CA ALA A 267 -5.38 13.57 4.30
C ALA A 267 -5.26 14.63 5.39
N LEU A 268 -6.26 15.51 5.49
CA LEU A 268 -6.23 16.54 6.52
C LEU A 268 -6.48 15.95 7.90
N SER A 269 -7.43 15.01 8.00
CA SER A 269 -7.67 14.35 9.28
C SER A 269 -6.51 13.48 9.71
N ILE A 270 -5.66 13.06 8.76
CA ILE A 270 -4.44 12.33 9.12
C ILE A 270 -3.35 13.30 9.55
N ALA A 271 -3.25 14.45 8.89
CA ALA A 271 -2.31 15.48 9.33
C ALA A 271 -2.68 16.02 10.70
N VAL A 272 -3.98 16.23 10.95
CA VAL A 272 -4.43 16.65 12.28
C VAL A 272 -4.15 15.55 13.30
N GLY A 273 -4.48 14.31 12.96
CA GLY A 273 -4.27 13.21 13.88
C GLY A 273 -2.80 12.93 14.16
N LEU A 274 -1.92 13.16 13.19
CA LEU A 274 -0.50 12.92 13.39
C LEU A 274 0.06 13.83 14.48
N LEU A 275 -0.07 15.14 14.30
CA LEU A 275 0.46 16.09 15.27
C LEU A 275 -0.24 15.97 16.61
N GLU A 276 -1.50 15.50 16.60
CA GLU A 276 -2.28 15.43 17.84
C GLU A 276 -1.67 14.44 18.82
N CYS A 277 -1.13 13.33 18.33
CA CYS A 277 -0.55 12.30 19.18
C CYS A 277 0.96 12.37 19.27
N THR A 278 1.59 13.38 18.66
CA THR A 278 3.05 13.51 18.69
C THR A 278 3.50 14.76 19.43
N PHE A 279 3.07 15.94 18.98
CA PHE A 279 3.41 17.21 19.63
C PHE A 279 2.15 18.01 19.90
N PRO A 280 1.34 17.59 20.87
CA PRO A 280 0.16 18.38 21.23
C PRO A 280 0.56 19.59 22.06
N ASN A 281 -0.24 20.65 21.93
CA ASN A 281 -0.09 21.87 22.74
C ASN A 281 1.24 22.56 22.48
N THR A 282 1.56 22.74 21.20
CA THR A 282 2.77 23.45 20.80
C THR A 282 2.57 23.96 19.38
N GLY A 283 3.11 25.15 19.09
CA GLY A 283 2.96 25.77 17.81
C GLY A 283 3.32 24.90 16.62
N ALA A 284 2.34 24.63 15.77
CA ALA A 284 2.52 23.84 14.56
C ALA A 284 1.60 24.38 13.48
N ARG A 285 2.05 24.34 12.24
CA ARG A 285 1.32 24.89 11.11
C ARG A 285 1.10 23.80 10.06
N ILE A 286 -0.14 23.37 9.92
CA ILE A 286 -0.52 22.41 8.89
C ILE A 286 -0.82 23.20 7.62
N MET A 287 0.03 23.03 6.61
CA MET A 287 -0.08 23.77 5.35
C MET A 287 -0.58 22.81 4.27
N MET A 288 -1.86 22.93 3.93
CA MET A 288 -2.48 22.06 2.93
C MET A 288 -2.54 22.79 1.60
N PHE A 289 -2.02 22.13 0.56
CA PHE A 289 -2.01 22.65 -0.81
C PHE A 289 -2.89 21.76 -1.66
N ILE A 290 -3.98 22.31 -2.18
CA ILE A 290 -4.94 21.55 -2.98
C ILE A 290 -5.08 22.20 -4.35
N GLY A 291 -5.29 21.37 -5.37
CA GLY A 291 -5.48 21.84 -6.73
C GLY A 291 -6.81 21.38 -7.29
N GLY A 292 -7.78 21.14 -6.42
CA GLY A 292 -9.09 20.68 -6.83
C GLY A 292 -9.96 20.31 -5.65
N PRO A 293 -11.22 20.01 -5.91
CA PRO A 293 -12.16 19.69 -4.82
C PRO A 293 -12.04 18.26 -4.36
N ALA A 294 -12.50 18.03 -3.13
CA ALA A 294 -12.53 16.69 -2.56
C ALA A 294 -13.61 15.86 -3.23
N THR A 295 -13.21 14.76 -3.87
CA THR A 295 -14.12 13.90 -4.60
C THR A 295 -14.26 12.52 -3.98
N GLN A 296 -13.70 12.26 -2.83
CA GLN A 296 -13.79 10.95 -2.29
C GLN A 296 -13.68 10.98 -0.82
N GLY A 297 -14.37 10.10 -0.13
CA GLY A 297 -14.21 9.99 1.29
C GLY A 297 -15.00 11.01 2.04
N PRO A 298 -14.88 11.03 3.35
CA PRO A 298 -15.55 12.01 4.19
C PRO A 298 -15.02 13.37 3.85
N GLY A 299 -15.88 14.35 3.80
CA GLY A 299 -15.44 15.65 3.43
C GLY A 299 -15.58 15.91 1.96
N MET A 300 -16.20 14.99 1.26
CA MET A 300 -16.43 15.09 -0.16
C MET A 300 -17.26 16.32 -0.44
N VAL A 301 -16.95 17.00 -1.54
CA VAL A 301 -17.55 18.24 -1.95
C VAL A 301 -18.38 18.07 -3.23
N VAL A 302 -17.88 17.29 -4.18
CA VAL A 302 -18.54 17.11 -5.47
C VAL A 302 -18.31 15.68 -5.94
N GLY A 303 -19.18 15.22 -6.82
CA GLY A 303 -19.04 13.90 -7.41
C GLY A 303 -17.80 13.81 -8.29
N ASP A 304 -17.59 12.60 -8.84
CA ASP A 304 -16.39 12.29 -9.59
C ASP A 304 -16.59 12.35 -11.11
N GLU A 305 -17.79 12.68 -11.58
CA GLU A 305 -18.06 12.80 -13.00
C GLU A 305 -18.18 14.26 -13.39
N LEU A 306 -17.54 14.64 -14.49
CA LEU A 306 -17.45 16.03 -14.88
C LEU A 306 -18.80 16.63 -15.26
N LYS A 307 -19.75 15.80 -15.71
CA LYS A 307 -21.03 16.32 -16.17
C LYS A 307 -21.82 16.99 -15.05
N THR A 308 -21.55 16.64 -13.80
CA THR A 308 -22.19 17.30 -12.67
C THR A 308 -21.31 18.45 -12.20
N PRO A 309 -21.69 19.70 -12.40
CA PRO A 309 -20.84 20.82 -11.98
C PRO A 309 -20.79 20.94 -10.47
N ILE A 310 -19.75 21.63 -9.99
CA ILE A 310 -19.61 21.88 -8.56
C ILE A 310 -20.72 22.82 -8.11
N ARG A 311 -21.08 22.71 -6.83
CA ARG A 311 -22.18 23.48 -6.26
C ARG A 311 -21.98 24.98 -6.49
N SER A 312 -23.10 25.68 -6.65
CA SER A 312 -23.14 27.13 -6.72
C SER A 312 -24.08 27.66 -5.64
N TRP A 313 -24.04 28.97 -5.42
CA TRP A 313 -24.97 29.57 -4.46
C TRP A 313 -26.41 29.32 -4.86
N HIS A 314 -26.72 29.43 -6.15
CA HIS A 314 -28.06 29.11 -6.62
C HIS A 314 -28.38 27.63 -6.40
N ASP A 315 -27.38 26.77 -6.55
CA ASP A 315 -27.57 25.35 -6.26
C ASP A 315 -27.71 25.07 -4.77
N ILE A 316 -27.26 25.98 -3.92
CA ILE A 316 -27.29 25.74 -2.48
C ILE A 316 -28.68 26.05 -1.91
N ASP A 317 -29.32 27.12 -2.37
CA ASP A 317 -30.60 27.51 -1.78
C ASP A 317 -31.74 26.63 -2.29
N LYS A 318 -31.72 26.24 -3.56
CA LYS A 318 -32.73 25.33 -4.07
C LYS A 318 -32.45 23.88 -3.69
N ASP A 319 -31.40 23.63 -2.89
CA ASP A 319 -31.10 22.32 -2.33
C ASP A 319 -30.71 21.32 -3.43
N ASN A 320 -29.72 21.71 -4.23
CA ASN A 320 -29.12 20.79 -5.20
C ASN A 320 -27.63 20.69 -4.92
N ALA A 321 -27.28 20.43 -3.66
CA ALA A 321 -25.90 20.33 -3.20
C ALA A 321 -25.89 19.35 -2.01
N LYS A 322 -26.00 18.06 -2.32
CA LYS A 322 -26.07 17.00 -1.33
C LYS A 322 -24.75 16.76 -0.60
N TYR A 323 -23.72 17.58 -0.78
CA TYR A 323 -22.44 17.36 -0.14
C TYR A 323 -22.03 18.49 0.81
N VAL A 324 -22.73 19.63 0.79
CA VAL A 324 -22.28 20.77 1.58
C VAL A 324 -22.40 20.48 3.08
N LYS A 325 -23.60 20.07 3.52
CA LYS A 325 -23.83 19.90 4.95
C LYS A 325 -22.95 18.80 5.53
N LYS A 326 -22.81 17.68 4.82
CA LYS A 326 -21.99 16.59 5.35
C LYS A 326 -20.50 16.89 5.23
N GLY A 327 -20.11 17.67 4.23
CA GLY A 327 -18.71 18.02 4.04
C GLY A 327 -18.25 19.07 5.03
N THR A 328 -19.12 20.06 5.29
CA THR A 328 -18.81 21.08 6.27
C THR A 328 -18.65 20.47 7.66
N LYS A 329 -19.50 19.51 8.02
CA LYS A 329 -19.44 18.89 9.34
C LYS A 329 -18.13 18.15 9.55
N HIS A 330 -17.54 17.59 8.49
CA HIS A 330 -16.28 16.88 8.64
C HIS A 330 -15.14 17.85 8.96
N PHE A 331 -15.08 18.97 8.24
CA PHE A 331 -13.99 19.92 8.45
C PHE A 331 -14.21 20.78 9.68
N GLU A 332 -15.46 20.97 10.10
CA GLU A 332 -15.71 21.64 11.38
C GLU A 332 -15.22 20.80 12.55
N ALA A 333 -15.31 19.47 12.43
CA ALA A 333 -14.77 18.60 13.47
C ALA A 333 -13.25 18.64 13.49
N LEU A 334 -12.62 18.65 12.31
CA LEU A 334 -11.16 18.77 12.28
C LEU A 334 -10.70 20.13 12.78
N ALA A 335 -11.48 21.18 12.49
CA ALA A 335 -11.12 22.51 12.97
C ALA A 335 -11.11 22.57 14.49
N ASN A 336 -12.16 22.05 15.12
CA ASN A 336 -12.21 22.04 16.58
C ASN A 336 -11.17 21.10 17.17
N ARG A 337 -10.82 20.03 16.45
CA ARG A 337 -9.76 19.14 16.93
C ARG A 337 -8.40 19.84 16.90
N ALA A 338 -8.07 20.49 15.79
CA ALA A 338 -6.79 21.18 15.69
C ALA A 338 -6.73 22.40 16.60
N ALA A 339 -7.86 23.10 16.76
CA ALA A 339 -7.88 24.28 17.61
C ALA A 339 -7.76 23.93 19.08
N THR A 340 -8.34 22.79 19.49
CA THR A 340 -8.18 22.35 20.88
C THR A 340 -6.73 21.96 21.16
N THR A 341 -6.09 21.26 20.22
CA THR A 341 -4.69 20.90 20.37
C THR A 341 -3.76 22.10 20.28
N GLY A 342 -4.18 23.16 19.60
CA GLY A 342 -3.36 24.36 19.47
C GLY A 342 -2.57 24.48 18.18
N HIS A 343 -2.99 23.79 17.12
CA HIS A 343 -2.27 23.79 15.85
C HIS A 343 -3.03 24.61 14.80
N VAL A 344 -2.30 25.04 13.78
CA VAL A 344 -2.79 25.96 12.76
C VAL A 344 -2.97 25.20 11.45
N ILE A 345 -4.05 25.52 10.74
CA ILE A 345 -4.37 24.90 9.45
C ILE A 345 -4.42 25.99 8.40
N ASP A 346 -3.53 25.90 7.41
CA ASP A 346 -3.55 26.80 6.26
C ASP A 346 -4.10 26.06 5.05
N ILE A 347 -4.77 26.82 4.18
CA ILE A 347 -5.37 26.26 2.97
C ILE A 347 -4.88 27.09 1.80
N TYR A 348 -4.08 26.48 0.92
CA TYR A 348 -3.60 27.12 -0.30
C TYR A 348 -4.25 26.40 -1.48
N ALA A 349 -5.31 26.98 -2.01
CA ALA A 349 -6.12 26.36 -3.06
C ALA A 349 -5.96 27.13 -4.36
N CYS A 350 -5.53 26.44 -5.41
CA CYS A 350 -5.36 27.04 -6.73
C CYS A 350 -5.87 26.08 -7.78
N ALA A 351 -7.00 26.42 -8.39
CA ALA A 351 -7.58 25.62 -9.46
C ALA A 351 -8.47 26.52 -10.31
N LEU A 352 -8.81 26.03 -11.51
CA LEU A 352 -9.64 26.81 -12.41
C LEU A 352 -11.13 26.74 -12.06
N ASP A 353 -11.56 25.70 -11.37
CA ASP A 353 -12.93 25.56 -10.89
C ASP A 353 -12.96 25.78 -9.38
N GLN A 354 -14.14 25.62 -8.79
CA GLN A 354 -14.24 25.68 -7.33
C GLN A 354 -13.48 24.53 -6.70
N THR A 355 -13.13 24.72 -5.43
CA THR A 355 -12.24 23.78 -4.74
C THR A 355 -12.79 23.26 -3.41
N GLY A 356 -13.84 23.85 -2.86
CA GLY A 356 -14.40 23.42 -1.61
C GLY A 356 -14.10 24.29 -0.40
N LEU A 357 -13.79 25.58 -0.60
CA LEU A 357 -13.49 26.44 0.54
C LEU A 357 -14.69 26.60 1.47
N LEU A 358 -15.91 26.57 0.91
CA LEU A 358 -17.10 26.71 1.74
C LEU A 358 -17.19 25.61 2.79
N GLU A 359 -16.76 24.39 2.43
CA GLU A 359 -16.82 23.28 3.37
C GLU A 359 -15.63 23.26 4.32
N MET A 360 -14.48 23.78 3.89
CA MET A 360 -13.26 23.73 4.66
C MET A 360 -12.92 25.06 5.34
N LYS A 361 -13.82 26.04 5.27
CA LYS A 361 -13.49 27.39 5.75
C LYS A 361 -13.22 27.40 7.25
N CYS A 362 -13.87 26.51 8.00
CA CYS A 362 -13.77 26.57 9.45
C CYS A 362 -12.39 26.17 9.97
N CYS A 363 -11.58 25.49 9.16
CA CYS A 363 -10.25 25.12 9.63
C CYS A 363 -9.32 26.32 9.74
N PRO A 364 -9.14 27.15 8.71
CA PRO A 364 -8.36 28.38 8.90
C PRO A 364 -9.13 29.50 9.57
N ASN A 365 -10.42 29.31 9.88
CA ASN A 365 -11.19 30.32 10.59
C ASN A 365 -11.13 30.13 12.10
N LEU A 366 -11.38 28.92 12.57
CA LEU A 366 -11.25 28.64 14.00
C LEU A 366 -9.81 28.84 14.47
N THR A 367 -8.87 28.15 13.83
CA THR A 367 -7.47 28.49 14.01
C THR A 367 -7.15 29.79 13.28
N GLY A 368 -5.96 30.31 13.52
CA GLY A 368 -5.56 31.53 12.85
C GLY A 368 -4.92 31.28 11.50
N GLY A 369 -5.35 30.22 10.82
CA GLY A 369 -4.70 29.80 9.60
C GLY A 369 -5.00 30.71 8.43
N TYR A 370 -4.11 30.66 7.45
CA TYR A 370 -4.26 31.44 6.23
C TYR A 370 -5.16 30.72 5.23
N MET A 371 -5.68 31.48 4.28
CA MET A 371 -6.50 30.93 3.21
C MET A 371 -6.15 31.69 1.93
N VAL A 372 -5.42 31.03 1.03
CA VAL A 372 -4.99 31.63 -0.23
C VAL A 372 -5.76 30.98 -1.37
N MET A 373 -6.19 31.79 -2.33
CA MET A 373 -7.06 31.34 -3.41
C MET A 373 -6.59 31.95 -4.72
N GLY A 374 -6.30 31.09 -5.69
CA GLY A 374 -5.86 31.55 -7.00
C GLY A 374 -6.34 30.59 -8.07
N ASP A 375 -5.95 30.88 -9.32
CA ASP A 375 -6.32 30.03 -10.44
C ASP A 375 -5.32 28.90 -10.67
N SER A 376 -4.06 29.13 -10.32
CA SER A 376 -3.02 28.14 -10.60
C SER A 376 -1.82 28.42 -9.71
N PHE A 377 -1.16 27.35 -9.25
CA PHE A 377 0.06 27.50 -8.48
C PHE A 377 1.22 28.05 -9.31
N ASN A 378 1.09 28.05 -10.64
CA ASN A 378 2.15 28.52 -11.52
C ASN A 378 1.87 29.95 -11.98
N THR A 379 1.67 30.83 -11.01
CA THR A 379 1.46 32.25 -11.29
C THR A 379 2.31 33.07 -10.32
N SER A 380 2.64 34.29 -10.74
CA SER A 380 3.29 35.22 -9.82
C SER A 380 2.40 35.55 -8.65
N LEU A 381 1.08 35.41 -8.81
CA LEU A 381 0.15 35.74 -7.74
C LEU A 381 0.34 34.81 -6.54
N PHE A 382 0.39 33.50 -6.79
CA PHE A 382 0.54 32.56 -5.68
C PHE A 382 1.96 32.54 -5.15
N LYS A 383 2.95 32.48 -6.06
CA LYS A 383 4.34 32.36 -5.63
C LYS A 383 4.74 33.50 -4.69
N GLN A 384 4.42 34.74 -5.07
CA GLN A 384 4.76 35.87 -4.22
C GLN A 384 3.95 35.86 -2.93
N THR A 385 2.66 35.50 -3.02
CA THR A 385 1.85 35.41 -1.81
C THR A 385 2.39 34.36 -0.85
N PHE A 386 2.85 33.23 -1.38
CA PHE A 386 3.27 32.13 -0.52
C PHE A 386 4.54 32.46 0.24
N GLN A 387 5.46 33.21 -0.37
CA GLN A 387 6.70 33.57 0.33
C GLN A 387 6.53 34.75 1.27
N ARG A 388 5.43 35.50 1.16
CA ARG A 388 5.13 36.52 2.16
C ARG A 388 4.67 35.91 3.47
N VAL A 389 4.29 34.62 3.45
CA VAL A 389 3.99 33.91 4.69
C VAL A 389 5.22 33.86 5.58
N PHE A 390 6.41 33.88 4.98
CA PHE A 390 7.66 33.75 5.72
C PHE A 390 8.46 35.06 5.73
N THR A 391 7.75 36.18 5.75
CA THR A 391 8.42 37.47 5.88
C THR A 391 8.98 37.62 7.29
N LYS A 392 10.26 37.97 7.39
CA LYS A 392 10.94 38.10 8.67
C LYS A 392 11.07 39.57 9.05
N ASP A 393 11.33 39.81 10.33
CA ASP A 393 11.45 41.16 10.87
C ASP A 393 12.93 41.57 10.90
N MET A 394 13.26 42.57 11.73
CA MET A 394 14.60 43.13 11.80
C MET A 394 15.60 42.21 12.48
N HIS A 395 15.18 41.04 12.95
CA HIS A 395 16.07 40.10 13.60
C HIS A 395 16.10 38.73 12.92
N GLY A 396 15.40 38.56 11.80
CA GLY A 396 15.42 37.30 11.09
C GLY A 396 14.44 36.26 11.57
N GLN A 397 13.32 36.68 12.15
CA GLN A 397 12.32 35.77 12.69
C GLN A 397 10.96 36.03 12.06
N PHE A 398 10.19 34.96 11.89
CA PHE A 398 8.90 35.05 11.22
C PHE A 398 7.95 35.95 11.99
N LYS A 399 7.10 36.65 11.25
CA LYS A 399 6.07 37.52 11.83
C LYS A 399 4.79 36.73 12.13
N MET A 400 4.95 35.61 12.84
CA MET A 400 3.82 34.78 13.20
C MET A 400 3.97 34.28 14.63
N GLY A 401 2.84 34.12 15.32
CA GLY A 401 2.80 33.60 16.66
C GLY A 401 1.93 32.36 16.74
N PHE A 402 2.07 31.65 17.86
CA PHE A 402 1.42 30.35 18.01
C PHE A 402 0.84 30.20 19.40
N GLY A 403 -0.27 29.48 19.49
CA GLY A 403 -0.91 29.18 20.77
C GLY A 403 -1.28 30.39 21.59
N GLY A 404 -1.84 31.41 20.96
CA GLY A 404 -2.13 32.66 21.64
C GLY A 404 -3.35 32.50 22.54
N THR A 405 -3.19 32.81 23.82
CA THR A 405 -4.30 32.80 24.78
C THR A 405 -4.60 34.25 25.16
N LEU A 406 -5.80 34.71 24.81
CA LEU A 406 -6.23 36.06 25.13
C LEU A 406 -7.20 36.02 26.31
N GLU A 407 -6.83 36.69 27.39
CA GLU A 407 -7.70 36.88 28.54
C GLU A 407 -7.96 38.36 28.72
N ILE A 408 -9.19 38.71 29.09
CA ILE A 408 -9.62 40.10 29.22
C ILE A 408 -10.11 40.33 30.64
N LYS A 409 -9.49 41.27 31.33
CA LYS A 409 -9.89 41.67 32.68
C LYS A 409 -10.59 43.01 32.59
N THR A 410 -11.82 43.06 33.10
CA THR A 410 -12.63 44.27 33.03
C THR A 410 -13.03 44.70 34.44
N SER A 411 -13.40 45.98 34.55
CA SER A 411 -13.93 46.49 35.81
C SER A 411 -15.24 45.78 36.16
N ARG A 412 -15.67 45.96 37.40
CA ARG A 412 -16.86 45.28 37.87
C ARG A 412 -18.08 45.59 37.01
N GLU A 413 -18.15 46.80 36.47
CA GLU A 413 -19.30 47.26 35.71
C GLU A 413 -19.26 46.90 34.23
N ILE A 414 -18.19 46.25 33.77
CA ILE A 414 -18.03 45.88 32.37
C ILE A 414 -18.12 44.37 32.26
N LYS A 415 -18.91 43.89 31.30
CA LYS A 415 -19.06 42.47 31.02
C LYS A 415 -18.80 42.21 29.55
N ILE A 416 -18.21 41.05 29.27
CA ILE A 416 -17.81 40.68 27.91
C ILE A 416 -18.90 39.84 27.28
N SER A 417 -19.48 40.32 26.18
CA SER A 417 -20.50 39.57 25.49
C SER A 417 -19.90 38.49 24.59
N GLY A 418 -18.82 38.80 23.88
CA GLY A 418 -18.17 37.79 23.06
C GLY A 418 -17.20 38.43 22.09
N ALA A 419 -16.61 37.56 21.26
CA ALA A 419 -15.60 37.95 20.29
C ALA A 419 -15.97 37.41 18.92
N ILE A 420 -15.67 38.20 17.88
CA ILE A 420 -15.88 37.81 16.50
C ILE A 420 -14.54 37.93 15.79
N GLY A 421 -13.95 36.80 15.43
CA GLY A 421 -12.67 36.77 14.76
C GLY A 421 -12.04 35.40 14.84
N PRO A 422 -10.80 35.29 14.35
CA PRO A 422 -10.13 33.98 14.40
C PRO A 422 -9.72 33.57 15.80
N CYS A 423 -10.62 32.90 16.51
CA CYS A 423 -10.36 32.50 17.90
C CYS A 423 -11.32 31.36 18.26
N VAL A 424 -11.01 30.73 19.39
CA VAL A 424 -11.84 29.65 19.94
C VAL A 424 -11.97 29.88 21.45
N SER A 425 -13.17 29.72 21.96
CA SER A 425 -13.41 29.88 23.39
C SER A 425 -12.73 28.79 24.19
N LEU A 426 -12.21 29.16 25.36
CA LEU A 426 -11.70 28.20 26.33
C LEU A 426 -12.72 27.85 27.41
N ASN A 427 -13.94 28.38 27.31
CA ASN A 427 -15.03 28.06 28.23
C ASN A 427 -14.65 28.33 29.68
N SER A 428 -14.03 29.48 29.90
CA SER A 428 -13.65 29.93 31.23
C SER A 428 -14.71 30.89 31.75
N LYS A 429 -15.11 30.71 33.00
CA LYS A 429 -16.18 31.50 33.59
C LYS A 429 -15.64 32.41 34.68
N GLY A 430 -16.30 33.55 34.85
CA GLY A 430 -15.95 34.53 35.86
C GLY A 430 -16.95 35.65 35.90
N PRO A 431 -16.74 36.63 36.78
CA PRO A 431 -17.67 37.76 36.87
C PRO A 431 -17.66 38.64 35.64
N CYS A 432 -16.66 38.53 34.78
CA CYS A 432 -16.53 39.39 33.60
C CYS A 432 -17.24 38.84 32.37
N VAL A 433 -17.92 37.70 32.50
CA VAL A 433 -18.61 37.07 31.37
C VAL A 433 -20.06 37.51 31.39
N SER A 434 -20.54 37.97 30.24
CA SER A 434 -21.93 38.39 30.08
C SER A 434 -22.84 37.19 29.81
N GLU A 435 -24.13 37.39 30.06
CA GLU A 435 -25.17 36.38 29.83
C GLU A 435 -25.63 36.35 28.38
N ASN A 436 -25.77 37.51 27.74
CA ASN A 436 -26.08 37.59 26.31
C ASN A 436 -24.78 37.56 25.54
N GLU A 437 -24.56 36.51 24.75
CA GLU A 437 -23.30 36.28 24.07
C GLU A 437 -23.40 36.64 22.59
N ILE A 438 -22.37 37.33 22.10
CA ILE A 438 -22.25 37.72 20.70
C ILE A 438 -21.11 36.95 20.08
N GLY A 439 -21.39 36.28 18.95
CA GLY A 439 -20.39 35.43 18.32
C GLY A 439 -19.91 34.28 19.17
N THR A 440 -18.61 34.27 19.48
CA THR A 440 -18.01 33.24 20.34
C THR A 440 -17.88 33.86 21.73
N GLY A 441 -18.96 33.78 22.50
CA GLY A 441 -18.99 34.37 23.83
C GLY A 441 -18.99 33.36 24.95
N GLY A 442 -19.54 33.75 26.10
CA GLY A 442 -19.57 32.86 27.24
C GLY A 442 -18.22 32.54 27.83
N THR A 443 -17.26 33.47 27.71
CA THR A 443 -15.92 33.24 28.23
C THR A 443 -15.19 34.57 28.32
N CYS A 444 -14.23 34.63 29.25
CA CYS A 444 -13.29 35.73 29.34
C CYS A 444 -11.89 35.32 28.87
N GLN A 445 -11.79 34.22 28.11
CA GLN A 445 -10.52 33.68 27.67
C GLN A 445 -10.71 32.99 26.34
N TRP A 446 -9.80 33.25 25.41
CA TRP A 446 -9.88 32.70 24.06
C TRP A 446 -8.50 32.19 23.65
N LYS A 447 -8.51 31.19 22.77
CA LYS A 447 -7.28 30.66 22.19
C LYS A 447 -7.21 31.03 20.71
N ILE A 448 -6.07 31.56 20.29
CA ILE A 448 -5.81 31.93 18.91
C ILE A 448 -4.57 31.15 18.49
N CYS A 449 -4.78 30.00 17.84
CA CYS A 449 -3.66 29.11 17.51
C CYS A 449 -2.64 29.79 16.61
N GLY A 450 -3.09 30.68 15.73
CA GLY A 450 -2.17 31.41 14.89
C GLY A 450 -2.49 32.89 14.82
N LEU A 451 -1.50 33.74 15.02
CA LEU A 451 -1.72 35.18 14.94
C LEU A 451 -0.47 35.86 14.38
N SER A 452 -0.70 37.01 13.76
CA SER A 452 0.35 37.82 13.15
C SER A 452 0.24 39.24 13.69
N PRO A 453 1.15 40.15 13.34
CA PRO A 453 0.99 41.54 13.80
C PRO A 453 -0.28 42.22 13.29
N THR A 454 -0.94 41.67 12.28
CA THR A 454 -2.14 42.28 11.73
C THR A 454 -3.43 41.64 12.22
N THR A 455 -3.35 40.50 12.91
CA THR A 455 -4.54 39.82 13.40
C THR A 455 -5.34 40.76 14.30
N THR A 456 -6.62 40.97 13.95
CA THR A 456 -7.47 41.90 14.67
C THR A 456 -8.77 41.21 15.08
N LEU A 457 -8.98 41.08 16.38
CA LEU A 457 -10.22 40.55 16.91
C LEU A 457 -11.23 41.68 17.10
N ALA A 458 -12.48 41.30 17.38
CA ALA A 458 -13.54 42.25 17.69
C ALA A 458 -14.25 41.75 18.93
N ILE A 459 -14.14 42.51 20.02
CA ILE A 459 -14.71 42.13 21.31
C ILE A 459 -15.85 43.09 21.61
N TYR A 460 -17.03 42.53 21.88
CA TYR A 460 -18.22 43.31 22.16
C TYR A 460 -18.50 43.28 23.66
N PHE A 461 -18.67 44.45 24.26
CA PHE A 461 -18.81 44.59 25.69
C PHE A 461 -20.23 45.00 26.05
N GLU A 462 -20.49 45.05 27.36
CA GLU A 462 -21.82 45.38 27.88
C GLU A 462 -21.67 45.87 29.31
N VAL A 463 -22.35 46.97 29.63
CA VAL A 463 -22.30 47.57 30.96
C VAL A 463 -23.51 47.10 31.76
N VAL A 464 -23.29 46.70 33.01
CA VAL A 464 -24.36 46.21 33.86
C VAL A 464 -24.46 47.05 35.14
N GLY A 475 -13.82 58.85 37.04
CA GLY A 475 -14.19 57.71 36.23
C GLY A 475 -12.96 57.00 35.75
N ARG A 476 -13.03 56.51 34.53
CA ARG A 476 -11.99 55.83 33.84
C ARG A 476 -11.98 54.33 34.02
N GLY A 477 -13.09 53.61 33.90
CA GLY A 477 -12.99 52.16 33.90
C GLY A 477 -12.00 51.52 32.93
N ALA A 478 -11.22 50.57 33.45
CA ALA A 478 -10.16 49.94 32.66
C ALA A 478 -10.33 48.47 32.26
N ILE A 479 -10.06 48.23 30.98
CA ILE A 479 -10.09 46.93 30.32
C ILE A 479 -8.65 46.50 30.06
N GLN A 480 -8.28 45.29 30.49
CA GLN A 480 -6.92 44.78 30.36
C GLN A 480 -6.90 43.58 29.42
N PHE A 481 -6.05 43.63 28.41
CA PHE A 481 -5.88 42.54 27.45
C PHE A 481 -4.56 41.83 27.73
N VAL A 482 -4.63 40.53 27.99
CA VAL A 482 -3.46 39.71 28.26
C VAL A 482 -3.39 38.61 27.22
N THR A 483 -2.33 38.61 26.41
CA THR A 483 -2.15 37.67 25.32
C THR A 483 -0.85 36.90 25.52
N GLN A 484 -0.96 35.63 25.92
CA GLN A 484 0.18 34.74 26.02
C GLN A 484 0.30 33.93 24.74
N TYR A 485 1.46 33.99 24.08
CA TYR A 485 1.65 33.28 22.84
C TYR A 485 3.09 32.79 22.75
N GLN A 486 3.32 31.88 21.80
CA GLN A 486 4.63 31.33 21.52
C GLN A 486 5.24 32.10 20.35
N HIS A 487 6.34 32.79 20.62
CA HIS A 487 7.02 33.54 19.57
C HIS A 487 7.67 32.59 18.58
N SER A 488 7.89 33.10 17.36
CA SER A 488 8.54 32.30 16.34
C SER A 488 9.94 31.84 16.75
N SER A 489 10.58 32.56 17.66
CA SER A 489 11.87 32.13 18.21
C SER A 489 11.74 30.97 19.19
N GLY A 490 10.53 30.71 19.71
CA GLY A 490 10.33 29.72 20.74
C GLY A 490 10.13 30.30 22.13
N GLN A 491 10.37 31.59 22.32
CA GLN A 491 10.16 32.21 23.61
C GLN A 491 8.67 32.34 23.92
N ARG A 492 8.31 32.17 25.19
CA ARG A 492 6.97 32.50 25.63
C ARG A 492 6.89 33.99 25.94
N ARG A 493 5.81 34.62 25.50
CA ARG A 493 5.64 36.05 25.68
C ARG A 493 4.22 36.37 26.09
N ILE A 494 4.08 37.47 26.82
CA ILE A 494 2.78 37.98 27.26
C ILE A 494 2.71 39.45 26.91
N ARG A 495 1.77 39.81 26.03
CA ARG A 495 1.48 41.21 25.76
C ARG A 495 0.31 41.66 26.64
N VAL A 496 0.52 42.73 27.38
CA VAL A 496 -0.49 43.28 28.30
C VAL A 496 -0.84 44.68 27.83
N THR A 497 -2.07 44.87 27.39
CA THR A 497 -2.60 46.18 27.02
C THR A 497 -3.69 46.56 28.00
N THR A 498 -3.47 47.66 28.74
CA THR A 498 -4.46 48.19 29.65
C THR A 498 -4.93 49.54 29.13
N ILE A 499 -6.23 49.68 28.93
CA ILE A 499 -6.81 50.91 28.42
C ILE A 499 -7.80 51.45 29.45
N ALA A 500 -8.14 52.73 29.30
CA ALA A 500 -9.11 53.37 30.18
C ALA A 500 -9.89 54.40 29.38
N ARG A 501 -11.21 54.40 29.58
CA ARG A 501 -12.10 55.36 28.94
C ARG A 501 -12.96 56.04 30.00
N ASN A 502 -13.09 57.36 29.89
CA ASN A 502 -13.78 58.14 30.90
C ASN A 502 -15.23 57.72 31.04
N TRP A 503 -15.67 57.52 32.27
CA TRP A 503 -17.09 57.37 32.55
C TRP A 503 -17.78 58.70 32.26
N ALA A 504 -18.87 58.63 31.49
CA ALA A 504 -19.57 59.84 31.06
C ALA A 504 -20.01 60.65 32.27
N ASP A 505 -19.79 61.96 32.22
CA ASP A 505 -20.15 62.85 33.33
C ASP A 505 -21.66 63.00 33.38
N ALA A 506 -22.26 62.60 34.51
CA ALA A 506 -23.71 62.51 34.67
C ALA A 506 -24.47 63.79 34.34
N GLN A 507 -23.75 64.90 34.20
CA GLN A 507 -24.34 66.20 33.90
C GLN A 507 -24.46 66.47 32.41
N THR A 508 -23.77 65.68 31.56
CA THR A 508 -23.60 66.08 30.15
C THR A 508 -23.35 64.86 29.26
N GLN A 509 -23.83 63.66 29.62
CA GLN A 509 -23.36 62.43 28.98
C GLN A 509 -23.63 62.40 27.48
N ILE A 510 -24.90 62.37 27.09
CA ILE A 510 -25.28 62.11 25.69
C ILE A 510 -24.62 63.07 24.72
N GLN A 511 -24.10 64.20 25.21
CA GLN A 511 -23.37 65.12 24.33
C GLN A 511 -21.93 64.68 24.12
N ASN A 512 -21.27 64.19 25.17
CA ASN A 512 -19.90 63.70 25.02
C ASN A 512 -19.89 62.31 24.40
N ILE A 513 -20.87 61.48 24.75
CA ILE A 513 -20.96 60.14 24.18
C ILE A 513 -21.07 60.23 22.66
N ALA A 514 -21.91 61.14 22.16
CA ALA A 514 -21.97 61.38 20.73
C ALA A 514 -20.65 61.93 20.21
N ALA A 515 -19.91 62.67 21.03
CA ALA A 515 -18.62 63.21 20.62
C ALA A 515 -17.54 62.15 20.56
N SER A 516 -17.65 61.09 21.36
CA SER A 516 -16.65 60.03 21.39
C SER A 516 -16.93 58.92 20.38
N PHE A 517 -17.87 59.12 19.48
CA PHE A 517 -18.25 58.08 18.53
C PHE A 517 -17.19 57.95 17.44
N ASP A 518 -16.85 56.71 17.12
CA ASP A 518 -15.89 56.38 16.06
C ASP A 518 -16.70 55.75 14.93
N GLN A 519 -17.00 56.55 13.91
CA GLN A 519 -17.85 56.07 12.82
C GLN A 519 -17.17 54.95 12.03
N GLU A 520 -15.85 55.05 11.84
CA GLU A 520 -15.13 54.01 11.12
C GLU A 520 -15.12 52.71 11.93
N ALA A 521 -14.74 52.79 13.20
CA ALA A 521 -14.67 51.59 14.03
C ALA A 521 -16.04 50.96 14.20
N ALA A 522 -17.07 51.78 14.44
CA ALA A 522 -18.41 51.24 14.65
C ALA A 522 -18.95 50.57 13.39
N ALA A 523 -18.69 51.17 12.22
CA ALA A 523 -19.17 50.58 10.97
C ALA A 523 -18.59 49.18 10.75
N ILE A 524 -17.29 49.02 11.01
CA ILE A 524 -16.66 47.71 10.87
C ILE A 524 -17.16 46.76 11.94
N LEU A 525 -17.34 47.27 13.17
CA LEU A 525 -17.85 46.42 14.24
C LEU A 525 -19.29 46.01 13.98
N MET A 526 -20.11 46.89 13.41
CA MET A 526 -21.45 46.50 12.99
C MET A 526 -21.39 45.57 11.77
N ALA A 527 -20.37 45.73 10.93
CA ALA A 527 -20.26 44.89 9.74
C ALA A 527 -19.97 43.44 10.12
N ARG A 528 -19.06 43.22 11.06
CA ARG A 528 -18.76 41.86 11.49
C ARG A 528 -19.96 41.20 12.16
N LEU A 529 -20.83 42.00 12.78
CA LEU A 529 -22.08 41.46 13.30
C LEU A 529 -22.97 40.97 12.17
N ALA A 530 -23.01 41.72 11.06
CA ALA A 530 -23.87 41.34 9.95
C ALA A 530 -23.36 40.08 9.25
N ILE A 531 -22.06 40.02 9.00
CA ILE A 531 -21.49 38.86 8.32
C ILE A 531 -21.62 37.61 9.18
N TYR A 532 -21.52 37.75 10.50
CA TYR A 532 -21.55 36.57 11.37
C TYR A 532 -22.92 35.89 11.33
N ARG A 533 -24.00 36.66 11.33
CA ARG A 533 -25.32 36.05 11.29
C ARG A 533 -25.75 35.67 9.87
N ALA A 534 -25.15 36.29 8.86
CA ALA A 534 -25.39 35.84 7.49
C ALA A 534 -24.69 34.51 7.22
N GLU A 535 -23.45 34.37 7.68
CA GLU A 535 -22.70 33.13 7.58
C GLU A 535 -23.20 32.08 8.55
N THR A 536 -24.19 32.40 9.39
CA THR A 536 -24.74 31.44 10.34
C THR A 536 -26.24 31.70 10.48
N GLU A 537 -26.96 31.73 9.36
CA GLU A 537 -28.39 31.99 9.38
C GLU A 537 -29.19 30.70 9.52
N ASP A 541 -34.18 37.92 7.85
CA ASP A 541 -33.15 38.34 6.92
C ASP A 541 -32.15 39.25 7.61
N VAL A 542 -30.86 39.01 7.35
CA VAL A 542 -29.82 39.90 7.89
C VAL A 542 -29.97 41.30 7.33
N LEU A 543 -30.42 41.43 6.09
CA LEU A 543 -30.60 42.74 5.49
C LEU A 543 -31.91 43.36 5.95
N ARG A 544 -32.31 43.04 7.16
CA ARG A 544 -33.38 43.74 7.84
C ARG A 544 -32.96 44.24 9.21
N TRP A 545 -31.85 43.74 9.76
CA TRP A 545 -31.31 44.24 11.01
C TRP A 545 -30.39 45.45 10.80
N LEU A 546 -29.94 45.67 9.57
CA LEU A 546 -28.92 46.68 9.33
C LEU A 546 -29.51 48.09 9.42
N ASP A 547 -30.63 48.32 8.72
CA ASP A 547 -31.23 49.65 8.72
C ASP A 547 -31.78 50.02 10.10
N ARG A 548 -32.33 49.05 10.83
CA ARG A 548 -32.90 49.33 12.14
C ARG A 548 -31.92 50.05 13.05
N GLN A 549 -30.64 49.66 13.00
CA GLN A 549 -29.64 50.35 13.79
C GLN A 549 -29.17 51.63 13.12
N LEU A 550 -29.25 51.70 11.79
CA LEU A 550 -28.91 52.93 11.09
C LEU A 550 -29.96 54.00 11.32
N ILE A 551 -31.25 53.64 11.21
CA ILE A 551 -32.31 54.60 11.43
C ILE A 551 -32.36 55.03 12.89
N ARG A 552 -32.23 54.08 13.81
CA ARG A 552 -32.22 54.42 15.23
C ARG A 552 -31.03 55.30 15.58
N LEU A 553 -29.87 55.05 14.95
CA LEU A 553 -28.72 55.93 15.15
C LEU A 553 -28.99 57.30 14.56
N CYS A 554 -29.75 57.37 13.46
CA CYS A 554 -30.11 58.66 12.89
C CYS A 554 -31.02 59.45 13.82
N GLN A 555 -32.00 58.78 14.43
CA GLN A 555 -32.96 59.48 15.27
C GLN A 555 -32.34 59.92 16.59
N LYS A 556 -31.31 59.22 17.07
CA LYS A 556 -30.73 59.51 18.38
C LYS A 556 -29.68 60.60 18.31
N PHE A 557 -28.75 60.52 17.36
CA PHE A 557 -27.62 61.43 17.29
C PHE A 557 -27.70 62.38 16.10
N GLY A 558 -28.85 62.45 15.42
CA GLY A 558 -29.04 63.38 14.33
C GLY A 558 -29.87 64.58 14.73
N GLU A 559 -29.96 65.54 13.82
CA GLU A 559 -30.71 66.77 14.03
C GLU A 559 -31.78 66.87 12.95
N TYR A 560 -33.02 67.10 13.35
CA TYR A 560 -34.13 67.15 12.40
C TYR A 560 -35.37 67.70 13.08
N HIS A 561 -36.21 68.35 12.28
CA HIS A 561 -37.59 68.60 12.68
C HIS A 561 -38.44 67.39 12.33
N LYS A 562 -39.47 67.15 13.12
CA LYS A 562 -40.34 66.00 12.88
C LYS A 562 -41.06 66.16 11.55
N ASP A 563 -41.04 65.11 10.73
CA ASP A 563 -41.71 65.05 9.43
C ASP A 563 -41.12 66.05 8.43
N ASP A 564 -39.84 66.38 8.57
CA ASP A 564 -39.13 67.25 7.63
C ASP A 564 -37.81 66.59 7.26
N PRO A 565 -37.78 65.80 6.18
CA PRO A 565 -36.52 65.11 5.81
C PRO A 565 -35.43 66.07 5.39
N SER A 566 -35.78 67.22 4.80
CA SER A 566 -34.78 68.18 4.39
C SER A 566 -34.04 68.81 5.56
N SER A 567 -34.67 68.85 6.74
CA SER A 567 -34.03 69.39 7.93
C SER A 567 -33.08 68.40 8.60
N PHE A 568 -33.10 67.14 8.19
CA PHE A 568 -32.27 66.13 8.83
C PHE A 568 -30.80 66.36 8.50
N ARG A 569 -29.94 66.12 9.49
CA ARG A 569 -28.50 66.24 9.28
C ARG A 569 -27.76 65.51 10.38
N PHE A 570 -26.46 65.30 10.14
CA PHE A 570 -25.58 64.59 11.05
C PHE A 570 -24.40 65.48 11.44
N SER A 571 -23.89 65.26 12.64
CA SER A 571 -22.65 65.88 13.04
C SER A 571 -21.49 65.34 12.21
N GLU A 572 -20.35 66.03 12.27
CA GLU A 572 -19.15 65.52 11.61
C GLU A 572 -18.72 64.18 12.17
N THR A 573 -19.16 63.85 13.39
CA THR A 573 -18.80 62.57 14.00
C THR A 573 -19.52 61.40 13.34
N PHE A 574 -20.73 61.64 12.83
CA PHE A 574 -21.56 60.58 12.26
C PHE A 574 -21.76 60.69 10.76
N SER A 575 -21.18 61.70 10.11
CA SER A 575 -21.53 62.03 8.73
C SER A 575 -21.17 60.91 7.75
N LEU A 576 -20.07 60.20 7.99
CA LEU A 576 -19.63 59.14 7.08
C LEU A 576 -20.30 57.79 7.34
N TYR A 577 -21.03 57.66 8.44
CA TYR A 577 -21.58 56.35 8.81
C TYR A 577 -22.59 55.82 7.80
N PRO A 578 -23.60 56.58 7.36
CA PRO A 578 -24.55 56.01 6.38
C PRO A 578 -23.89 55.63 5.07
N GLN A 579 -22.92 56.42 4.61
CA GLN A 579 -22.21 56.07 3.38
C GLN A 579 -21.42 54.79 3.56
N PHE A 580 -20.86 54.58 4.75
CA PHE A 580 -20.17 53.33 5.04
C PHE A 580 -21.12 52.14 4.98
N MET A 581 -22.31 52.28 5.57
CA MET A 581 -23.30 51.22 5.58
C MET A 581 -24.03 51.08 4.25
N PHE A 582 -23.93 52.07 3.36
CA PHE A 582 -24.50 51.90 2.03
C PHE A 582 -23.70 50.90 1.21
N HIS A 583 -22.38 51.05 1.19
CA HIS A 583 -21.54 50.12 0.46
C HIS A 583 -21.52 48.74 1.11
N LEU A 584 -21.75 48.67 2.42
CA LEU A 584 -21.72 47.40 3.12
C LEU A 584 -22.88 46.51 2.68
N ARG A 585 -24.10 47.05 2.66
CA ARG A 585 -25.27 46.25 2.34
C ARG A 585 -25.31 45.81 0.88
N ARG A 586 -24.54 46.45 0.01
CA ARG A 586 -24.45 46.08 -1.39
C ARG A 586 -23.15 45.36 -1.72
N SER A 587 -22.27 45.15 -0.74
CA SER A 587 -20.98 44.54 -1.00
C SER A 587 -21.14 43.04 -1.26
N SER A 588 -20.06 42.43 -1.76
CA SER A 588 -20.04 41.00 -1.97
C SER A 588 -20.01 40.22 -0.66
N PHE A 589 -19.81 40.89 0.47
CA PHE A 589 -19.85 40.23 1.77
C PHE A 589 -21.28 39.84 2.16
N LEU A 590 -22.29 40.51 1.60
CA LEU A 590 -23.68 40.24 1.91
C LEU A 590 -24.53 39.87 0.71
N GLN A 591 -24.12 40.23 -0.51
CA GLN A 591 -24.79 39.81 -1.72
C GLN A 591 -23.96 38.67 -2.34
N VAL A 592 -24.16 37.47 -1.78
CA VAL A 592 -23.28 36.35 -2.11
C VAL A 592 -23.45 35.92 -3.55
N PHE A 593 -24.60 36.17 -4.16
CA PHE A 593 -24.80 35.81 -5.55
C PHE A 593 -23.91 36.67 -6.45
N ASN A 594 -23.76 36.25 -7.69
CA ASN A 594 -22.76 36.73 -8.64
C ASN A 594 -21.34 36.37 -8.20
N ASN A 595 -21.19 35.55 -7.17
CA ASN A 595 -19.92 35.01 -6.74
C ASN A 595 -20.08 33.53 -6.47
N SER A 596 -18.96 32.80 -6.50
CA SER A 596 -19.01 31.41 -6.13
C SER A 596 -18.94 31.26 -4.61
N PRO A 597 -19.48 30.17 -4.06
CA PRO A 597 -19.42 29.98 -2.60
C PRO A 597 -18.00 30.02 -2.05
N ASP A 598 -17.00 29.55 -2.81
CA ASP A 598 -15.62 29.64 -2.35
C ASP A 598 -15.16 31.09 -2.27
N GLU A 599 -15.60 31.92 -3.21
CA GLU A 599 -15.19 33.33 -3.19
C GLU A 599 -15.85 34.08 -2.04
N SER A 600 -17.13 33.80 -1.76
CA SER A 600 -17.79 34.44 -0.64
C SER A 600 -17.13 34.05 0.68
N SER A 601 -16.78 32.77 0.84
CA SER A 601 -16.08 32.35 2.04
C SER A 601 -14.68 32.94 2.11
N TYR A 602 -14.03 33.13 0.96
CA TYR A 602 -12.70 33.72 0.95
C TYR A 602 -12.74 35.19 1.33
N TYR A 603 -13.73 35.92 0.81
CA TYR A 603 -13.87 37.34 1.16
C TYR A 603 -14.18 37.50 2.64
N ARG A 604 -15.17 36.76 3.14
CA ARG A 604 -15.52 36.85 4.55
C ARG A 604 -14.37 36.42 5.45
N HIS A 605 -13.51 35.53 4.96
CA HIS A 605 -12.36 35.08 5.75
C HIS A 605 -11.45 36.25 6.11
N HIS A 606 -11.00 37.00 5.10
CA HIS A 606 -10.04 38.07 5.34
C HIS A 606 -10.66 39.28 6.02
N PHE A 607 -11.97 39.49 5.91
CA PHE A 607 -12.58 40.63 6.57
C PHE A 607 -12.62 40.42 8.09
N MET A 608 -12.86 39.19 8.52
CA MET A 608 -12.95 38.88 9.95
C MET A 608 -11.60 38.94 10.66
N ARG A 609 -10.51 39.23 9.95
CA ARG A 609 -9.18 39.18 10.54
C ARG A 609 -8.38 40.45 10.38
N GLN A 610 -8.86 41.42 9.61
CA GLN A 610 -8.08 42.60 9.28
C GLN A 610 -8.33 43.73 10.27
N ASP A 611 -7.40 44.67 10.31
CA ASP A 611 -7.51 45.86 11.14
C ASP A 611 -8.59 46.78 10.58
N LEU A 612 -8.70 47.98 11.13
CA LEU A 612 -9.71 48.92 10.64
C LEU A 612 -9.33 49.45 9.27
N THR A 613 -8.08 49.89 9.11
CA THR A 613 -7.65 50.54 7.89
C THR A 613 -7.96 49.70 6.65
N GLN A 614 -7.55 48.43 6.67
CA GLN A 614 -7.80 47.58 5.51
C GLN A 614 -9.26 47.18 5.41
N SER A 615 -9.98 47.17 6.54
CA SER A 615 -11.40 46.78 6.49
C SER A 615 -12.23 47.83 5.78
N LEU A 616 -11.94 49.11 6.02
CA LEU A 616 -12.65 50.18 5.32
C LEU A 616 -12.42 50.09 3.81
N ILE A 617 -11.22 49.68 3.39
CA ILE A 617 -10.93 49.53 1.98
C ILE A 617 -11.82 48.44 1.36
N MET A 618 -12.02 47.35 2.08
CA MET A 618 -12.86 46.27 1.58
C MET A 618 -14.30 46.75 1.35
N ILE A 619 -14.89 47.41 2.35
CA ILE A 619 -16.27 47.86 2.23
C ILE A 619 -16.38 48.97 1.21
N GLN A 620 -15.47 49.94 1.26
CA GLN A 620 -15.49 51.10 0.36
C GLN A 620 -14.12 51.23 -0.28
N PRO A 621 -13.95 50.68 -1.49
CA PRO A 621 -12.65 50.81 -2.18
C PRO A 621 -12.31 52.27 -2.43
N ILE A 622 -11.05 52.61 -2.17
CA ILE A 622 -10.57 53.97 -2.41
C ILE A 622 -10.25 54.11 -3.89
N LEU A 623 -10.50 55.31 -4.42
CA LEU A 623 -10.33 55.57 -5.84
C LEU A 623 -9.48 56.81 -6.02
N TYR A 624 -8.38 56.69 -6.77
CA TYR A 624 -7.50 57.79 -7.10
C TYR A 624 -7.64 58.14 -8.58
N ALA A 625 -7.54 59.43 -8.90
CA ALA A 625 -7.63 59.92 -10.26
C ALA A 625 -6.29 60.45 -10.73
N TYR A 626 -6.02 60.26 -12.03
CA TYR A 626 -4.75 60.65 -12.64
C TYR A 626 -5.04 61.39 -13.93
N SER A 627 -4.62 62.65 -14.00
CA SER A 627 -4.83 63.46 -15.20
C SER A 627 -3.68 64.45 -15.33
N PHE A 628 -3.63 65.10 -16.50
CA PHE A 628 -2.67 66.18 -16.70
C PHE A 628 -2.95 67.33 -15.75
N SER A 629 -4.23 67.60 -15.48
CA SER A 629 -4.66 68.72 -14.65
C SER A 629 -4.50 68.37 -13.18
N GLY A 630 -3.25 68.38 -12.72
CA GLY A 630 -2.95 68.23 -11.32
C GLY A 630 -2.30 66.90 -10.97
N PRO A 631 -1.81 66.80 -9.74
CA PRO A 631 -1.21 65.54 -9.27
C PRO A 631 -2.29 64.52 -8.95
N PRO A 632 -1.90 63.29 -8.62
CA PRO A 632 -2.91 62.29 -8.22
C PRO A 632 -3.70 62.76 -7.01
N GLU A 633 -5.00 62.48 -7.03
CA GLU A 633 -5.90 62.93 -5.99
C GLU A 633 -7.04 61.94 -5.81
N PRO A 634 -7.46 61.68 -4.56
CA PRO A 634 -8.60 60.78 -4.35
C PRO A 634 -9.90 61.41 -4.83
N VAL A 635 -10.79 60.55 -5.35
CA VAL A 635 -12.07 60.99 -5.90
C VAL A 635 -13.17 60.08 -5.36
N LEU A 636 -14.40 60.49 -5.61
CA LEU A 636 -15.57 59.77 -5.11
C LEU A 636 -15.77 58.48 -5.89
N LEU A 637 -16.31 57.47 -5.19
CA LEU A 637 -16.66 56.19 -5.82
C LEU A 637 -18.05 56.30 -6.45
N ASP A 638 -18.10 57.05 -7.54
CA ASP A 638 -19.34 57.26 -8.28
C ASP A 638 -19.01 57.30 -9.77
N SER A 639 -20.03 57.01 -10.59
CA SER A 639 -19.87 57.05 -12.03
C SER A 639 -19.40 58.43 -12.52
N SER A 640 -19.63 59.47 -11.74
CA SER A 640 -19.24 60.82 -12.13
C SER A 640 -17.73 61.00 -12.13
N SER A 641 -16.98 60.12 -11.47
CA SER A 641 -15.53 60.23 -11.45
C SER A 641 -14.87 59.60 -12.67
N ILE A 642 -15.64 58.92 -13.52
CA ILE A 642 -15.09 58.22 -14.66
C ILE A 642 -15.06 59.22 -15.81
N LEU A 643 -13.90 59.84 -16.02
CA LEU A 643 -13.69 60.78 -17.10
C LEU A 643 -12.95 60.09 -18.23
N ALA A 644 -13.18 60.57 -19.45
CA ALA A 644 -12.54 59.96 -20.62
C ALA A 644 -11.05 60.29 -20.68
N ASP A 645 -10.65 61.44 -20.15
CA ASP A 645 -9.26 61.89 -20.18
C ASP A 645 -8.56 61.69 -18.83
N ARG A 646 -8.83 60.59 -18.15
CA ARG A 646 -8.31 60.41 -16.80
C ARG A 646 -8.03 58.94 -16.54
N ILE A 647 -7.07 58.69 -15.65
CA ILE A 647 -6.72 57.35 -15.20
C ILE A 647 -7.21 57.17 -13.77
N LEU A 648 -7.82 56.03 -13.50
CA LEU A 648 -8.33 55.72 -12.16
C LEU A 648 -7.57 54.53 -11.59
N LEU A 649 -7.31 54.58 -10.28
CA LEU A 649 -6.72 53.47 -9.53
C LEU A 649 -7.68 53.13 -8.41
N MET A 650 -8.48 52.08 -8.58
CA MET A 650 -9.38 51.62 -7.55
C MET A 650 -8.67 50.54 -6.74
N ASP A 651 -8.53 50.76 -5.43
CA ASP A 651 -7.92 49.79 -4.53
C ASP A 651 -9.03 49.17 -3.69
N THR A 652 -9.62 48.09 -4.20
CA THR A 652 -10.22 47.10 -3.32
C THR A 652 -9.11 46.34 -2.63
N PHE A 653 -9.39 45.82 -1.44
CA PHE A 653 -8.35 45.05 -0.76
C PHE A 653 -7.93 43.84 -1.58
N PHE A 654 -8.85 43.26 -2.34
CA PHE A 654 -8.58 42.04 -3.09
C PHE A 654 -8.16 42.32 -4.53
N GLN A 655 -8.26 43.56 -5.00
CA GLN A 655 -7.94 43.87 -6.39
C GLN A 655 -7.37 45.28 -6.50
N ILE A 656 -6.24 45.38 -7.20
CA ILE A 656 -5.70 46.66 -7.64
C ILE A 656 -6.06 46.81 -9.12
N LEU A 657 -6.86 47.82 -9.44
CA LEU A 657 -7.39 47.98 -10.78
C LEU A 657 -7.00 49.35 -11.33
N ILE A 658 -6.46 49.35 -12.56
CA ILE A 658 -6.09 50.57 -13.25
C ILE A 658 -6.99 50.70 -14.47
N TYR A 659 -7.85 51.72 -14.47
CA TYR A 659 -8.78 51.97 -15.55
C TYR A 659 -8.27 53.12 -16.40
N HIS A 660 -8.33 52.94 -17.73
CA HIS A 660 -7.90 53.96 -18.67
C HIS A 660 -9.14 54.53 -19.36
N GLY A 661 -9.34 55.83 -19.22
CA GLY A 661 -10.48 56.49 -19.85
C GLY A 661 -10.46 56.32 -21.36
N GLU A 662 -11.64 56.49 -21.95
CA GLU A 662 -11.79 56.21 -23.38
C GLU A 662 -10.83 57.05 -24.22
N THR A 663 -10.77 58.36 -23.94
CA THR A 663 -9.81 59.20 -24.64
C THR A 663 -8.38 58.78 -24.32
N ILE A 664 -8.11 58.46 -23.05
CA ILE A 664 -6.79 57.97 -22.67
C ILE A 664 -6.52 56.61 -23.28
N ALA A 665 -7.55 55.78 -23.42
CA ALA A 665 -7.37 54.41 -23.90
C ALA A 665 -6.64 54.39 -25.24
N GLN A 666 -7.26 54.98 -26.27
CA GLN A 666 -6.76 55.04 -27.66
C GLN A 666 -5.84 53.89 -28.11
N GLU A 679 6.32 62.43 -23.06
CA GLU A 679 7.09 61.71 -22.06
C GLU A 679 6.32 61.66 -20.73
N ASN A 680 5.43 62.62 -20.53
CA ASN A 680 4.73 62.74 -19.25
C ASN A 680 3.31 62.20 -19.29
N PHE A 681 2.77 61.88 -20.46
CA PHE A 681 1.65 60.96 -20.53
C PHE A 681 2.10 59.52 -20.38
N ARG A 682 3.40 59.26 -20.53
CA ARG A 682 3.97 58.04 -19.97
C ARG A 682 3.96 58.09 -18.45
N HIS A 683 4.40 59.23 -17.88
CA HIS A 683 4.30 59.42 -16.44
C HIS A 683 2.86 59.45 -15.96
N LEU A 684 1.91 59.73 -16.85
CA LEU A 684 0.50 59.58 -16.50
C LEU A 684 0.05 58.13 -16.57
N LEU A 685 0.65 57.35 -17.48
CA LEU A 685 0.32 55.93 -17.59
C LEU A 685 1.11 55.05 -16.64
N GLN A 686 2.09 55.61 -15.91
CA GLN A 686 2.85 54.85 -14.95
C GLN A 686 2.74 55.39 -13.52
N ALA A 687 2.26 56.62 -13.33
CA ALA A 687 1.97 57.08 -11.97
C ALA A 687 1.02 56.16 -11.22
N PRO A 688 -0.04 55.59 -11.83
CA PRO A 688 -0.78 54.56 -11.11
C PRO A 688 0.00 53.26 -10.96
N VAL A 689 0.75 52.88 -12.00
CA VAL A 689 1.53 51.64 -11.92
C VAL A 689 2.58 51.74 -10.82
N ASP A 690 3.21 52.91 -10.68
CA ASP A 690 4.19 53.09 -9.61
C ASP A 690 3.54 52.99 -8.24
N ASP A 691 2.48 53.77 -8.02
CA ASP A 691 1.78 53.72 -6.74
C ASP A 691 1.14 52.37 -6.48
N ALA A 692 0.64 51.69 -7.53
CA ALA A 692 0.11 50.35 -7.34
C ALA A 692 1.21 49.35 -6.99
N GLN A 693 2.43 49.58 -7.49
CA GLN A 693 3.52 48.64 -7.25
C GLN A 693 3.90 48.58 -5.77
N GLU A 694 3.79 49.70 -5.06
CA GLU A 694 4.19 49.70 -3.65
C GLU A 694 3.19 48.96 -2.78
N ILE A 695 1.89 49.16 -3.02
CA ILE A 695 0.88 48.43 -2.27
C ILE A 695 0.73 47.00 -2.77
N LEU A 696 1.26 46.69 -3.95
CA LEU A 696 1.23 45.34 -4.48
C LEU A 696 2.39 44.52 -3.93
N HIS A 697 2.85 44.88 -2.73
CA HIS A 697 3.96 44.18 -2.10
C HIS A 697 3.79 44.09 -0.59
N SER A 698 3.11 45.08 -0.01
CA SER A 698 2.89 45.08 1.43
C SER A 698 1.74 44.18 1.83
N ARG A 699 0.65 44.23 1.07
CA ARG A 699 -0.54 43.44 1.37
C ARG A 699 -0.22 41.96 1.28
N PHE A 700 -0.46 41.23 2.38
CA PHE A 700 -0.11 39.81 2.41
C PHE A 700 -0.83 39.02 1.33
N PRO A 701 -2.17 38.96 1.30
CA PRO A 701 -2.81 38.30 0.16
C PRO A 701 -2.69 39.19 -1.05
N MET A 702 -1.66 38.96 -1.87
CA MET A 702 -1.33 39.87 -2.97
C MET A 702 -2.56 40.08 -3.84
N PRO A 703 -3.07 41.31 -3.92
CA PRO A 703 -4.30 41.54 -4.69
C PRO A 703 -4.07 41.27 -6.17
N ARG A 704 -5.16 40.93 -6.86
CA ARG A 704 -5.10 40.69 -8.29
C ARG A 704 -4.99 42.02 -9.02
N TYR A 705 -4.12 42.06 -10.03
CA TYR A 705 -3.84 43.28 -10.78
C TYR A 705 -4.59 43.26 -12.10
N ILE A 706 -5.27 44.36 -12.42
CA ILE A 706 -6.10 44.47 -13.62
C ILE A 706 -5.72 45.74 -14.35
N ASP A 707 -5.41 45.62 -15.64
CA ASP A 707 -5.15 46.74 -16.51
C ASP A 707 -6.24 46.72 -17.58
N THR A 708 -7.31 47.48 -17.34
CA THR A 708 -8.46 47.52 -18.22
C THR A 708 -8.64 48.93 -18.78
N GLU A 709 -9.69 49.10 -19.58
CA GLU A 709 -9.95 50.34 -20.27
C GLU A 709 -11.45 50.47 -20.50
N HIS A 710 -11.88 51.60 -21.05
CA HIS A 710 -13.27 51.73 -21.47
C HIS A 710 -13.55 50.73 -22.57
N GLY A 711 -14.65 50.00 -22.44
CA GLY A 711 -14.86 48.89 -23.34
C GLY A 711 -13.86 47.77 -23.12
N GLY A 712 -13.39 47.60 -21.89
CA GLY A 712 -12.57 46.46 -21.56
C GLY A 712 -13.38 45.33 -20.96
N SER A 713 -12.84 44.12 -21.05
CA SER A 713 -13.52 42.96 -20.49
C SER A 713 -13.69 43.11 -18.98
N GLN A 714 -12.61 43.45 -18.29
CA GLN A 714 -12.60 43.56 -16.83
C GLN A 714 -12.91 44.95 -16.33
N ALA A 715 -13.45 45.83 -17.18
CA ALA A 715 -13.99 47.09 -16.70
C ALA A 715 -15.26 46.87 -15.87
N ARG A 716 -15.80 45.66 -15.87
CA ARG A 716 -16.96 45.33 -15.05
C ARG A 716 -16.66 45.53 -13.57
N PHE A 717 -15.42 45.24 -13.14
CA PHE A 717 -15.08 45.34 -11.72
C PHE A 717 -15.16 46.76 -11.22
N LEU A 718 -14.91 47.75 -12.09
CA LEU A 718 -15.00 49.13 -11.67
C LEU A 718 -16.45 49.60 -11.58
N LEU A 719 -17.28 49.20 -12.56
CA LEU A 719 -18.65 49.69 -12.63
C LEU A 719 -19.58 49.06 -11.61
N SER A 720 -19.15 48.01 -10.91
CA SER A 720 -20.01 47.31 -9.96
C SER A 720 -19.97 47.93 -8.58
N LYS A 721 -18.77 48.11 -8.01
CA LYS A 721 -18.62 48.69 -6.69
C LYS A 721 -18.74 50.22 -6.71
N VAL A 722 -18.87 50.82 -7.89
CA VAL A 722 -19.00 52.26 -8.02
C VAL A 722 -20.44 52.65 -7.73
N ASN A 723 -20.79 53.91 -7.98
CA ASN A 723 -22.16 54.42 -7.82
C ASN A 723 -22.59 54.37 -6.36
N ASP A 746 -31.31 51.15 -2.13
CA ASP A 746 -31.42 49.93 -2.91
C ASP A 746 -30.90 50.14 -4.33
N VAL A 747 -30.75 51.41 -4.72
CA VAL A 747 -30.36 51.76 -6.08
C VAL A 747 -29.05 52.53 -6.05
N SER A 748 -29.13 53.82 -5.75
CA SER A 748 -27.97 54.69 -5.68
C SER A 748 -27.88 55.32 -4.30
N LEU A 749 -26.76 56.01 -4.05
CA LEU A 749 -26.55 56.61 -2.74
C LEU A 749 -27.52 57.75 -2.49
N GLN A 750 -27.78 58.57 -3.51
CA GLN A 750 -28.72 59.70 -3.34
C GLN A 750 -30.11 59.21 -2.98
N VAL A 751 -30.61 58.22 -3.72
CA VAL A 751 -31.91 57.63 -3.41
C VAL A 751 -31.88 56.96 -2.05
N PHE A 752 -30.74 56.32 -1.72
CA PHE A 752 -30.61 55.66 -0.43
C PHE A 752 -30.67 56.67 0.72
N MET A 753 -30.05 57.84 0.54
CA MET A 753 -30.03 58.83 1.61
C MET A 753 -31.40 59.49 1.79
N ASP A 754 -32.09 59.77 0.69
CA ASP A 754 -33.41 60.40 0.79
C ASP A 754 -34.42 59.46 1.44
N HIS A 755 -34.38 58.18 1.10
CA HIS A 755 -35.25 57.22 1.77
C HIS A 755 -34.92 57.11 3.25
N LEU A 756 -33.64 57.32 3.62
CA LEU A 756 -33.24 57.26 5.02
C LEU A 756 -33.79 58.45 5.80
N LYS A 757 -33.70 59.66 5.22
CA LYS A 757 -34.17 60.84 5.92
C LYS A 757 -35.68 60.82 6.12
N LYS A 758 -36.42 60.26 5.15
CA LYS A 758 -37.87 60.20 5.27
C LYS A 758 -38.31 59.29 6.40
N LEU A 759 -37.44 58.39 6.86
CA LEU A 759 -37.75 57.49 7.95
C LEU A 759 -37.15 57.91 9.28
N ALA A 760 -36.06 58.68 9.26
CA ALA A 760 -35.49 59.16 10.52
C ALA A 760 -36.34 60.29 11.11
N VAL A 761 -36.85 61.19 10.25
CA VAL A 761 -37.77 62.22 10.72
C VAL A 761 -39.17 61.71 10.95
N SER A 762 -39.34 60.43 10.61
CA SER A 762 -40.57 59.65 10.72
C SER A 762 -40.70 58.94 12.06
N SER A 763 -41.71 58.08 12.17
CA SER A 763 -42.02 57.36 13.40
C SER A 763 -40.74 56.81 14.04
N ALA A 764 -40.74 56.78 15.37
CA ALA A 764 -39.60 56.28 16.14
C ALA A 764 -39.84 54.85 16.62
N GLY B 2 13.13 -65.66 -11.52
CA GLY B 2 12.99 -65.17 -10.16
C GLY B 2 11.68 -65.58 -9.51
N LEU B 3 11.36 -66.87 -9.60
CA LEU B 3 10.13 -67.41 -9.07
C LEU B 3 10.30 -67.98 -7.66
N ARG B 4 11.46 -67.79 -7.05
CA ARG B 4 11.80 -68.49 -5.83
C ARG B 4 10.97 -68.03 -4.64
N VAL B 5 11.07 -68.79 -3.57
CA VAL B 5 10.46 -68.47 -2.27
C VAL B 5 11.59 -68.30 -1.27
N VAL B 6 11.56 -67.20 -0.52
CA VAL B 6 12.66 -66.80 0.35
C VAL B 6 12.23 -66.90 1.80
N ASN B 7 13.12 -67.44 2.64
CA ASN B 7 12.94 -67.47 4.09
C ASN B 7 13.69 -66.29 4.68
N LEU B 8 12.93 -65.26 5.12
CA LEU B 8 13.56 -64.03 5.60
C LEU B 8 14.39 -64.26 6.86
N LEU B 9 14.05 -65.27 7.66
CA LEU B 9 14.78 -65.53 8.89
C LEU B 9 16.14 -66.16 8.64
N GLN B 10 16.37 -66.72 7.45
CA GLN B 10 17.62 -67.41 7.15
C GLN B 10 18.58 -66.55 6.34
N GLU B 11 18.07 -65.63 5.52
CA GLU B 11 18.96 -64.84 4.67
C GLU B 11 19.73 -63.80 5.50
N ARG B 12 19.03 -62.79 6.00
CA ARG B 12 19.50 -61.60 6.70
C ARG B 12 20.52 -60.75 5.93
N ASN B 13 20.84 -61.12 4.69
CA ASN B 13 21.69 -60.35 3.78
C ASN B 13 20.96 -60.19 2.45
N MET B 14 19.68 -59.86 2.55
CA MET B 14 18.80 -59.88 1.38
C MET B 14 19.05 -58.70 0.46
N LEU B 15 19.50 -57.57 1.00
CA LEU B 15 19.67 -56.37 0.18
C LEU B 15 20.82 -56.57 -0.80
N PRO B 16 20.60 -56.36 -2.10
CA PRO B 16 21.68 -56.56 -3.07
C PRO B 16 22.73 -55.48 -2.98
N SER B 17 23.91 -55.79 -3.56
CA SER B 17 25.02 -54.85 -3.55
C SER B 17 24.90 -53.78 -4.61
N THR B 18 24.05 -53.97 -5.60
CA THR B 18 23.85 -53.04 -6.70
C THR B 18 22.51 -52.33 -6.55
N PRO B 19 22.34 -51.16 -7.18
CA PRO B 19 21.07 -50.44 -7.04
C PRO B 19 19.88 -51.26 -7.51
N LEU B 20 18.75 -51.04 -6.84
CA LEU B 20 17.53 -51.76 -7.15
C LEU B 20 16.90 -51.24 -8.43
N LYS B 21 16.67 -52.14 -9.38
CA LYS B 21 16.02 -51.74 -10.62
C LYS B 21 14.52 -52.02 -10.58
N PRO B 22 13.70 -51.16 -11.19
CA PRO B 22 12.27 -51.40 -11.18
C PRO B 22 11.90 -52.63 -11.99
N PRO B 23 10.85 -53.34 -11.62
CA PRO B 23 10.49 -54.55 -12.36
C PRO B 23 10.03 -54.25 -13.77
N VAL B 24 10.23 -55.23 -14.65
CA VAL B 24 9.81 -55.14 -16.05
C VAL B 24 8.47 -55.85 -16.17
N PRO B 25 7.42 -55.17 -16.64
CA PRO B 25 6.11 -55.82 -16.76
C PRO B 25 6.15 -57.00 -17.73
N ASN B 26 5.38 -58.03 -17.42
CA ASN B 26 5.35 -59.25 -18.23
C ASN B 26 4.48 -59.00 -19.45
N LEU B 27 5.06 -58.30 -20.42
CA LEU B 27 4.40 -57.98 -21.67
C LEU B 27 5.14 -58.61 -22.83
N HIS B 28 4.49 -58.63 -23.99
CA HIS B 28 5.15 -59.05 -25.21
C HIS B 28 6.35 -58.14 -25.47
N GLU B 29 7.39 -58.72 -26.10
CA GLU B 29 8.65 -58.01 -26.27
C GLU B 29 8.45 -56.70 -27.01
N ASP B 30 7.55 -56.66 -27.99
CA ASP B 30 7.30 -55.45 -28.75
C ASP B 30 6.42 -54.45 -28.01
N ILE B 31 5.62 -54.91 -27.05
CA ILE B 31 4.82 -53.97 -26.26
C ILE B 31 5.67 -53.33 -25.17
N GLN B 32 6.53 -54.10 -24.53
CA GLN B 32 7.37 -53.57 -23.46
C GLN B 32 8.43 -52.62 -23.99
N LYS B 33 8.87 -52.80 -25.24
CA LYS B 33 9.89 -51.93 -25.81
C LYS B 33 9.40 -50.49 -25.95
N LEU B 34 8.09 -50.28 -26.00
CA LEU B 34 7.49 -48.97 -26.14
C LEU B 34 7.03 -48.39 -24.81
N ASN B 35 7.11 -49.15 -23.73
CA ASN B 35 6.52 -48.73 -22.47
C ASN B 35 7.20 -47.47 -21.93
N CYS B 36 6.46 -46.72 -21.12
CA CYS B 36 6.95 -45.46 -20.59
C CYS B 36 8.16 -45.69 -19.68
N ASN B 37 8.98 -44.65 -19.57
CA ASN B 37 10.12 -44.70 -18.67
C ASN B 37 9.61 -44.85 -17.24
N PRO B 38 10.03 -45.89 -16.50
CA PRO B 38 9.46 -46.14 -15.17
C PRO B 38 9.78 -45.06 -14.14
N GLU B 39 10.68 -44.13 -14.44
CA GLU B 39 10.91 -43.00 -13.57
C GLU B 39 9.85 -41.92 -13.72
N LEU B 40 9.14 -41.90 -14.85
CA LEU B 40 8.04 -40.97 -15.06
C LEU B 40 6.70 -41.53 -14.62
N PHE B 41 6.57 -42.85 -14.61
CA PHE B 41 5.28 -43.50 -14.33
C PHE B 41 5.55 -44.96 -14.01
N ARG B 42 5.10 -45.42 -12.84
CA ARG B 42 5.22 -46.82 -12.47
C ARG B 42 4.05 -47.19 -11.56
N CYS B 43 3.85 -48.50 -11.41
CA CYS B 43 2.71 -49.03 -10.67
C CYS B 43 3.18 -49.96 -9.57
N THR B 44 2.37 -50.06 -8.52
CA THR B 44 2.69 -50.95 -7.41
C THR B 44 2.62 -52.41 -7.84
N LEU B 45 1.68 -52.74 -8.72
CA LEU B 45 1.50 -54.10 -9.22
C LEU B 45 1.63 -54.05 -10.74
N THR B 46 2.79 -54.45 -11.26
CA THR B 46 2.99 -54.47 -12.71
C THR B 46 2.03 -55.45 -13.38
N SER B 47 1.55 -56.46 -12.66
CA SER B 47 0.51 -57.35 -13.15
C SER B 47 -0.79 -56.95 -12.47
N ILE B 48 -1.67 -56.31 -13.23
CA ILE B 48 -2.90 -55.75 -12.66
C ILE B 48 -3.86 -56.89 -12.31
N PRO B 49 -4.41 -56.91 -11.09
CA PRO B 49 -5.39 -57.94 -10.75
C PRO B 49 -6.64 -57.80 -11.61
N GLN B 50 -7.21 -58.94 -11.98
CA GLN B 50 -8.37 -58.94 -12.87
C GLN B 50 -9.65 -58.53 -12.14
N THR B 51 -9.73 -58.79 -10.83
CA THR B 51 -10.93 -58.49 -10.06
C THR B 51 -10.55 -57.78 -8.76
N GLN B 52 -11.52 -57.06 -8.20
CA GLN B 52 -11.30 -56.44 -6.90
C GLN B 52 -11.15 -57.49 -5.82
N ALA B 53 -11.81 -58.63 -5.96
CA ALA B 53 -11.67 -59.71 -4.99
C ALA B 53 -10.24 -60.24 -4.97
N LEU B 54 -9.63 -60.42 -6.14
CA LEU B 54 -8.23 -60.85 -6.19
C LEU B 54 -7.32 -59.79 -5.59
N LEU B 55 -7.61 -58.52 -5.83
CA LEU B 55 -6.82 -57.45 -5.24
C LEU B 55 -6.97 -57.45 -3.71
N ASN B 56 -8.19 -57.69 -3.22
CA ASN B 56 -8.40 -57.72 -1.78
C ASN B 56 -7.68 -58.90 -1.12
N LYS B 57 -7.64 -60.04 -1.82
CA LYS B 57 -6.97 -61.21 -1.27
C LYS B 57 -5.47 -61.00 -1.14
N ALA B 58 -4.86 -60.30 -2.10
CA ALA B 58 -3.43 -60.04 -2.05
C ALA B 58 -3.04 -59.12 -0.89
N LYS B 59 -3.98 -58.32 -0.38
CA LYS B 59 -3.75 -57.38 0.70
C LYS B 59 -2.66 -56.36 0.37
N LEU B 60 -2.41 -56.11 -0.92
CA LEU B 60 -1.46 -55.12 -1.36
C LEU B 60 -2.18 -53.95 -2.02
N PRO B 61 -1.68 -52.73 -1.84
CA PRO B 61 -2.35 -51.57 -2.44
C PRO B 61 -2.07 -51.43 -3.93
N LEU B 62 -3.12 -51.16 -4.70
CA LEU B 62 -3.01 -50.90 -6.13
C LEU B 62 -2.98 -49.40 -6.35
N GLY B 63 -1.94 -48.92 -7.00
CA GLY B 63 -1.82 -47.49 -7.23
C GLY B 63 -0.68 -47.16 -8.16
N LEU B 64 -0.54 -45.87 -8.44
CA LEU B 64 0.42 -45.37 -9.40
C LEU B 64 1.24 -44.24 -8.77
N LEU B 65 2.52 -44.18 -9.14
CA LEU B 65 3.41 -43.10 -8.73
C LEU B 65 4.00 -42.49 -9.98
N LEU B 66 3.83 -41.17 -10.15
CA LEU B 66 4.23 -40.49 -11.38
C LEU B 66 5.07 -39.27 -11.09
N HIS B 67 5.99 -38.98 -12.00
CA HIS B 67 6.87 -37.82 -11.95
C HIS B 67 6.78 -37.12 -13.30
N PRO B 68 5.66 -36.47 -13.59
CA PRO B 68 5.33 -36.16 -14.99
C PRO B 68 6.18 -35.05 -15.59
N PHE B 69 6.53 -34.02 -14.81
CA PHE B 69 7.28 -32.89 -15.33
C PHE B 69 8.79 -33.05 -15.17
N LYS B 70 9.26 -34.28 -14.99
CA LYS B 70 10.68 -34.52 -14.78
C LYS B 70 11.50 -34.08 -15.99
N ASP B 71 12.66 -33.48 -15.71
CA ASP B 71 13.59 -33.13 -16.78
C ASP B 71 13.99 -34.37 -17.56
N LEU B 72 13.99 -34.25 -18.89
CA LEU B 72 14.24 -35.37 -19.78
C LEU B 72 15.48 -35.12 -20.61
N VAL B 73 16.11 -36.21 -21.04
CA VAL B 73 17.24 -36.11 -21.95
C VAL B 73 16.79 -35.71 -23.35
N GLN B 74 15.66 -36.26 -23.78
CA GLN B 74 15.12 -35.99 -25.11
C GLN B 74 13.60 -36.01 -25.03
N LEU B 75 12.96 -35.10 -25.77
CA LEU B 75 11.50 -35.03 -25.74
C LEU B 75 10.93 -34.82 -27.12
N PRO B 76 10.11 -35.75 -27.62
CA PRO B 76 9.47 -35.56 -28.94
C PRO B 76 8.37 -34.50 -28.85
N VAL B 77 8.48 -33.49 -29.69
CA VAL B 77 7.53 -32.37 -29.73
C VAL B 77 6.78 -32.44 -31.04
N VAL B 78 5.52 -32.86 -30.98
CA VAL B 78 4.68 -32.98 -32.17
C VAL B 78 4.07 -31.62 -32.50
N THR B 79 4.05 -31.29 -33.80
CA THR B 79 3.53 -30.02 -34.28
C THR B 79 2.29 -30.19 -35.17
N SER B 80 1.63 -31.35 -35.13
CA SER B 80 0.59 -31.67 -36.09
C SER B 80 -0.54 -30.66 -36.05
N SER B 81 -1.22 -30.51 -37.19
CA SER B 81 -2.31 -29.53 -37.30
C SER B 81 -3.44 -29.86 -36.34
N THR B 82 -3.67 -31.13 -36.05
CA THR B 82 -4.71 -31.54 -35.12
C THR B 82 -4.14 -32.54 -34.13
N ILE B 83 -4.70 -32.52 -32.92
CA ILE B 83 -4.36 -33.50 -31.89
C ILE B 83 -5.37 -34.64 -31.97
N VAL B 84 -4.88 -35.85 -32.16
CA VAL B 84 -5.73 -37.02 -32.38
C VAL B 84 -6.11 -37.58 -31.01
N ARG B 85 -7.40 -37.50 -30.68
CA ARG B 85 -7.93 -38.01 -29.42
C ARG B 85 -9.11 -38.93 -29.70
N CYS B 86 -9.43 -39.78 -28.73
CA CYS B 86 -10.56 -40.67 -28.86
C CYS B 86 -11.86 -39.86 -28.83
N ARG B 87 -12.86 -40.36 -29.57
CA ARG B 87 -14.12 -39.64 -29.72
C ARG B 87 -14.99 -39.69 -28.46
N SER B 88 -14.65 -40.52 -27.48
CA SER B 88 -15.47 -40.67 -26.28
C SER B 88 -14.74 -40.12 -25.05
N CYS B 89 -13.75 -40.84 -24.53
CA CYS B 89 -13.05 -40.42 -23.32
C CYS B 89 -11.93 -39.43 -23.60
N ARG B 90 -11.80 -38.96 -24.84
CA ARG B 90 -10.81 -37.96 -25.23
C ARG B 90 -9.38 -38.42 -24.92
N THR B 91 -9.15 -39.73 -24.93
CA THR B 91 -7.82 -40.27 -24.68
C THR B 91 -6.92 -39.97 -25.87
N TYR B 92 -5.72 -39.44 -25.58
CA TYR B 92 -4.76 -39.14 -26.64
C TYR B 92 -4.24 -40.44 -27.25
N ILE B 93 -4.16 -40.46 -28.58
CA ILE B 93 -3.70 -41.65 -29.28
C ILE B 93 -2.29 -41.99 -28.83
N ASN B 94 -2.07 -43.25 -28.48
CA ASN B 94 -0.85 -43.67 -27.82
C ASN B 94 -0.30 -44.95 -28.45
N PRO B 95 0.95 -45.34 -28.16
CA PRO B 95 1.52 -46.53 -28.82
C PRO B 95 0.77 -47.83 -28.54
N PHE B 96 -0.15 -47.86 -27.57
CA PHE B 96 -0.79 -49.10 -27.16
C PHE B 96 -2.23 -49.21 -27.65
N VAL B 97 -2.59 -48.45 -28.69
CA VAL B 97 -3.90 -48.57 -29.31
C VAL B 97 -3.88 -49.77 -30.25
N SER B 98 -5.02 -50.06 -30.88
CA SER B 98 -5.14 -51.20 -31.79
C SER B 98 -5.63 -50.70 -33.13
N PHE B 99 -4.74 -50.70 -34.13
CA PHE B 99 -5.14 -50.44 -35.50
C PHE B 99 -5.71 -51.70 -36.12
N LEU B 100 -6.81 -51.54 -36.87
CA LEU B 100 -7.43 -52.67 -37.55
C LEU B 100 -7.52 -52.44 -39.06
N ASP B 101 -8.22 -51.39 -39.50
CA ASP B 101 -8.44 -51.15 -40.92
C ASP B 101 -7.42 -50.18 -41.53
N GLN B 102 -6.28 -50.00 -40.87
CA GLN B 102 -5.19 -49.13 -41.32
C GLN B 102 -5.60 -47.65 -41.38
N ARG B 103 -6.89 -47.36 -41.24
CA ARG B 103 -7.37 -46.01 -40.96
C ARG B 103 -8.51 -46.03 -39.95
N ARG B 104 -8.50 -47.02 -39.05
CA ARG B 104 -9.41 -47.10 -37.91
C ARG B 104 -8.63 -47.68 -36.74
N TRP B 105 -8.63 -46.99 -35.61
CA TRP B 105 -7.91 -47.45 -34.43
C TRP B 105 -8.87 -47.65 -33.26
N LYS B 106 -8.62 -48.68 -32.47
CA LYS B 106 -9.43 -49.02 -31.31
C LYS B 106 -8.80 -48.41 -30.06
N CYS B 107 -9.58 -47.60 -29.34
CA CYS B 107 -9.07 -46.94 -28.14
C CYS B 107 -8.73 -47.98 -27.08
N ASN B 108 -7.54 -47.85 -26.50
CA ASN B 108 -7.07 -48.83 -25.51
C ASN B 108 -7.64 -48.56 -24.12
N LEU B 109 -8.48 -47.55 -23.95
CA LEU B 109 -9.08 -47.27 -22.65
C LEU B 109 -10.60 -47.42 -22.62
N CYS B 110 -11.29 -47.19 -23.74
CA CYS B 110 -12.73 -47.40 -23.81
C CYS B 110 -13.15 -48.34 -24.94
N TYR B 111 -12.19 -48.90 -25.68
CA TYR B 111 -12.44 -49.94 -26.68
C TYR B 111 -13.26 -49.44 -27.86
N ARG B 112 -13.37 -48.12 -28.03
CA ARG B 112 -14.14 -47.55 -29.14
C ARG B 112 -13.25 -47.39 -30.36
N VAL B 113 -13.83 -47.64 -31.53
CA VAL B 113 -13.13 -47.50 -32.81
C VAL B 113 -13.24 -46.05 -33.27
N ASN B 114 -12.13 -45.49 -33.72
CA ASN B 114 -12.06 -44.10 -34.12
C ASN B 114 -11.50 -43.97 -35.54
N ASP B 115 -11.93 -42.91 -36.23
CA ASP B 115 -11.40 -42.59 -37.55
C ASP B 115 -9.99 -42.05 -37.43
N VAL B 116 -9.03 -42.71 -38.07
CA VAL B 116 -7.68 -42.16 -38.17
C VAL B 116 -7.77 -40.93 -39.07
N PRO B 117 -7.45 -39.74 -38.58
CA PRO B 117 -7.69 -38.53 -39.35
C PRO B 117 -6.70 -38.39 -40.49
N GLU B 118 -7.12 -37.64 -41.51
CA GLU B 118 -6.34 -37.48 -42.73
C GLU B 118 -5.04 -36.71 -42.48
N GLU B 119 -4.25 -37.15 -41.51
CA GLU B 119 -2.99 -36.50 -41.17
C GLU B 119 -1.88 -37.56 -41.03
N GLU B 131 1.11 -44.46 -43.87
CA GLU B 131 1.19 -45.34 -42.72
C GLU B 131 1.09 -44.56 -41.42
N PRO B 132 -0.01 -44.74 -40.68
CA PRO B 132 -0.18 -44.00 -39.42
C PRO B 132 0.53 -44.64 -38.24
N HIS B 133 0.96 -45.90 -38.35
CA HIS B 133 1.69 -46.55 -37.27
C HIS B 133 3.10 -46.00 -37.11
N ARG B 134 3.66 -45.38 -38.14
CA ARG B 134 4.95 -44.72 -38.05
C ARG B 134 4.87 -43.33 -37.42
N ARG B 135 3.66 -42.82 -37.20
CA ARG B 135 3.49 -41.48 -36.66
C ARG B 135 4.11 -41.41 -35.26
N PRO B 136 4.84 -40.33 -34.95
CA PRO B 136 5.52 -40.27 -33.64
C PRO B 136 4.59 -40.37 -32.45
N GLU B 137 3.31 -40.00 -32.59
CA GLU B 137 2.36 -40.14 -31.50
C GLU B 137 2.09 -41.60 -31.15
N VAL B 138 2.45 -42.54 -32.00
CA VAL B 138 2.26 -43.96 -31.76
C VAL B 138 3.56 -44.70 -31.52
N GLN B 139 4.70 -43.99 -31.55
CA GLN B 139 6.01 -44.62 -31.33
C GLN B 139 6.70 -44.14 -30.06
N ASN B 140 6.08 -43.23 -29.31
CA ASN B 140 6.69 -42.67 -28.11
C ASN B 140 5.65 -42.60 -27.00
N ALA B 141 5.93 -43.27 -25.88
CA ALA B 141 5.00 -43.24 -24.75
C ALA B 141 5.01 -41.91 -24.04
N THR B 142 6.08 -41.12 -24.19
CA THR B 142 6.16 -39.77 -23.64
C THR B 142 6.36 -38.79 -24.78
N ILE B 143 5.50 -37.77 -24.84
CA ILE B 143 5.47 -36.87 -25.99
C ILE B 143 4.86 -35.55 -25.52
N GLU B 144 5.16 -34.47 -26.24
CA GLU B 144 4.66 -33.15 -25.90
C GLU B 144 4.00 -32.52 -27.13
N PHE B 145 2.76 -32.06 -26.97
CA PHE B 145 1.99 -31.43 -28.04
C PHE B 145 2.02 -29.91 -27.89
N MET B 146 1.77 -29.24 -29.02
CA MET B 146 1.51 -27.81 -29.02
C MET B 146 0.00 -27.60 -28.94
N ALA B 147 -0.47 -27.17 -27.77
CA ALA B 147 -1.90 -27.09 -27.55
C ALA B 147 -2.52 -26.03 -28.46
N PRO B 148 -3.60 -26.35 -29.19
CA PRO B 148 -4.24 -25.33 -30.03
C PRO B 148 -5.02 -24.30 -29.21
N SER B 149 -5.88 -23.53 -29.89
CA SER B 149 -6.54 -22.40 -29.23
C SER B 149 -7.59 -22.86 -28.23
N GLU B 150 -8.24 -24.01 -28.48
CA GLU B 150 -9.31 -24.46 -27.61
C GLU B 150 -8.83 -24.95 -26.25
N TYR B 151 -7.52 -25.05 -26.04
CA TYR B 151 -6.96 -25.48 -24.77
C TYR B 151 -6.52 -24.29 -23.91
N MET B 152 -6.93 -23.08 -24.26
CA MET B 152 -6.55 -21.88 -23.52
C MET B 152 -7.80 -21.20 -22.99
N LEU B 153 -7.82 -20.94 -21.68
CA LEU B 153 -8.87 -20.13 -21.09
C LEU B 153 -8.62 -18.64 -21.27
N ARG B 154 -7.38 -18.26 -21.55
CA ARG B 154 -6.96 -16.87 -21.67
C ARG B 154 -5.63 -16.85 -22.40
N PRO B 155 -5.19 -15.68 -22.87
CA PRO B 155 -3.85 -15.58 -23.45
C PRO B 155 -2.80 -16.10 -22.49
N PRO B 156 -1.74 -16.75 -23.00
CA PRO B 156 -0.73 -17.32 -22.11
C PRO B 156 -0.16 -16.31 -21.14
N GLN B 157 -0.28 -16.59 -19.85
CA GLN B 157 0.16 -15.64 -18.84
C GLN B 157 1.69 -15.54 -18.83
N PRO B 158 2.22 -14.36 -18.55
CA PRO B 158 3.67 -14.21 -18.47
C PRO B 158 4.21 -14.85 -17.21
N PRO B 159 5.52 -15.11 -17.13
CA PRO B 159 6.10 -15.58 -15.87
C PRO B 159 6.17 -14.45 -14.86
N VAL B 160 5.58 -14.69 -13.68
CA VAL B 160 5.50 -13.70 -12.62
C VAL B 160 6.08 -14.32 -11.35
N TYR B 161 7.10 -13.67 -10.80
CA TYR B 161 7.77 -14.14 -9.58
C TYR B 161 7.63 -13.06 -8.51
N LEU B 162 6.94 -13.39 -7.42
CA LEU B 162 6.76 -12.48 -6.30
C LEU B 162 7.44 -13.08 -5.08
N PHE B 163 8.34 -12.32 -4.47
CA PHE B 163 9.12 -12.77 -3.32
C PHE B 163 8.65 -12.03 -2.07
N VAL B 164 8.26 -12.78 -1.05
CA VAL B 164 7.72 -12.23 0.18
C VAL B 164 8.65 -12.61 1.32
N PHE B 165 9.16 -11.60 2.03
CA PHE B 165 10.22 -11.77 3.02
C PHE B 165 9.73 -11.36 4.40
N ASP B 166 10.01 -12.20 5.39
CA ASP B 166 9.80 -11.84 6.79
C ASP B 166 10.99 -11.04 7.29
N VAL B 167 10.72 -9.86 7.85
CA VAL B 167 11.78 -8.96 8.28
C VAL B 167 11.63 -8.60 9.75
N SER B 168 11.08 -9.52 10.53
CA SER B 168 10.96 -9.32 11.97
C SER B 168 12.35 -9.36 12.61
N HIS B 169 12.39 -9.15 13.93
CA HIS B 169 13.67 -9.15 14.63
C HIS B 169 14.31 -10.54 14.61
N ASN B 170 13.51 -11.59 14.80
CA ASN B 170 14.05 -12.95 14.73
C ASN B 170 14.58 -13.25 13.35
N ALA B 171 13.88 -12.83 12.30
CA ALA B 171 14.33 -13.09 10.93
C ALA B 171 15.63 -12.37 10.65
N VAL B 172 15.76 -11.12 11.10
CA VAL B 172 17.00 -10.38 10.90
C VAL B 172 18.16 -11.06 11.59
N GLU B 173 17.91 -11.67 12.75
CA GLU B 173 18.98 -12.34 13.48
C GLU B 173 19.46 -13.59 12.75
N THR B 174 18.60 -14.25 11.99
CA THR B 174 19.03 -15.42 11.23
C THR B 174 19.97 -15.04 10.09
N GLY B 175 19.79 -13.85 9.53
CA GLY B 175 20.62 -13.45 8.41
C GLY B 175 20.30 -14.17 7.12
N TYR B 176 19.10 -14.73 6.99
CA TYR B 176 18.76 -15.46 5.77
C TYR B 176 18.61 -14.53 4.58
N LEU B 177 18.16 -13.29 4.82
CA LEU B 177 17.87 -12.37 3.72
C LEU B 177 19.12 -12.03 2.93
N ASN B 178 20.30 -12.12 3.56
CA ASN B 178 21.54 -11.78 2.88
C ASN B 178 21.84 -12.76 1.75
N SER B 179 21.65 -14.06 1.98
CA SER B 179 21.94 -15.05 0.95
C SER B 179 20.84 -15.15 -0.09
N VAL B 180 19.58 -14.93 0.31
CA VAL B 180 18.47 -14.99 -0.64
C VAL B 180 18.62 -13.87 -1.67
N CYS B 181 18.88 -12.64 -1.21
CA CYS B 181 19.08 -11.54 -2.13
C CYS B 181 20.33 -11.76 -2.99
N GLN B 182 21.32 -12.47 -2.47
CA GLN B 182 22.52 -12.77 -3.26
C GLN B 182 22.23 -13.82 -4.32
N SER B 183 21.45 -14.85 -3.98
CA SER B 183 21.09 -15.86 -4.98
C SER B 183 20.23 -15.26 -6.07
N LEU B 184 19.35 -14.32 -5.72
CA LEU B 184 18.55 -13.64 -6.73
C LEU B 184 19.43 -12.80 -7.65
N LEU B 185 20.41 -12.08 -7.09
CA LEU B 185 21.31 -11.30 -7.93
C LEU B 185 22.14 -12.20 -8.85
N ASP B 186 22.56 -13.37 -8.34
CA ASP B 186 23.38 -14.26 -9.14
C ASP B 186 22.58 -14.92 -10.26
N ASN B 187 21.32 -15.26 -9.99
CA ASN B 187 20.49 -16.01 -10.93
C ASN B 187 19.39 -15.15 -11.53
N LEU B 188 19.60 -13.83 -11.61
CA LEU B 188 18.56 -12.95 -12.14
C LEU B 188 18.33 -13.20 -13.63
N ASP B 189 19.40 -13.46 -14.38
CA ASP B 189 19.26 -13.79 -15.79
C ASP B 189 18.83 -15.23 -16.02
N LEU B 190 18.96 -16.09 -15.02
CA LEU B 190 18.62 -17.50 -15.17
C LEU B 190 17.18 -17.81 -14.80
N LEU B 191 16.42 -16.83 -14.34
CA LEU B 191 15.01 -17.04 -14.08
C LEU B 191 14.30 -17.41 -15.39
N PRO B 192 13.49 -18.47 -15.42
CA PRO B 192 12.82 -18.85 -16.66
C PRO B 192 11.85 -17.78 -17.11
N GLY B 193 11.87 -17.49 -18.41
CA GLY B 193 10.98 -16.54 -19.01
C GLY B 193 11.60 -15.81 -20.16
N ASN B 194 10.81 -14.96 -20.78
CA ASN B 194 11.20 -14.14 -21.91
C ASN B 194 11.09 -12.70 -21.49
N THR B 195 10.87 -11.83 -22.45
CA THR B 195 10.77 -10.43 -22.16
C THR B 195 9.54 -10.08 -21.38
N ARG B 196 8.58 -10.96 -21.30
CA ARG B 196 7.36 -10.71 -20.55
C ARG B 196 7.49 -10.98 -19.06
N THR B 197 8.68 -11.36 -18.61
CA THR B 197 8.87 -11.74 -17.21
C THR B 197 8.64 -10.54 -16.29
N LYS B 198 7.85 -10.75 -15.24
CA LYS B 198 7.61 -9.75 -14.22
C LYS B 198 8.11 -10.24 -12.87
N ILE B 199 8.55 -9.29 -12.03
CA ILE B 199 9.10 -9.60 -10.72
C ILE B 199 8.62 -8.56 -9.71
N GLY B 200 8.44 -9.00 -8.47
CA GLY B 200 7.98 -8.13 -7.40
C GLY B 200 8.56 -8.54 -6.08
N PHE B 201 8.38 -7.68 -5.07
CA PHE B 201 8.97 -7.89 -3.76
C PHE B 201 8.03 -7.34 -2.68
N ILE B 202 7.91 -8.10 -1.60
CA ILE B 202 7.13 -7.69 -0.42
C ILE B 202 7.89 -8.13 0.82
N THR B 203 7.93 -7.25 1.80
CA THR B 203 8.53 -7.54 3.09
C THR B 203 7.48 -7.30 4.14
N PHE B 204 7.59 -7.93 5.28
CA PHE B 204 6.59 -7.69 6.28
C PHE B 204 7.07 -8.02 7.69
N ASP B 205 6.36 -7.50 8.67
CA ASP B 205 6.60 -7.74 10.07
C ASP B 205 5.27 -7.49 10.72
N SER B 206 5.07 -6.35 11.37
CA SER B 206 3.76 -6.06 11.83
C SER B 206 3.00 -5.31 10.77
N THR B 207 3.67 -4.85 9.74
CA THR B 207 3.07 -4.14 8.64
C THR B 207 3.54 -4.67 7.29
N ILE B 208 2.81 -4.42 6.24
CA ILE B 208 3.17 -4.91 4.94
C ILE B 208 3.84 -3.85 4.16
N HIS B 209 4.93 -4.19 3.55
CA HIS B 209 5.80 -3.25 2.86
C HIS B 209 5.86 -3.63 1.38
N PHE B 210 5.29 -2.77 0.53
CA PHE B 210 5.43 -2.91 -0.91
C PHE B 210 6.62 -2.11 -1.40
N TYR B 211 7.13 -2.48 -2.57
CA TYR B 211 8.31 -1.83 -3.13
C TYR B 211 8.04 -1.46 -4.59
N GLY B 212 7.92 -0.15 -4.85
CA GLY B 212 7.73 0.33 -6.20
C GLY B 212 9.06 0.64 -6.87
N LEU B 213 9.15 0.30 -8.16
CA LEU B 213 10.39 0.42 -8.92
C LEU B 213 10.10 1.20 -10.21
N GLN B 214 10.66 2.40 -10.31
CA GLN B 214 10.54 3.22 -11.51
C GLN B 214 11.89 3.85 -11.82
N GLU B 215 12.21 3.97 -13.11
CA GLU B 215 13.42 4.66 -13.51
C GLU B 215 13.33 6.17 -13.30
N SER B 216 12.11 6.71 -13.29
CA SER B 216 11.91 8.14 -13.08
C SER B 216 12.29 8.59 -11.67
N LEU B 217 12.58 7.67 -10.76
CA LEU B 217 12.90 7.98 -9.38
C LEU B 217 14.30 7.50 -9.03
N SER B 218 14.96 8.26 -8.16
CA SER B 218 16.35 7.96 -7.80
C SER B 218 16.47 6.65 -7.02
N GLN B 219 15.48 6.34 -6.19
CA GLN B 219 15.52 5.19 -5.31
C GLN B 219 14.19 4.47 -5.37
N PRO B 220 14.15 3.18 -5.05
CA PRO B 220 12.87 2.48 -4.91
C PRO B 220 12.02 3.10 -3.82
N GLN B 221 10.76 2.71 -3.78
CA GLN B 221 9.79 3.24 -2.83
C GLN B 221 9.27 2.13 -1.93
N MET B 222 9.38 2.33 -0.62
CA MET B 222 8.89 1.37 0.36
C MET B 222 7.55 1.88 0.87
N LEU B 223 6.47 1.26 0.41
CA LEU B 223 5.10 1.68 0.71
C LEU B 223 4.54 0.76 1.80
N ILE B 224 4.20 1.34 2.94
CA ILE B 224 3.78 0.58 4.11
C ILE B 224 2.26 0.62 4.20
N VAL B 225 1.64 -0.54 4.14
CA VAL B 225 0.21 -0.70 4.41
C VAL B 225 0.08 -1.15 5.86
N SER B 226 -0.44 -0.26 6.71
CA SER B 226 -0.50 -0.54 8.14
C SER B 226 -1.87 -1.02 8.60
N ASP B 227 -2.88 -0.99 7.75
CA ASP B 227 -4.20 -1.52 8.10
C ASP B 227 -4.16 -3.03 7.89
N ILE B 228 -3.88 -3.76 8.97
CA ILE B 228 -3.65 -5.20 8.86
C ILE B 228 -4.93 -5.93 8.52
N GLU B 229 -6.07 -5.46 9.05
CA GLU B 229 -7.36 -6.10 8.85
C GLU B 229 -8.04 -5.66 7.55
N ASP B 230 -7.38 -4.85 6.74
CA ASP B 230 -7.97 -4.38 5.49
C ASP B 230 -6.87 -4.05 4.49
N VAL B 231 -6.22 -5.07 3.94
CA VAL B 231 -5.06 -4.86 3.08
C VAL B 231 -5.51 -4.40 1.69
N PHE B 232 -4.63 -3.67 1.01
CA PHE B 232 -4.92 -3.17 -0.34
C PHE B 232 -3.60 -2.95 -1.06
N ILE B 233 -3.71 -2.69 -2.36
CA ILE B 233 -2.55 -2.43 -3.21
C ILE B 233 -2.34 -0.92 -3.28
N PRO B 234 -1.19 -0.40 -2.84
CA PRO B 234 -1.04 1.07 -2.74
C PRO B 234 -0.74 1.75 -4.06
N MET B 235 -0.33 1.02 -5.09
CA MET B 235 0.06 1.63 -6.36
C MET B 235 -0.40 0.73 -7.50
N PRO B 236 -1.04 1.29 -8.54
CA PRO B 236 -1.54 0.45 -9.63
C PRO B 236 -0.45 -0.10 -10.53
N GLU B 237 0.72 0.51 -10.56
CA GLU B 237 1.81 0.10 -11.43
C GLU B 237 3.10 0.07 -10.62
N ASN B 238 4.15 -0.46 -11.24
CA ASN B 238 5.52 -0.43 -10.76
C ASN B 238 5.74 -1.25 -9.50
N LEU B 239 4.75 -2.02 -9.07
CA LEU B 239 4.97 -2.99 -8.00
C LEU B 239 5.41 -4.34 -8.54
N LEU B 240 4.77 -4.79 -9.63
CA LEU B 240 5.22 -5.94 -10.41
C LEU B 240 5.80 -5.38 -11.71
N VAL B 241 7.12 -5.27 -11.76
CA VAL B 241 7.80 -4.57 -12.84
C VAL B 241 8.33 -5.58 -13.84
N ASN B 242 8.58 -5.09 -15.06
CA ASN B 242 9.21 -5.92 -16.08
C ASN B 242 10.68 -6.10 -15.76
N LEU B 243 11.14 -7.35 -15.76
CA LEU B 243 12.47 -7.67 -15.25
C LEU B 243 13.57 -7.05 -16.10
N ASN B 244 13.58 -7.36 -17.40
CA ASN B 244 14.69 -6.92 -18.24
C ASN B 244 14.68 -5.42 -18.47
N GLU B 245 13.50 -4.79 -18.39
CA GLU B 245 13.44 -3.34 -18.52
C GLU B 245 13.90 -2.64 -17.24
N SER B 246 13.58 -3.22 -16.09
CA SER B 246 13.96 -2.68 -14.80
C SER B 246 15.05 -3.51 -14.12
N LYS B 247 15.95 -4.09 -14.93
CA LYS B 247 16.99 -4.96 -14.40
C LYS B 247 17.83 -4.24 -13.36
N GLU B 248 18.38 -3.07 -13.73
CA GLU B 248 19.24 -2.33 -12.81
C GLU B 248 18.48 -1.85 -11.58
N LEU B 249 17.19 -1.57 -11.73
CA LEU B 249 16.39 -1.12 -10.60
C LEU B 249 16.08 -2.28 -9.65
N VAL B 250 15.97 -3.50 -10.17
CA VAL B 250 15.78 -4.67 -9.32
C VAL B 250 17.09 -4.99 -8.59
N GLN B 251 18.22 -4.80 -9.27
CA GLN B 251 19.50 -5.16 -8.67
C GLN B 251 19.87 -4.24 -7.52
N ASP B 252 19.53 -2.94 -7.62
CA ASP B 252 19.82 -2.02 -6.53
C ASP B 252 19.02 -2.34 -5.29
N LEU B 253 17.76 -2.78 -5.46
CA LEU B 253 16.95 -3.14 -4.30
C LEU B 253 17.48 -4.39 -3.62
N LEU B 254 17.91 -5.38 -4.41
CA LEU B 254 18.45 -6.61 -3.83
C LEU B 254 19.75 -6.38 -3.08
N LYS B 255 20.47 -5.30 -3.39
CA LYS B 255 21.68 -4.94 -2.65
C LYS B 255 21.38 -4.13 -1.39
N THR B 256 20.25 -3.43 -1.37
CA THR B 256 19.91 -2.58 -0.23
C THR B 256 19.02 -3.28 0.78
N LEU B 257 18.25 -4.28 0.35
CA LEU B 257 17.26 -4.90 1.22
C LEU B 257 17.86 -5.48 2.50
N PRO B 258 18.95 -6.26 2.47
CA PRO B 258 19.49 -6.81 3.73
C PRO B 258 20.07 -5.77 4.66
N GLN B 259 20.00 -4.48 4.34
CA GLN B 259 20.59 -3.44 5.15
C GLN B 259 19.55 -2.50 5.76
N MET B 260 18.26 -2.70 5.47
CA MET B 260 17.26 -1.74 5.93
C MET B 260 16.76 -2.07 7.32
N PHE B 261 16.83 -3.34 7.72
CA PHE B 261 16.18 -3.81 8.94
C PHE B 261 17.19 -4.29 9.97
N THR B 262 18.39 -3.72 9.98
CA THR B 262 19.42 -4.15 10.92
C THR B 262 19.01 -3.85 12.36
N LYS B 263 18.55 -2.62 12.60
CA LYS B 263 18.15 -2.17 13.94
C LYS B 263 16.68 -2.41 14.22
N THR B 264 16.08 -3.41 13.60
CA THR B 264 14.64 -3.65 13.74
C THR B 264 14.34 -4.24 15.12
N LEU B 265 13.37 -3.64 15.81
CA LEU B 265 12.84 -4.16 17.06
C LEU B 265 11.49 -4.85 16.89
N GLU B 266 10.97 -4.92 15.67
CA GLU B 266 9.70 -5.59 15.41
C GLU B 266 9.84 -7.09 15.67
N THR B 267 9.08 -7.60 16.65
CA THR B 267 9.15 -9.00 17.00
C THR B 267 7.96 -9.82 16.51
N GLN B 268 6.82 -9.18 16.25
CA GLN B 268 5.64 -9.89 15.78
C GLN B 268 5.60 -9.94 14.25
N SER B 269 5.04 -11.01 13.71
CA SER B 269 4.96 -11.22 12.28
C SER B 269 3.51 -11.44 11.87
N ALA B 270 3.04 -10.64 10.92
CA ALA B 270 1.67 -10.77 10.41
C ALA B 270 1.70 -11.47 9.06
N LEU B 271 1.90 -12.78 9.10
CA LEU B 271 2.06 -13.56 7.87
C LEU B 271 0.77 -13.60 7.07
N GLY B 272 -0.36 -13.84 7.73
CA GLY B 272 -1.64 -13.95 7.09
C GLY B 272 -1.97 -12.76 6.22
N PRO B 273 -2.08 -11.57 6.82
CA PRO B 273 -2.37 -10.38 6.01
C PRO B 273 -1.33 -10.10 4.94
N ALA B 274 -0.07 -10.44 5.19
CA ALA B 274 0.95 -10.28 4.16
C ALA B 274 0.65 -11.17 2.95
N LEU B 275 0.26 -12.42 3.21
CA LEU B 275 -0.13 -13.31 2.11
C LEU B 275 -1.38 -12.82 1.41
N GLN B 276 -2.31 -12.21 2.16
CA GLN B 276 -3.50 -11.63 1.54
C GLN B 276 -3.13 -10.50 0.61
N ALA B 277 -2.19 -9.65 1.01
CA ALA B 277 -1.74 -8.58 0.12
C ALA B 277 -0.99 -9.15 -1.08
N ALA B 278 -0.20 -10.20 -0.86
CA ALA B 278 0.56 -10.79 -1.96
C ALA B 278 -0.37 -11.48 -2.95
N PHE B 279 -1.45 -12.11 -2.47
CA PHE B 279 -2.42 -12.71 -3.37
C PHE B 279 -3.10 -11.66 -4.23
N LYS B 280 -3.50 -10.54 -3.61
CA LYS B 280 -4.14 -9.46 -4.36
C LYS B 280 -3.22 -8.89 -5.43
N LEU B 281 -1.91 -8.85 -5.16
CA LEU B 281 -0.98 -8.32 -6.15
C LEU B 281 -0.83 -9.25 -7.35
N MET B 282 -0.94 -10.57 -7.13
CA MET B 282 -0.80 -11.54 -8.21
C MET B 282 -2.14 -12.02 -8.75
N SER B 283 -3.25 -11.70 -8.10
CA SER B 283 -4.56 -12.15 -8.55
C SER B 283 -4.83 -11.87 -10.03
N PRO B 284 -4.48 -10.71 -10.60
CA PRO B 284 -4.77 -10.50 -12.03
C PRO B 284 -4.07 -11.48 -12.96
N THR B 285 -2.80 -11.80 -12.71
CA THR B 285 -2.01 -12.60 -13.63
C THR B 285 -1.72 -14.00 -13.15
N GLY B 286 -1.40 -14.18 -11.87
CA GLY B 286 -0.94 -15.46 -11.39
C GLY B 286 0.58 -15.58 -11.50
N GLY B 287 1.08 -16.68 -10.97
CA GLY B 287 2.51 -16.96 -11.01
C GLY B 287 2.96 -17.69 -9.77
N ARG B 288 4.26 -17.56 -9.49
CA ARG B 288 4.91 -18.23 -8.37
C ARG B 288 5.18 -17.24 -7.25
N MET B 289 4.77 -17.60 -6.04
CA MET B 289 4.97 -16.79 -4.84
C MET B 289 5.97 -17.50 -3.95
N SER B 290 7.05 -16.81 -3.60
CA SER B 290 8.11 -17.36 -2.75
C SER B 290 8.06 -16.66 -1.40
N VAL B 291 7.59 -17.37 -0.39
CA VAL B 291 7.38 -16.81 0.95
C VAL B 291 8.48 -17.32 1.86
N PHE B 292 9.09 -16.41 2.61
CA PHE B 292 10.19 -16.72 3.52
C PHE B 292 9.78 -16.30 4.93
N GLN B 293 9.50 -17.29 5.78
CA GLN B 293 9.00 -17.06 7.12
C GLN B 293 9.92 -17.74 8.12
N THR B 294 10.16 -17.09 9.26
CA THR B 294 11.12 -17.58 10.24
C THR B 294 10.55 -17.79 11.64
N GLN B 295 9.26 -17.58 11.84
CA GLN B 295 8.70 -17.72 13.19
C GLN B 295 7.21 -17.97 13.10
N LEU B 296 6.61 -18.20 14.27
CA LEU B 296 5.18 -18.48 14.34
C LEU B 296 4.37 -17.22 14.03
N PRO B 297 3.35 -17.30 13.18
CA PRO B 297 2.51 -16.12 12.93
C PRO B 297 1.67 -15.79 14.15
N THR B 298 1.72 -14.52 14.57
CA THR B 298 1.09 -14.11 15.82
C THR B 298 0.22 -12.86 15.72
N LEU B 299 0.15 -12.21 14.56
CA LEU B 299 -0.55 -10.94 14.44
C LEU B 299 -1.52 -11.00 13.25
N GLY B 300 -2.77 -10.66 13.50
CA GLY B 300 -3.76 -10.56 12.45
C GLY B 300 -4.42 -11.88 12.13
N VAL B 301 -5.07 -11.92 10.96
CA VAL B 301 -5.67 -13.15 10.49
C VAL B 301 -4.59 -14.18 10.23
N GLY B 302 -4.93 -15.44 10.46
CA GLY B 302 -3.95 -16.50 10.33
C GLY B 302 -3.04 -16.65 11.52
N ALA B 303 -3.36 -16.03 12.64
CA ALA B 303 -2.54 -16.18 13.84
C ALA B 303 -2.62 -17.63 14.34
N LEU B 304 -1.51 -18.11 14.88
CA LEU B 304 -1.40 -19.49 15.32
C LEU B 304 -0.89 -19.53 16.76
N LYS B 305 -1.56 -20.31 17.60
CA LYS B 305 -1.17 -20.40 19.00
C LYS B 305 0.21 -21.06 19.13
N PRO B 306 0.94 -20.73 20.19
CA PRO B 306 2.15 -21.51 20.52
C PRO B 306 1.76 -22.90 21.00
N ARG B 307 2.76 -23.79 21.01
CA ARG B 307 2.54 -25.14 21.46
C ARG B 307 3.79 -25.67 22.14
N GLU B 308 3.59 -26.48 23.18
CA GLU B 308 4.70 -27.17 23.82
C GLU B 308 5.06 -28.41 23.01
N GLU B 309 6.34 -28.57 22.73
CA GLU B 309 6.83 -29.62 21.85
C GLU B 309 6.98 -30.95 22.59
N PRO B 310 6.80 -32.06 21.89
CA PRO B 310 6.91 -33.37 22.55
C PRO B 310 8.36 -33.75 22.80
N ASN B 311 8.54 -34.77 23.61
CA ASN B 311 9.85 -35.35 23.90
C ASN B 311 9.76 -36.86 23.72
N HIS B 312 10.87 -37.55 24.04
CA HIS B 312 10.94 -39.00 23.89
C HIS B 312 9.94 -39.73 24.78
N ARG B 313 9.35 -39.05 25.75
CA ARG B 313 8.42 -39.67 26.70
C ARG B 313 6.98 -39.60 26.26
N SER B 314 6.63 -38.69 25.35
CA SER B 314 5.24 -38.43 25.04
C SER B 314 4.61 -39.58 24.27
N SER B 315 3.32 -39.82 24.54
CA SER B 315 2.57 -40.86 23.86
C SER B 315 2.09 -40.37 22.49
N ALA B 316 1.60 -41.32 21.68
CA ALA B 316 1.14 -41.02 20.33
C ALA B 316 -0.28 -40.43 20.38
N LYS B 317 -0.33 -39.19 20.87
CA LYS B 317 -1.59 -38.45 20.99
C LYS B 317 -1.33 -36.96 20.79
N MET B 321 -0.60 -32.72 14.89
CA MET B 321 -0.28 -33.00 13.50
C MET B 321 -1.27 -32.35 12.54
N THR B 322 -2.53 -32.26 12.95
CA THR B 322 -3.56 -31.65 12.13
C THR B 322 -3.41 -30.13 12.13
N PRO B 323 -3.90 -29.47 11.09
CA PRO B 323 -3.86 -28.00 11.08
C PRO B 323 -4.64 -27.40 12.24
N SER B 324 -4.14 -26.28 12.75
CA SER B 324 -4.80 -25.57 13.84
C SER B 324 -5.87 -24.61 13.36
N THR B 325 -5.82 -24.20 12.09
CA THR B 325 -6.83 -23.34 11.51
C THR B 325 -6.99 -23.70 10.04
N ASP B 326 -8.06 -23.19 9.43
CA ASP B 326 -8.34 -23.38 8.02
C ASP B 326 -8.03 -22.13 7.20
N PHE B 327 -7.38 -21.13 7.80
CA PHE B 327 -7.10 -19.89 7.09
C PHE B 327 -6.19 -20.14 5.90
N TYR B 328 -5.02 -20.74 6.14
CA TYR B 328 -4.05 -20.98 5.07
C TYR B 328 -4.54 -22.02 4.07
N LYS B 329 -5.56 -22.81 4.43
CA LYS B 329 -6.16 -23.73 3.46
C LYS B 329 -7.15 -22.99 2.55
N LYS B 330 -8.02 -22.17 3.14
CA LYS B 330 -8.94 -21.36 2.34
C LYS B 330 -8.17 -20.41 1.43
N LEU B 331 -7.13 -19.77 1.96
CA LEU B 331 -6.33 -18.85 1.16
C LEU B 331 -5.62 -19.58 0.03
N ALA B 332 -5.21 -20.82 0.25
CA ALA B 332 -4.56 -21.60 -0.80
C ALA B 332 -5.53 -21.89 -1.94
N LEU B 333 -6.80 -22.16 -1.62
CA LEU B 333 -7.78 -22.42 -2.67
C LEU B 333 -8.05 -21.18 -3.51
N ASP B 334 -8.02 -20.00 -2.87
CA ASP B 334 -8.19 -18.75 -3.61
C ASP B 334 -7.01 -18.51 -4.55
N CYS B 335 -5.79 -18.85 -4.11
CA CYS B 335 -4.63 -18.74 -4.98
C CYS B 335 -4.74 -19.68 -6.17
N SER B 336 -5.26 -20.89 -5.94
CA SER B 336 -5.40 -21.86 -7.02
C SER B 336 -6.38 -21.35 -8.08
N GLY B 337 -7.45 -20.68 -7.65
CA GLY B 337 -8.41 -20.14 -8.60
C GLY B 337 -7.87 -19.02 -9.46
N GLN B 338 -6.72 -18.47 -9.10
CA GLN B 338 -6.08 -17.38 -9.85
C GLN B 338 -4.74 -17.80 -10.41
N GLN B 339 -4.46 -19.10 -10.47
CA GLN B 339 -3.22 -19.64 -11.02
C GLN B 339 -2.00 -19.13 -10.25
N VAL B 340 -2.15 -19.01 -8.93
CA VAL B 340 -1.09 -18.54 -8.05
C VAL B 340 -0.65 -19.71 -7.18
N ALA B 341 0.62 -20.05 -7.26
CA ALA B 341 1.22 -21.09 -6.43
C ALA B 341 2.13 -20.46 -5.38
N VAL B 342 2.19 -21.09 -4.21
CA VAL B 342 2.89 -20.54 -3.06
C VAL B 342 3.93 -21.55 -2.60
N ASP B 343 5.20 -21.16 -2.68
CA ASP B 343 6.30 -21.93 -2.11
C ASP B 343 6.68 -21.33 -0.77
N LEU B 344 6.78 -22.18 0.25
CA LEU B 344 7.02 -21.74 1.62
C LEU B 344 8.43 -22.12 2.05
N PHE B 345 9.21 -21.14 2.46
CA PHE B 345 10.56 -21.34 2.97
C PHE B 345 10.53 -21.02 4.47
N LEU B 346 10.45 -22.06 5.30
CA LEU B 346 10.39 -21.90 6.74
C LEU B 346 11.79 -22.08 7.31
N LEU B 347 12.36 -21.00 7.83
CA LEU B 347 13.69 -21.04 8.42
C LEU B 347 13.60 -20.75 9.92
N SER B 348 12.72 -21.47 10.60
CA SER B 348 12.39 -21.18 11.99
C SER B 348 13.32 -21.91 12.95
N GLY B 349 13.51 -21.31 14.13
CA GLY B 349 14.30 -21.91 15.18
C GLY B 349 13.45 -22.41 16.33
N GLN B 350 12.14 -22.13 16.27
CA GLN B 350 11.19 -22.59 17.26
C GLN B 350 9.94 -23.07 16.54
N TYR B 351 8.99 -23.61 17.31
CA TYR B 351 7.74 -24.11 16.75
C TYR B 351 7.01 -23.01 15.98
N SER B 352 6.56 -23.35 14.75
CA SER B 352 5.90 -22.38 13.89
C SER B 352 4.55 -22.87 13.39
N ASP B 353 4.10 -24.04 13.86
CA ASP B 353 2.84 -24.65 13.44
C ASP B 353 2.84 -24.87 11.93
N LEU B 354 3.84 -25.63 11.47
CA LEU B 354 3.90 -25.97 10.05
C LEU B 354 2.71 -26.83 9.63
N ALA B 355 2.10 -27.54 10.58
CA ALA B 355 0.90 -28.32 10.28
C ALA B 355 -0.20 -27.44 9.71
N SER B 356 -0.22 -26.16 10.05
CA SER B 356 -1.15 -25.20 9.47
C SER B 356 -0.55 -24.41 8.33
N LEU B 357 0.74 -24.06 8.43
CA LEU B 357 1.37 -23.26 7.39
C LEU B 357 1.54 -24.05 6.10
N GLY B 358 1.73 -25.37 6.18
CA GLY B 358 1.89 -26.16 4.98
C GLY B 358 0.68 -26.17 4.09
N CYS B 359 -0.50 -25.86 4.63
CA CYS B 359 -1.72 -25.85 3.82
C CYS B 359 -1.67 -24.83 2.70
N ILE B 360 -0.80 -23.82 2.81
CA ILE B 360 -0.74 -22.82 1.75
C ILE B 360 -0.07 -23.38 0.51
N SER B 361 0.84 -24.34 0.68
CA SER B 361 1.56 -24.91 -0.46
C SER B 361 0.94 -26.20 -0.96
N ARG B 362 0.27 -26.95 -0.09
CA ARG B 362 -0.34 -28.21 -0.48
C ARG B 362 -1.47 -27.99 -1.48
N TYR B 363 -2.36 -27.05 -1.18
CA TYR B 363 -3.55 -26.82 -2.00
C TYR B 363 -3.33 -25.74 -3.06
N SER B 364 -2.08 -25.35 -3.32
CA SER B 364 -1.77 -24.45 -4.41
C SER B 364 -0.67 -24.99 -5.32
N ALA B 365 -0.36 -26.30 -5.23
CA ALA B 365 0.69 -26.93 -6.03
C ALA B 365 2.06 -26.27 -5.83
N GLY B 366 2.31 -25.79 -4.64
CA GLY B 366 3.64 -25.36 -4.23
C GLY B 366 4.37 -26.47 -3.52
N SER B 367 5.43 -26.08 -2.81
CA SER B 367 6.19 -27.03 -2.00
C SER B 367 6.87 -26.25 -0.88
N VAL B 368 7.09 -26.94 0.24
CA VAL B 368 7.66 -26.30 1.43
C VAL B 368 9.14 -26.69 1.51
N TYR B 369 9.94 -25.76 2.04
CA TYR B 369 11.36 -25.96 2.24
C TYR B 369 11.68 -25.57 3.67
N TYR B 370 12.21 -26.52 4.44
CA TYR B 370 12.38 -26.36 5.88
C TYR B 370 13.87 -26.33 6.22
N TYR B 371 14.29 -25.29 6.92
CA TYR B 371 15.68 -25.11 7.33
C TYR B 371 15.69 -24.88 8.84
N PRO B 372 15.71 -25.95 9.63
CA PRO B 372 15.56 -25.81 11.08
C PRO B 372 16.76 -25.09 11.69
N SER B 373 16.46 -24.05 12.48
CA SER B 373 17.46 -23.28 13.21
C SER B 373 18.48 -22.65 12.28
N TYR B 374 17.98 -21.95 11.26
CA TYR B 374 18.87 -21.26 10.34
C TYR B 374 19.51 -20.06 11.02
N HIS B 375 20.83 -19.95 10.91
CA HIS B 375 21.55 -18.77 11.38
C HIS B 375 22.76 -18.56 10.49
N HIS B 376 22.98 -17.31 10.06
CA HIS B 376 24.05 -17.03 9.12
C HIS B 376 25.41 -17.36 9.71
N GLN B 377 25.55 -17.35 11.02
CA GLN B 377 26.83 -17.54 11.69
C GLN B 377 26.93 -18.83 12.48
N HIS B 378 25.81 -19.36 12.96
CA HIS B 378 25.82 -20.49 13.88
C HIS B 378 25.52 -21.83 13.22
N ASN B 379 25.01 -21.84 11.99
CA ASN B 379 24.60 -23.07 11.32
C ASN B 379 25.06 -23.05 9.87
N PRO B 380 26.34 -23.36 9.62
CA PRO B 380 26.83 -23.37 8.23
C PRO B 380 26.23 -24.49 7.40
N VAL B 381 25.76 -25.56 8.02
CA VAL B 381 25.16 -26.66 7.26
C VAL B 381 23.88 -26.18 6.58
N GLN B 382 23.00 -25.55 7.35
CA GLN B 382 21.75 -25.03 6.78
C GLN B 382 22.01 -23.87 5.83
N VAL B 383 23.11 -23.14 6.02
CA VAL B 383 23.40 -22.00 5.16
C VAL B 383 23.69 -22.46 3.73
N GLN B 384 24.58 -23.45 3.59
CA GLN B 384 24.89 -23.97 2.27
C GLN B 384 23.77 -24.84 1.71
N LYS B 385 22.96 -25.44 2.58
CA LYS B 385 21.79 -26.18 2.11
C LYS B 385 20.80 -25.24 1.43
N LEU B 386 20.53 -24.09 2.07
CA LEU B 386 19.63 -23.11 1.45
C LEU B 386 20.22 -22.56 0.17
N GLN B 387 21.54 -22.35 0.14
CA GLN B 387 22.19 -21.84 -1.06
C GLN B 387 21.99 -22.79 -2.24
N LYS B 388 22.20 -24.09 -2.01
CA LYS B 388 22.10 -25.06 -3.11
C LYS B 388 20.64 -25.27 -3.52
N GLU B 389 19.72 -25.32 -2.57
CA GLU B 389 18.32 -25.53 -2.91
C GLU B 389 17.74 -24.34 -3.65
N LEU B 390 18.14 -23.11 -3.25
CA LEU B 390 17.70 -21.93 -3.99
C LEU B 390 18.28 -21.88 -5.39
N GLN B 391 19.50 -22.40 -5.56
CA GLN B 391 20.09 -22.47 -6.89
C GLN B 391 19.21 -23.29 -7.83
N ARG B 392 18.72 -24.43 -7.33
CA ARG B 392 17.81 -25.27 -8.12
C ARG B 392 16.44 -24.62 -8.27
N TYR B 393 15.96 -23.97 -7.21
CA TYR B 393 14.62 -23.42 -7.22
C TYR B 393 14.47 -22.30 -8.23
N LEU B 394 15.51 -21.48 -8.39
CA LEU B 394 15.44 -20.31 -9.24
C LEU B 394 15.83 -20.59 -10.69
N THR B 395 16.39 -21.77 -10.98
CA THR B 395 16.90 -22.06 -12.31
C THR B 395 16.20 -23.21 -13.02
N ARG B 396 15.45 -24.05 -12.31
CA ARG B 396 14.75 -25.16 -12.94
C ARG B 396 13.62 -24.63 -13.82
N LYS B 397 13.23 -25.44 -14.81
CA LYS B 397 12.13 -25.05 -15.68
C LYS B 397 10.83 -24.99 -14.88
N ILE B 398 9.84 -24.30 -15.43
CA ILE B 398 8.60 -24.05 -14.72
C ILE B 398 7.46 -23.98 -15.73
N GLY B 399 6.31 -24.48 -15.33
CA GLY B 399 5.08 -24.36 -16.11
C GLY B 399 4.01 -23.66 -15.31
N PHE B 400 3.26 -22.78 -15.98
CA PHE B 400 2.27 -21.95 -15.33
C PHE B 400 0.87 -22.40 -15.71
N GLU B 401 -0.11 -21.95 -14.91
CA GLU B 401 -1.54 -22.23 -15.05
C GLU B 401 -1.80 -23.62 -15.65
N ALA B 402 -1.50 -24.66 -14.87
CA ALA B 402 -1.49 -26.02 -15.38
C ALA B 402 -2.60 -26.87 -14.78
N VAL B 403 -3.07 -27.83 -15.56
CA VAL B 403 -4.01 -28.85 -15.11
C VAL B 403 -3.51 -30.21 -15.56
N MET B 404 -3.86 -31.24 -14.81
CA MET B 404 -3.47 -32.60 -15.12
C MET B 404 -4.65 -33.54 -14.93
N ARG B 405 -4.85 -34.43 -15.89
CA ARG B 405 -5.86 -35.47 -15.81
C ARG B 405 -5.19 -36.83 -15.97
N ILE B 406 -5.70 -37.81 -15.23
CA ILE B 406 -5.16 -39.17 -15.25
C ILE B 406 -6.28 -40.11 -15.69
N ARG B 407 -6.10 -40.75 -16.84
CA ARG B 407 -7.07 -41.70 -17.38
C ARG B 407 -6.53 -43.11 -17.28
N CYS B 408 -7.44 -44.06 -17.05
CA CYS B 408 -7.09 -45.47 -17.02
C CYS B 408 -8.16 -46.25 -17.78
N THR B 409 -7.79 -47.47 -18.16
CA THR B 409 -8.69 -48.33 -18.92
C THR B 409 -10.00 -48.55 -18.16
N LYS B 410 -11.11 -48.55 -18.89
CA LYS B 410 -12.42 -48.78 -18.29
C LYS B 410 -12.42 -50.05 -17.47
N GLY B 411 -12.99 -49.97 -16.26
CA GLY B 411 -12.94 -51.02 -15.27
C GLY B 411 -12.07 -50.67 -14.08
N LEU B 412 -11.07 -49.81 -14.28
CA LEU B 412 -10.24 -49.29 -13.22
C LEU B 412 -10.68 -47.88 -12.87
N SER B 413 -10.52 -47.51 -11.59
CA SER B 413 -11.01 -46.23 -11.11
C SER B 413 -10.05 -45.66 -10.09
N ILE B 414 -9.65 -44.41 -10.29
CA ILE B 414 -8.86 -43.68 -9.30
C ILE B 414 -9.79 -43.20 -8.20
N HIS B 415 -9.42 -43.45 -6.94
CA HIS B 415 -10.25 -43.04 -5.82
C HIS B 415 -9.55 -42.17 -4.78
N THR B 416 -8.25 -41.93 -4.93
CA THR B 416 -7.53 -41.09 -3.98
C THR B 416 -6.32 -40.49 -4.66
N PHE B 417 -6.13 -39.18 -4.49
CA PHE B 417 -5.00 -38.46 -5.06
C PHE B 417 -4.05 -38.03 -3.96
N HIS B 418 -2.74 -38.11 -4.25
CA HIS B 418 -1.70 -37.72 -3.31
C HIS B 418 -0.75 -36.75 -3.99
N GLY B 419 -0.40 -35.67 -3.31
CA GLY B 419 0.51 -34.67 -3.81
C GLY B 419 -0.01 -33.28 -3.54
N ASN B 420 0.68 -32.28 -4.09
CA ASN B 420 0.35 -30.88 -3.88
C ASN B 420 -0.44 -30.38 -5.09
N PHE B 421 -1.74 -30.19 -4.90
CA PHE B 421 -2.65 -29.74 -5.96
C PHE B 421 -4.01 -29.49 -5.32
N PHE B 422 -4.99 -29.16 -6.16
CA PHE B 422 -6.38 -29.07 -5.74
C PHE B 422 -7.22 -29.90 -6.70
N VAL B 423 -7.85 -30.96 -6.19
CA VAL B 423 -8.63 -31.87 -7.02
C VAL B 423 -9.97 -31.22 -7.32
N ARG B 424 -10.13 -30.73 -8.55
CA ARG B 424 -11.43 -30.29 -9.00
C ARG B 424 -12.33 -31.50 -9.26
N SER B 425 -13.62 -31.24 -9.49
CA SER B 425 -14.54 -32.33 -9.78
C SER B 425 -14.18 -32.96 -11.13
N THR B 426 -14.74 -34.15 -11.37
CA THR B 426 -14.36 -35.02 -12.50
C THR B 426 -12.89 -35.38 -12.44
N ASP B 427 -12.29 -35.30 -11.25
CA ASP B 427 -10.91 -35.70 -11.00
C ASP B 427 -9.92 -34.95 -11.90
N LEU B 428 -10.09 -33.62 -11.93
CA LEU B 428 -9.18 -32.74 -12.65
C LEU B 428 -8.21 -32.12 -11.66
N LEU B 429 -6.92 -32.42 -11.82
CA LEU B 429 -5.91 -31.90 -10.89
C LEU B 429 -5.50 -30.50 -11.31
N SER B 430 -5.75 -29.53 -10.43
CA SER B 430 -5.37 -28.15 -10.68
C SER B 430 -3.98 -27.90 -10.14
N LEU B 431 -3.11 -27.33 -10.99
CA LEU B 431 -1.71 -27.05 -10.63
C LEU B 431 -1.40 -25.62 -11.02
N PRO B 432 -1.57 -24.66 -10.11
CA PRO B 432 -1.22 -23.27 -10.43
C PRO B 432 0.20 -23.12 -10.97
N ASN B 433 1.14 -23.90 -10.44
CA ASN B 433 2.44 -24.10 -11.06
C ASN B 433 2.74 -25.58 -11.08
N VAL B 434 3.50 -26.02 -12.08
CA VAL B 434 4.01 -27.37 -12.16
C VAL B 434 5.53 -27.30 -12.16
N ASN B 435 6.16 -28.01 -11.24
CA ASN B 435 7.61 -27.94 -11.13
C ASN B 435 8.23 -29.31 -11.35
N PRO B 436 9.45 -29.37 -11.90
CA PRO B 436 10.01 -30.66 -12.33
C PRO B 436 10.48 -31.56 -11.19
N ASP B 437 10.40 -31.12 -9.93
CA ASP B 437 10.85 -31.90 -8.80
C ASP B 437 9.69 -32.46 -7.99
N ALA B 438 8.47 -32.38 -8.49
CA ALA B 438 7.29 -32.79 -7.74
C ALA B 438 6.90 -34.22 -8.09
N GLY B 439 6.42 -34.94 -7.08
CA GLY B 439 5.95 -36.31 -7.26
C GLY B 439 4.51 -36.42 -6.83
N TYR B 440 3.77 -37.30 -7.48
CA TYR B 440 2.36 -37.51 -7.18
C TYR B 440 2.08 -39.00 -7.12
N ALA B 441 1.02 -39.35 -6.39
CA ALA B 441 0.62 -40.74 -6.23
C ALA B 441 -0.90 -40.83 -6.32
N VAL B 442 -1.37 -41.98 -6.79
CA VAL B 442 -2.79 -42.25 -6.97
C VAL B 442 -3.06 -43.67 -6.49
N GLN B 443 -4.21 -43.88 -5.84
CA GLN B 443 -4.66 -45.20 -5.45
C GLN B 443 -5.90 -45.58 -6.24
N MET B 444 -5.93 -46.81 -6.76
CA MET B 444 -6.98 -47.27 -7.65
C MET B 444 -7.70 -48.47 -7.06
N SER B 445 -8.80 -48.83 -7.71
CA SER B 445 -9.54 -50.04 -7.38
C SER B 445 -10.22 -50.57 -8.64
N VAL B 446 -10.45 -51.87 -8.66
CA VAL B 446 -11.07 -52.53 -9.82
C VAL B 446 -12.58 -52.40 -9.64
N GLU B 447 -13.17 -51.39 -10.30
CA GLU B 447 -14.61 -51.17 -10.18
C GLU B 447 -15.41 -52.17 -11.00
N GLU B 448 -14.86 -52.64 -12.12
CA GLU B 448 -15.50 -53.65 -12.96
C GLU B 448 -14.45 -54.62 -13.45
N SER B 449 -14.80 -55.91 -13.41
CA SER B 449 -13.82 -56.97 -13.68
C SER B 449 -13.23 -56.83 -15.08
N LEU B 450 -11.90 -56.88 -15.15
CA LEU B 450 -11.18 -56.83 -16.41
C LEU B 450 -11.15 -58.16 -17.13
N THR B 451 -12.31 -58.84 -17.21
CA THR B 451 -12.36 -60.14 -17.85
C THR B 451 -12.12 -60.04 -19.35
N ASP B 452 -12.68 -59.01 -19.99
CA ASP B 452 -12.61 -58.93 -21.44
C ASP B 452 -11.21 -58.58 -21.93
N THR B 453 -10.42 -57.90 -21.10
CA THR B 453 -9.13 -57.38 -21.53
C THR B 453 -7.98 -58.22 -20.95
N GLN B 454 -6.83 -58.13 -21.63
CA GLN B 454 -5.58 -58.66 -21.12
C GLN B 454 -4.57 -57.57 -20.81
N LEU B 455 -4.67 -56.42 -21.47
CA LEU B 455 -3.82 -55.27 -21.20
C LEU B 455 -4.67 -54.09 -20.75
N VAL B 456 -4.18 -53.34 -19.77
CA VAL B 456 -4.78 -52.09 -19.36
C VAL B 456 -3.75 -50.99 -19.55
N SER B 457 -4.25 -49.76 -19.71
CA SER B 457 -3.39 -48.62 -19.95
C SER B 457 -3.71 -47.51 -18.97
N PHE B 458 -2.71 -46.66 -18.74
CA PHE B 458 -2.81 -45.49 -17.88
C PHE B 458 -2.16 -44.32 -18.60
N GLN B 459 -2.86 -43.19 -18.66
CA GLN B 459 -2.41 -42.04 -19.42
C GLN B 459 -2.59 -40.78 -18.59
N SER B 460 -1.51 -40.04 -18.39
CA SER B 460 -1.53 -38.75 -17.71
C SER B 460 -1.25 -37.65 -18.72
N ALA B 461 -2.05 -36.59 -18.67
CA ALA B 461 -1.92 -35.47 -19.59
C ALA B 461 -1.69 -34.21 -18.77
N LEU B 462 -0.64 -33.47 -19.09
CA LEU B 462 -0.26 -32.25 -18.37
C LEU B 462 -0.38 -31.06 -19.31
N LEU B 463 -1.45 -30.30 -19.17
CA LEU B 463 -1.65 -29.06 -19.91
C LEU B 463 -1.08 -27.91 -19.10
N TYR B 464 -0.12 -27.19 -19.68
CA TYR B 464 0.53 -26.10 -18.95
C TYR B 464 0.96 -25.01 -19.92
N THR B 465 1.28 -23.85 -19.36
CA THR B 465 1.84 -22.73 -20.12
C THR B 465 3.32 -22.62 -19.80
N SER B 466 4.15 -22.68 -20.83
CA SER B 466 5.59 -22.64 -20.63
C SER B 466 6.02 -21.22 -20.25
N SER B 467 7.28 -21.10 -19.84
CA SER B 467 7.83 -19.80 -19.49
C SER B 467 8.06 -18.92 -20.72
N LYS B 468 7.93 -19.47 -21.92
CA LYS B 468 8.02 -18.70 -23.15
C LYS B 468 6.67 -18.23 -23.66
N GLY B 469 5.58 -18.62 -23.01
CA GLY B 469 4.26 -18.22 -23.43
C GLY B 469 3.62 -19.13 -24.48
N GLU B 470 3.87 -20.43 -24.36
CA GLU B 470 3.33 -21.42 -25.27
C GLU B 470 2.55 -22.45 -24.47
N ARG B 471 1.33 -22.75 -24.90
CA ARG B 471 0.52 -23.77 -24.25
C ARG B 471 0.94 -25.14 -24.78
N ARG B 472 1.47 -25.98 -23.89
CA ARG B 472 1.95 -27.30 -24.25
C ARG B 472 1.22 -28.38 -23.46
N ILE B 473 1.20 -29.59 -24.02
CA ILE B 473 0.57 -30.74 -23.39
C ILE B 473 1.60 -31.86 -23.35
N ARG B 474 1.95 -32.32 -22.16
CA ARG B 474 2.87 -33.44 -21.98
C ARG B 474 2.09 -34.68 -21.57
N VAL B 475 2.27 -35.77 -22.31
CA VAL B 475 1.48 -36.98 -22.14
C VAL B 475 2.41 -38.16 -21.91
N HIS B 476 2.13 -38.93 -20.87
CA HIS B 476 2.78 -40.21 -20.61
C HIS B 476 1.74 -41.32 -20.65
N THR B 477 2.09 -42.44 -21.27
CA THR B 477 1.19 -43.57 -21.37
C THR B 477 1.90 -44.83 -20.91
N LEU B 478 1.23 -45.61 -20.06
CA LEU B 478 1.77 -46.85 -19.51
C LEU B 478 0.81 -47.99 -19.82
N CYS B 479 1.37 -49.16 -20.14
CA CYS B 479 0.58 -50.34 -20.47
C CYS B 479 1.03 -51.49 -19.59
N LEU B 480 0.07 -52.22 -19.03
CA LEU B 480 0.33 -53.30 -18.10
C LEU B 480 -0.56 -54.49 -18.41
N PRO B 481 -0.12 -55.71 -18.11
CA PRO B 481 -0.96 -56.89 -18.34
C PRO B 481 -1.87 -57.20 -17.15
N VAL B 482 -2.91 -57.98 -17.44
CA VAL B 482 -3.90 -58.37 -16.46
C VAL B 482 -3.72 -59.85 -16.16
N VAL B 483 -3.69 -60.20 -14.87
CA VAL B 483 -3.56 -61.59 -14.43
C VAL B 483 -4.74 -61.94 -13.54
N SER B 484 -4.97 -63.24 -13.38
CA SER B 484 -6.10 -63.75 -12.62
C SER B 484 -5.73 -64.66 -11.47
N THR B 485 -4.47 -65.03 -11.31
CA THR B 485 -4.03 -65.90 -10.23
C THR B 485 -3.31 -65.08 -9.16
N LEU B 486 -3.50 -65.45 -7.90
CA LEU B 486 -2.88 -64.71 -6.81
C LEU B 486 -1.36 -64.76 -6.88
N ASN B 487 -0.80 -65.86 -7.40
CA ASN B 487 0.65 -65.96 -7.50
C ASN B 487 1.20 -64.97 -8.51
N ASP B 488 0.54 -64.82 -9.67
CA ASP B 488 1.01 -63.88 -10.67
C ASP B 488 0.91 -62.44 -10.19
N VAL B 489 -0.03 -62.15 -9.28
CA VAL B 489 -0.10 -60.83 -8.68
C VAL B 489 1.14 -60.57 -7.82
N PHE B 490 1.52 -61.56 -7.01
CA PHE B 490 2.70 -61.39 -6.16
C PHE B 490 3.99 -61.35 -6.97
N LEU B 491 4.04 -62.04 -8.10
CA LEU B 491 5.25 -62.08 -8.92
C LEU B 491 5.58 -60.74 -9.55
N GLY B 492 4.60 -59.86 -9.71
CA GLY B 492 4.80 -58.56 -10.31
C GLY B 492 4.84 -57.39 -9.35
N ALA B 493 4.94 -57.64 -8.05
CA ALA B 493 4.90 -56.57 -7.07
C ALA B 493 6.16 -55.72 -7.13
N ASP B 494 5.97 -54.40 -7.15
CA ASP B 494 7.07 -53.45 -7.06
C ASP B 494 7.18 -53.03 -5.59
N VAL B 495 8.23 -53.50 -4.91
CA VAL B 495 8.34 -53.29 -3.47
C VAL B 495 8.56 -51.81 -3.15
N GLN B 496 9.36 -51.12 -3.96
CA GLN B 496 9.59 -49.69 -3.71
C GLN B 496 8.34 -48.88 -3.96
N ALA B 497 7.59 -49.21 -5.02
CA ALA B 497 6.35 -48.49 -5.30
C ALA B 497 5.31 -48.74 -4.24
N ILE B 498 5.20 -49.98 -3.76
CA ILE B 498 4.29 -50.29 -2.67
C ILE B 498 4.68 -49.52 -1.41
N SER B 499 5.98 -49.41 -1.15
CA SER B 499 6.44 -48.64 0.00
C SER B 499 6.04 -47.18 -0.12
N GLY B 500 6.20 -46.60 -1.32
CA GLY B 500 5.85 -45.21 -1.49
C GLY B 500 4.36 -44.95 -1.35
N LEU B 501 3.54 -45.85 -1.89
CA LEU B 501 2.09 -45.66 -1.78
C LEU B 501 1.61 -45.85 -0.36
N LEU B 502 2.22 -46.76 0.40
CA LEU B 502 1.85 -46.93 1.80
C LEU B 502 2.26 -45.71 2.63
N ALA B 503 3.39 -45.09 2.29
CA ALA B 503 3.81 -43.88 3.00
C ALA B 503 2.80 -42.76 2.81
N ASN B 504 2.30 -42.58 1.58
CA ASN B 504 1.28 -41.56 1.35
C ASN B 504 -0.02 -41.89 2.05
N MET B 505 -0.40 -43.18 2.06
CA MET B 505 -1.61 -43.58 2.77
C MET B 505 -1.44 -43.42 4.28
N ALA B 506 -0.25 -43.66 4.80
CA ALA B 506 -0.02 -43.52 6.23
C ALA B 506 -0.02 -42.07 6.68
N VAL B 507 0.43 -41.16 5.80
CA VAL B 507 0.37 -39.73 6.12
C VAL B 507 -1.08 -39.29 6.27
N ASP B 508 -1.94 -39.72 5.35
CA ASP B 508 -3.36 -39.39 5.45
C ASP B 508 -3.97 -40.03 6.70
N ARG B 509 -3.54 -41.24 7.04
CA ARG B 509 -4.05 -41.90 8.24
C ARG B 509 -3.70 -41.12 9.50
N SER B 510 -2.56 -40.49 9.52
CA SER B 510 -2.20 -39.72 10.65
C SER B 510 -3.08 -38.53 10.90
N MET B 511 -3.37 -37.74 9.87
CA MET B 511 -4.20 -36.59 10.05
C MET B 511 -5.59 -36.98 10.37
N THR B 512 -6.04 -37.95 9.65
CA THR B 512 -7.35 -38.51 9.77
C THR B 512 -7.64 -39.25 11.03
N ALA B 513 -6.69 -40.02 11.51
CA ALA B 513 -6.88 -40.77 12.72
C ALA B 513 -5.93 -40.58 13.85
N SER B 514 -4.76 -41.15 13.75
CA SER B 514 -3.71 -40.88 14.68
C SER B 514 -2.41 -41.46 14.22
N LEU B 515 -1.31 -41.05 14.80
CA LEU B 515 -0.05 -41.67 14.40
C LEU B 515 0.00 -43.15 14.74
N SER B 516 -0.73 -43.56 15.78
CA SER B 516 -0.81 -44.98 16.11
C SER B 516 -1.43 -45.77 14.97
N ASP B 517 -2.59 -45.31 14.47
CA ASP B 517 -3.25 -46.00 13.37
C ASP B 517 -2.37 -46.02 12.13
N ALA B 518 -1.63 -44.93 11.87
CA ALA B 518 -0.72 -44.90 10.75
C ALA B 518 0.39 -45.93 10.91
N ARG B 519 0.96 -46.02 12.11
CA ARG B 519 2.00 -47.02 12.37
C ARG B 519 1.43 -48.43 12.32
N ASP B 520 0.19 -48.61 12.79
CA ASP B 520 -0.41 -49.94 12.79
C ASP B 520 -0.78 -50.39 11.38
N ALA B 521 -1.32 -49.48 10.57
CA ALA B 521 -1.68 -49.84 9.20
C ALA B 521 -0.45 -50.22 8.38
N LEU B 522 0.70 -49.63 8.68
CA LEU B 522 1.93 -50.00 7.97
C LEU B 522 2.39 -51.40 8.35
N VAL B 523 2.35 -51.73 9.64
CA VAL B 523 2.73 -53.07 10.07
C VAL B 523 1.77 -54.11 9.51
N ASN B 524 0.46 -53.82 9.59
CA ASN B 524 -0.54 -54.77 9.10
C ASN B 524 -0.49 -54.96 7.60
N ALA B 525 0.08 -54.00 6.86
CA ALA B 525 0.27 -54.19 5.42
C ALA B 525 1.27 -55.30 5.14
N VAL B 526 2.28 -55.47 6.00
CA VAL B 526 3.22 -56.58 5.86
C VAL B 526 2.61 -57.87 6.38
N ILE B 527 1.89 -57.79 7.51
CA ILE B 527 1.27 -58.99 8.08
C ILE B 527 0.28 -59.59 7.09
N ASP B 528 -0.68 -58.78 6.63
CA ASP B 528 -1.79 -59.30 5.83
C ASP B 528 -1.31 -59.81 4.48
N SER B 529 -0.33 -59.14 3.87
CA SER B 529 0.16 -59.60 2.57
C SER B 529 0.91 -60.91 2.68
N LEU B 530 1.79 -61.05 3.69
CA LEU B 530 2.53 -62.29 3.86
C LEU B 530 1.66 -63.39 4.42
N SER B 531 0.66 -63.04 5.25
CA SER B 531 -0.27 -64.04 5.74
C SER B 531 -1.17 -64.54 4.62
N ALA B 532 -1.60 -63.64 3.72
CA ALA B 532 -2.36 -64.06 2.55
C ALA B 532 -1.50 -64.91 1.62
N TYR B 533 -0.23 -64.54 1.47
CA TYR B 533 0.69 -65.35 0.67
C TYR B 533 0.85 -66.74 1.29
N ARG B 534 1.06 -66.79 2.61
CA ARG B 534 1.25 -68.07 3.29
C ARG B 534 0.06 -68.99 3.11
N SER B 535 -1.16 -68.45 3.25
CA SER B 535 -2.38 -69.23 3.10
C SER B 535 -2.61 -69.72 1.68
N SER B 536 -1.65 -69.53 0.77
CA SER B 536 -1.77 -70.02 -0.60
C SER B 536 -0.51 -70.78 -1.02
N VAL B 537 0.22 -71.35 -0.07
CA VAL B 537 1.32 -72.26 -0.35
C VAL B 537 1.18 -73.50 0.53
N PRO B 543 7.32 -73.29 8.22
CA PRO B 543 8.13 -73.01 9.41
C PRO B 543 8.49 -71.54 9.58
N GLY B 544 9.46 -71.06 8.80
CA GLY B 544 9.95 -69.70 8.91
C GLY B 544 9.03 -68.68 8.30
N LEU B 545 9.60 -67.55 7.89
CA LEU B 545 8.87 -66.43 7.29
C LEU B 545 9.11 -66.49 5.79
N MET B 546 8.18 -67.13 5.08
CA MET B 546 8.33 -67.37 3.64
C MET B 546 7.70 -66.23 2.86
N VAL B 547 8.49 -65.60 2.00
CA VAL B 547 8.01 -64.49 1.16
C VAL B 547 8.42 -64.77 -0.27
N PRO B 548 7.68 -64.28 -1.26
CA PRO B 548 8.15 -64.39 -2.65
C PRO B 548 9.34 -63.46 -2.88
N PHE B 549 10.06 -63.74 -3.96
CA PHE B 549 11.29 -62.99 -4.25
C PHE B 549 11.02 -61.50 -4.40
N SER B 550 9.86 -61.13 -4.93
CA SER B 550 9.55 -59.72 -5.15
C SER B 550 9.24 -58.96 -3.87
N LEU B 551 9.07 -59.65 -2.74
CA LEU B 551 8.71 -59.01 -1.48
C LEU B 551 9.73 -59.27 -0.38
N ARG B 552 10.94 -59.71 -0.74
CA ARG B 552 11.96 -59.99 0.26
C ARG B 552 12.42 -58.73 0.98
N LEU B 553 12.25 -57.56 0.37
CA LEU B 553 12.60 -56.30 0.99
C LEU B 553 11.37 -55.57 1.55
N PHE B 554 10.22 -56.24 1.60
CA PHE B 554 9.00 -55.56 2.05
C PHE B 554 9.03 -55.26 3.55
N PRO B 555 9.32 -56.21 4.45
CA PRO B 555 9.39 -55.85 5.87
C PRO B 555 10.54 -54.93 6.19
N LEU B 556 11.63 -54.98 5.43
CA LEU B 556 12.76 -54.08 5.68
C LEU B 556 12.40 -52.64 5.36
N PHE B 557 11.80 -52.40 4.18
CA PHE B 557 11.46 -51.04 3.80
C PHE B 557 10.35 -50.46 4.68
N VAL B 558 9.43 -51.30 5.16
CA VAL B 558 8.38 -50.82 6.05
C VAL B 558 8.95 -50.48 7.42
N LEU B 559 9.88 -51.29 7.92
CA LEU B 559 10.57 -50.94 9.16
C LEU B 559 11.31 -49.63 9.01
N ALA B 560 11.91 -49.40 7.84
CA ALA B 560 12.57 -48.11 7.59
C ALA B 560 11.57 -46.97 7.60
N LEU B 561 10.35 -47.22 7.11
CA LEU B 561 9.31 -46.20 7.18
C LEU B 561 8.94 -45.89 8.63
N LEU B 562 8.84 -46.93 9.46
CA LEU B 562 8.42 -46.76 10.85
C LEU B 562 9.50 -46.13 11.72
N LYS B 563 10.72 -45.98 11.22
CA LYS B 563 11.82 -45.46 12.03
C LYS B 563 12.27 -44.06 11.65
N GLN B 564 11.91 -43.56 10.49
CA GLN B 564 12.37 -42.24 10.06
C GLN B 564 11.41 -41.16 10.56
N LYS B 565 11.73 -39.91 10.23
CA LYS B 565 11.17 -38.78 10.95
C LYS B 565 9.66 -38.70 10.83
N SER B 566 9.09 -39.29 9.77
CA SER B 566 7.65 -39.17 9.54
C SER B 566 6.86 -39.95 10.58
N PHE B 567 7.28 -41.17 10.90
CA PHE B 567 6.48 -42.08 11.71
C PHE B 567 7.16 -42.57 12.97
N GLN B 568 8.41 -42.19 13.22
CA GLN B 568 9.10 -42.64 14.42
C GLN B 568 8.35 -42.23 15.68
N THR B 569 8.60 -42.97 16.76
CA THR B 569 7.85 -42.81 18.01
C THR B 569 8.72 -42.29 19.15
N GLY B 570 9.57 -43.11 19.77
CA GLY B 570 10.25 -42.68 20.98
C GLY B 570 11.45 -41.78 20.77
N THR B 571 11.39 -40.93 19.76
CA THR B 571 12.46 -40.00 19.45
C THR B 571 12.15 -38.64 20.07
N ASN B 572 13.19 -37.83 20.20
CA ASN B 572 13.07 -36.46 20.65
C ASN B 572 12.70 -35.50 19.53
N ALA B 573 12.10 -36.01 18.46
CA ALA B 573 11.81 -35.20 17.28
C ALA B 573 10.80 -34.10 17.59
N ARG B 574 10.96 -32.97 16.92
CA ARG B 574 10.08 -31.83 17.08
C ARG B 574 8.92 -31.89 16.10
N LEU B 575 7.90 -31.07 16.36
CA LEU B 575 6.67 -31.14 15.58
C LEU B 575 6.91 -30.72 14.12
N ASP B 576 7.57 -29.58 13.92
CA ASP B 576 7.81 -29.10 12.56
C ASP B 576 8.74 -30.03 11.79
N GLU B 577 9.57 -30.82 12.47
CA GLU B 577 10.37 -31.81 11.79
C GLU B 577 9.49 -32.91 11.19
N ARG B 578 8.54 -33.42 11.97
CA ARG B 578 7.69 -34.51 11.50
C ARG B 578 6.76 -34.04 10.39
N ILE B 579 6.23 -32.83 10.50
CA ILE B 579 5.34 -32.30 9.47
C ILE B 579 6.09 -32.12 8.16
N PHE B 580 7.32 -31.61 8.22
CA PHE B 580 8.11 -31.47 7.01
C PHE B 580 8.50 -32.82 6.44
N ALA B 581 8.69 -33.83 7.30
CA ALA B 581 8.95 -35.18 6.81
C ALA B 581 7.75 -35.73 6.07
N MET B 582 6.55 -35.45 6.56
CA MET B 582 5.35 -35.88 5.88
C MET B 582 5.10 -35.08 4.61
N CYS B 583 5.51 -33.82 4.58
CA CYS B 583 5.36 -33.02 3.36
C CYS B 583 6.27 -33.55 2.24
N GLN B 584 7.45 -34.04 2.60
CA GLN B 584 8.34 -34.61 1.59
C GLN B 584 7.82 -35.95 1.08
N VAL B 585 7.16 -36.73 1.95
CA VAL B 585 6.55 -37.97 1.50
C VAL B 585 5.48 -37.69 0.44
N LYS B 586 4.67 -36.66 0.65
CA LYS B 586 3.59 -36.32 -0.25
C LYS B 586 4.06 -35.65 -1.54
N ASN B 587 5.25 -35.05 -1.54
CA ASN B 587 5.68 -34.20 -2.65
C ASN B 587 6.90 -34.72 -3.39
N GLN B 588 7.65 -35.69 -2.85
CA GLN B 588 8.84 -36.08 -3.57
C GLN B 588 8.59 -37.28 -4.48
N PRO B 589 9.35 -37.40 -5.56
CA PRO B 589 9.30 -38.61 -6.38
C PRO B 589 9.76 -39.82 -5.57
N LEU B 590 9.45 -41.01 -6.11
CA LEU B 590 9.71 -42.25 -5.39
C LEU B 590 11.19 -42.49 -5.14
N VAL B 591 12.05 -42.07 -6.06
CA VAL B 591 13.48 -42.34 -5.94
C VAL B 591 14.05 -41.65 -4.70
N TYR B 592 13.66 -40.40 -4.46
CA TYR B 592 14.18 -39.66 -3.32
C TYR B 592 13.46 -39.99 -2.02
N LEU B 593 12.24 -40.53 -2.10
CA LEU B 593 11.62 -41.10 -0.91
C LEU B 593 12.37 -42.36 -0.46
N MET B 594 12.78 -43.20 -1.41
CA MET B 594 13.53 -44.39 -1.06
C MET B 594 14.93 -44.05 -0.61
N LEU B 595 15.55 -43.04 -1.23
CA LEU B 595 16.89 -42.62 -0.81
C LEU B 595 16.87 -42.05 0.60
N THR B 596 15.79 -41.35 0.96
CA THR B 596 15.69 -40.79 2.31
C THR B 596 15.33 -41.86 3.34
N THR B 597 14.35 -42.71 3.02
CA THR B 597 13.91 -43.72 3.97
C THR B 597 14.98 -44.78 4.20
N HIS B 598 15.60 -45.26 3.13
CA HIS B 598 16.64 -46.29 3.21
C HIS B 598 17.87 -45.78 2.48
N PRO B 599 18.70 -44.99 3.15
CA PRO B 599 19.91 -44.46 2.50
C PRO B 599 20.85 -45.57 2.06
N SER B 600 21.69 -45.23 1.08
CA SER B 600 22.70 -46.15 0.56
C SER B 600 24.02 -45.94 1.31
N LEU B 601 24.53 -47.02 1.88
CA LEU B 601 25.74 -46.98 2.70
C LEU B 601 26.89 -47.68 1.98
N TYR B 602 27.95 -46.94 1.70
CA TYR B 602 29.14 -47.48 1.05
C TYR B 602 30.36 -47.29 1.95
N ARG B 603 31.30 -48.21 1.84
CA ARG B 603 32.63 -48.04 2.42
C ARG B 603 33.55 -47.43 1.38
N VAL B 604 34.20 -46.32 1.74
CA VAL B 604 34.89 -45.50 0.77
C VAL B 604 36.37 -45.31 1.06
N ASP B 605 36.89 -45.90 2.14
CA ASP B 605 38.30 -45.75 2.43
C ASP B 605 39.18 -46.72 1.66
N ASN B 606 38.61 -47.46 0.70
CA ASN B 606 39.35 -48.51 0.02
C ASN B 606 38.82 -48.71 -1.39
N LEU B 607 38.59 -47.62 -2.11
CA LEU B 607 38.04 -47.70 -3.46
C LEU B 607 39.10 -48.19 -4.44
N SER B 608 38.65 -48.88 -5.48
CA SER B 608 39.58 -49.51 -6.43
C SER B 608 38.97 -49.47 -7.82
N ASP B 609 39.41 -50.39 -8.68
CA ASP B 609 39.08 -50.35 -10.10
C ASP B 609 38.12 -51.44 -10.54
N GLU B 610 36.95 -51.54 -9.89
CA GLU B 610 35.89 -52.42 -10.35
C GLU B 610 34.66 -51.65 -10.79
N GLY B 611 34.83 -50.35 -11.03
CA GLY B 611 33.72 -49.45 -11.22
C GLY B 611 33.39 -49.18 -12.68
N ALA B 612 32.58 -48.13 -12.88
CA ALA B 612 32.11 -47.74 -14.20
C ALA B 612 33.14 -46.82 -14.86
N LEU B 613 34.30 -47.40 -15.16
CA LEU B 613 35.40 -46.65 -15.75
C LEU B 613 35.17 -46.54 -17.25
N ASN B 614 33.94 -46.86 -17.62
CA ASN B 614 33.42 -46.84 -18.98
C ASN B 614 33.34 -45.45 -19.59
N ILE B 615 32.98 -44.47 -18.75
CA ILE B 615 32.81 -43.12 -19.23
C ILE B 615 34.14 -42.37 -19.33
N SER B 616 34.79 -42.60 -20.47
CA SER B 616 36.06 -41.98 -20.82
C SER B 616 37.22 -42.18 -19.85
N ASP B 617 37.85 -41.07 -19.50
CA ASP B 617 39.03 -41.03 -18.64
C ASP B 617 38.69 -41.31 -17.19
N ARG B 618 37.50 -40.96 -16.79
CA ARG B 618 37.11 -41.19 -15.43
C ARG B 618 36.88 -42.60 -15.11
N THR B 619 37.32 -43.02 -13.95
CA THR B 619 37.06 -44.35 -13.54
C THR B 619 36.27 -44.17 -12.32
N ILE B 620 35.07 -44.66 -12.27
CA ILE B 620 34.26 -44.43 -11.14
C ILE B 620 34.06 -45.67 -10.38
N PRO B 621 34.47 -45.69 -9.14
CA PRO B 621 34.34 -46.84 -8.29
C PRO B 621 32.94 -47.16 -7.99
N GLN B 622 32.72 -48.43 -7.81
CA GLN B 622 31.44 -48.96 -7.50
C GLN B 622 31.50 -49.91 -6.36
N PRO B 623 31.62 -49.42 -5.16
CA PRO B 623 31.66 -50.20 -3.93
C PRO B 623 30.31 -50.75 -3.66
N PRO B 624 30.25 -51.85 -2.99
CA PRO B 624 28.96 -52.50 -2.79
C PRO B 624 28.11 -51.80 -1.74
N ILE B 625 26.80 -51.81 -1.96
CA ILE B 625 25.86 -51.23 -1.02
C ILE B 625 25.77 -52.12 0.22
N LEU B 626 25.86 -51.51 1.39
CA LEU B 626 25.83 -52.21 2.66
C LEU B 626 24.49 -52.00 3.34
N GLN B 627 24.02 -53.02 4.05
CA GLN B 627 22.79 -52.91 4.80
C GLN B 627 22.97 -51.97 5.99
N LEU B 628 21.91 -51.24 6.31
CA LEU B 628 21.97 -50.15 7.28
C LEU B 628 22.05 -50.72 8.69
N SER B 629 23.26 -51.03 9.12
CA SER B 629 23.51 -51.53 10.47
C SER B 629 24.89 -51.11 10.92
N VAL B 630 25.02 -50.79 12.21
CA VAL B 630 26.33 -50.45 12.77
C VAL B 630 27.27 -51.64 12.69
N GLU B 631 26.72 -52.86 12.71
CA GLU B 631 27.56 -54.05 12.57
C GLU B 631 28.33 -54.05 11.25
N LYS B 632 27.78 -53.39 10.22
CA LYS B 632 28.47 -53.29 8.94
C LYS B 632 29.56 -52.23 8.97
N LEU B 633 29.53 -51.30 9.92
CA LEU B 633 30.55 -50.27 10.02
C LEU B 633 31.85 -50.87 10.54
N SER B 634 32.85 -50.00 10.71
CA SER B 634 34.16 -50.40 11.20
C SER B 634 34.98 -49.17 11.63
N ARG B 635 35.53 -49.21 12.84
CA ARG B 635 36.37 -48.10 13.31
C ARG B 635 37.67 -48.00 12.53
N ASP B 636 38.00 -48.97 11.68
CA ASP B 636 39.23 -48.95 10.90
C ASP B 636 39.12 -48.12 9.63
N GLY B 637 37.91 -47.93 9.09
CA GLY B 637 37.77 -47.20 7.85
C GLY B 637 36.78 -46.05 7.87
N ALA B 638 36.32 -45.65 6.69
CA ALA B 638 35.38 -44.55 6.54
C ALA B 638 34.21 -45.00 5.68
N PHE B 639 33.02 -44.49 5.99
CA PHE B 639 31.80 -44.92 5.32
C PHE B 639 31.01 -43.70 4.88
N LEU B 640 30.62 -43.69 3.60
CA LEU B 640 29.80 -42.64 3.03
C LEU B 640 28.35 -43.12 2.95
N MET B 641 27.41 -42.26 3.36
CA MET B 641 25.99 -42.59 3.36
C MET B 641 25.26 -41.64 2.43
N ASP B 642 24.67 -42.18 1.37
CA ASP B 642 23.88 -41.39 0.42
C ASP B 642 22.46 -41.34 0.94
N ALA B 643 22.08 -40.20 1.52
CA ALA B 643 20.73 -40.00 2.05
C ALA B 643 19.83 -39.27 1.05
N GLY B 644 20.26 -39.20 -0.22
CA GLY B 644 19.46 -38.54 -1.24
C GLY B 644 19.76 -37.07 -1.35
N SER B 645 19.42 -36.31 -0.32
CA SER B 645 19.65 -34.88 -0.29
C SER B 645 20.94 -34.48 0.43
N VAL B 646 21.63 -35.43 1.06
CA VAL B 646 22.82 -35.14 1.83
C VAL B 646 23.71 -36.39 1.82
N LEU B 647 25.02 -36.16 1.86
CA LEU B 647 26.02 -37.22 1.87
C LEU B 647 26.85 -37.10 3.14
N MET B 648 26.69 -38.02 4.07
CA MET B 648 27.43 -38.02 5.33
C MET B 648 28.59 -38.99 5.21
N LEU B 649 29.81 -38.50 5.40
CA LEU B 649 31.01 -39.34 5.35
C LEU B 649 31.46 -39.58 6.79
N TRP B 650 31.22 -40.78 7.30
CA TRP B 650 31.63 -41.13 8.64
C TRP B 650 33.08 -41.59 8.65
N VAL B 651 33.85 -41.09 9.61
CA VAL B 651 35.26 -41.44 9.75
C VAL B 651 35.44 -42.13 11.09
N GLY B 652 35.96 -43.36 11.06
CA GLY B 652 36.20 -44.08 12.28
C GLY B 652 37.32 -43.49 13.10
N LYS B 653 37.28 -43.77 14.40
CA LYS B 653 38.30 -43.28 15.32
C LYS B 653 39.69 -43.84 14.97
N ASN B 654 39.74 -45.01 14.33
CA ASN B 654 41.01 -45.61 13.99
C ASN B 654 41.15 -45.73 12.47
N CYS B 655 40.83 -44.66 11.75
CA CYS B 655 40.99 -44.68 10.30
C CYS B 655 42.46 -44.67 9.93
N THR B 656 42.80 -45.36 8.85
CA THR B 656 44.19 -45.51 8.45
C THR B 656 44.79 -44.15 8.10
N GLN B 657 46.11 -44.04 8.30
CA GLN B 657 46.79 -42.77 8.05
C GLN B 657 46.70 -42.35 6.59
N ASN B 658 46.52 -43.31 5.67
CA ASN B 658 46.42 -42.97 4.26
C ASN B 658 45.16 -42.16 3.97
N PHE B 659 44.02 -42.58 4.52
CA PHE B 659 42.78 -41.85 4.27
C PHE B 659 42.81 -40.46 4.89
N LEU B 660 43.51 -40.29 6.01
CA LEU B 660 43.55 -38.99 6.66
C LEU B 660 44.35 -37.98 5.85
N SER B 661 45.56 -38.36 5.40
CA SER B 661 46.45 -37.45 4.70
C SER B 661 46.18 -37.37 3.20
N GLN B 662 45.80 -38.48 2.56
CA GLN B 662 45.65 -38.50 1.11
C GLN B 662 44.23 -38.17 0.64
N VAL B 663 43.23 -38.30 1.50
CA VAL B 663 41.85 -37.96 1.17
C VAL B 663 41.37 -36.76 1.96
N LEU B 664 41.48 -36.80 3.29
CA LEU B 664 41.04 -35.70 4.13
C LEU B 664 42.04 -34.57 4.21
N GLY B 665 43.31 -34.83 3.90
CA GLY B 665 44.34 -33.81 4.01
C GLY B 665 44.65 -33.43 5.44
N VAL B 666 44.69 -34.43 6.33
CA VAL B 666 44.86 -34.20 7.76
C VAL B 666 45.83 -35.24 8.30
N GLN B 667 46.61 -34.85 9.31
CA GLN B 667 47.66 -35.71 9.84
C GLN B 667 47.18 -36.69 10.91
N ASN B 668 46.08 -36.41 11.55
CA ASN B 668 45.62 -37.34 12.52
C ASN B 668 44.17 -37.15 12.71
N TYR B 669 43.53 -38.11 13.35
CA TYR B 669 42.12 -38.05 13.57
C TYR B 669 41.68 -36.85 14.37
N ALA B 670 42.55 -36.38 15.24
CA ALA B 670 42.28 -35.26 16.09
C ALA B 670 42.16 -33.96 15.35
N SER B 671 42.76 -33.87 14.19
CA SER B 671 42.79 -32.62 13.45
C SER B 671 41.74 -32.40 12.38
N ILE B 672 40.76 -33.25 12.29
CA ILE B 672 39.71 -33.07 11.34
C ILE B 672 38.82 -31.97 11.87
N PRO B 673 38.50 -30.98 11.07
CA PRO B 673 37.75 -29.77 11.40
C PRO B 673 36.39 -30.01 11.96
N GLN B 674 35.91 -29.13 12.85
CA GLN B 674 34.66 -29.42 13.57
C GLN B 674 33.50 -29.65 12.64
N PRO B 675 33.21 -28.70 11.78
CA PRO B 675 32.24 -29.14 10.79
C PRO B 675 33.05 -29.07 9.53
N MET B 676 33.11 -30.15 8.78
CA MET B 676 33.86 -30.11 7.55
C MET B 676 32.84 -30.18 6.45
N THR B 677 32.67 -29.10 5.72
CA THR B 677 31.69 -29.11 4.68
C THR B 677 31.98 -30.00 3.52
N ASP B 678 33.21 -30.04 3.08
CA ASP B 678 33.51 -30.85 1.93
C ASP B 678 34.95 -31.22 1.94
N LEU B 679 35.33 -32.23 1.19
CA LEU B 679 36.73 -32.61 1.11
C LEU B 679 37.46 -31.70 0.20
N PRO B 680 38.74 -31.58 0.40
CA PRO B 680 39.57 -30.81 -0.49
C PRO B 680 39.91 -31.68 -1.65
N GLU B 681 40.32 -31.08 -2.74
CA GLU B 681 40.70 -31.88 -3.84
C GLU B 681 42.18 -31.83 -3.71
N LEU B 682 42.75 -32.96 -3.37
CA LEU B 682 44.17 -33.12 -3.17
C LEU B 682 44.75 -33.90 -4.30
N ASP B 683 46.05 -33.82 -4.44
CA ASP B 683 46.75 -34.47 -5.54
C ASP B 683 47.16 -35.90 -5.20
N THR B 684 46.20 -36.69 -4.76
CA THR B 684 46.42 -38.09 -4.45
C THR B 684 45.43 -38.96 -5.23
N PRO B 685 45.85 -40.13 -5.72
CA PRO B 685 44.90 -40.99 -6.44
C PRO B 685 43.75 -41.46 -5.58
N GLU B 686 43.96 -41.58 -4.26
CA GLU B 686 42.86 -41.90 -3.37
C GLU B 686 41.82 -40.77 -3.36
N SER B 687 42.27 -39.53 -3.38
CA SER B 687 41.35 -38.40 -3.48
C SER B 687 40.63 -38.41 -4.83
N ALA B 688 41.35 -38.72 -5.91
CA ALA B 688 40.74 -38.77 -7.23
C ALA B 688 39.63 -39.82 -7.29
N ARG B 689 39.81 -40.95 -6.59
CA ARG B 689 38.80 -41.99 -6.62
C ARG B 689 37.54 -41.55 -5.87
N ILE B 690 37.71 -40.94 -4.69
CA ILE B 690 36.56 -40.59 -3.88
C ILE B 690 35.82 -39.36 -4.44
N ILE B 691 36.56 -38.43 -5.05
CA ILE B 691 35.89 -37.32 -5.73
C ILE B 691 35.12 -37.83 -6.94
N ALA B 692 35.63 -38.88 -7.60
CA ALA B 692 34.88 -39.51 -8.69
C ALA B 692 33.57 -40.10 -8.21
N PHE B 693 33.63 -40.88 -7.13
CA PHE B 693 32.45 -41.57 -6.64
C PHE B 693 31.40 -40.58 -6.15
N ILE B 694 31.83 -39.50 -5.50
CA ILE B 694 30.89 -38.49 -5.02
C ILE B 694 30.32 -37.70 -6.19
N SER B 695 31.15 -37.32 -7.16
CA SER B 695 30.66 -36.62 -8.34
C SER B 695 29.63 -37.45 -9.08
N TRP B 696 29.90 -38.75 -9.23
CA TRP B 696 28.94 -39.65 -9.88
C TRP B 696 27.64 -39.76 -9.11
N LEU B 697 27.70 -39.70 -7.77
CA LEU B 697 26.46 -39.74 -6.99
C LEU B 697 25.64 -38.48 -7.19
N ARG B 698 26.29 -37.32 -7.26
CA ARG B 698 25.55 -36.06 -7.34
C ARG B 698 25.02 -35.78 -8.74
N GLU B 699 25.66 -36.31 -9.78
CA GLU B 699 25.18 -36.15 -11.14
C GLU B 699 23.86 -36.86 -11.39
N GLN B 700 23.42 -37.71 -10.47
CA GLN B 700 22.18 -38.46 -10.62
C GLN B 700 20.95 -37.67 -10.21
N ARG B 701 21.14 -36.44 -9.74
CA ARG B 701 20.06 -35.66 -9.22
C ARG B 701 20.20 -34.17 -9.24
N PRO B 702 19.07 -33.47 -9.27
CA PRO B 702 18.82 -32.04 -9.26
C PRO B 702 19.17 -31.21 -8.03
N PHE B 703 18.82 -31.59 -6.82
CA PHE B 703 19.18 -30.76 -5.71
C PHE B 703 20.50 -31.30 -5.31
N PHE B 704 21.56 -30.52 -5.49
CA PHE B 704 22.93 -30.95 -5.21
C PHE B 704 23.04 -31.29 -3.77
N PRO B 705 23.42 -32.50 -3.46
CA PRO B 705 23.47 -32.89 -2.08
C PRO B 705 24.77 -32.52 -1.48
N ILE B 706 24.68 -31.87 -0.34
CA ILE B 706 25.83 -31.43 0.37
C ILE B 706 26.45 -32.55 1.12
N LEU B 707 27.76 -32.69 0.97
CA LEU B 707 28.47 -33.76 1.65
C LEU B 707 29.17 -33.21 2.88
N TYR B 708 28.83 -33.78 4.02
CA TYR B 708 29.44 -33.35 5.27
C TYR B 708 30.27 -34.48 5.86
N VAL B 709 31.53 -34.17 6.14
CA VAL B 709 32.45 -35.14 6.72
C VAL B 709 32.48 -35.08 8.21
N ILE B 710 31.69 -34.19 8.77
CA ILE B 710 31.54 -33.88 10.18
C ILE B 710 30.95 -35.01 11.04
N ALA B 711 30.37 -36.03 10.39
CA ALA B 711 29.93 -37.14 11.12
C ALA B 711 31.28 -37.62 11.62
N ASP B 712 31.34 -37.66 12.93
CA ASP B 712 32.46 -38.05 13.75
C ASP B 712 31.94 -38.52 15.06
N GLU B 713 32.79 -39.11 15.86
CA GLU B 713 32.33 -39.51 17.18
C GLU B 713 31.90 -38.34 18.06
N SER B 714 32.59 -37.24 17.95
CA SER B 714 32.31 -36.08 18.75
C SER B 714 31.73 -34.87 18.05
N PRO B 715 31.00 -35.04 16.97
CA PRO B 715 30.52 -33.85 16.30
C PRO B 715 29.07 -33.61 16.57
N MET B 716 28.45 -34.51 17.33
CA MET B 716 27.04 -34.48 17.59
C MET B 716 26.31 -34.45 16.26
N LYS B 717 26.66 -35.42 15.43
CA LYS B 717 26.04 -35.66 14.17
C LYS B 717 25.77 -37.14 14.23
N ALA B 718 24.72 -37.45 14.97
CA ALA B 718 24.20 -38.76 15.19
C ALA B 718 22.99 -38.99 14.32
N ASN B 719 22.85 -38.18 13.28
CA ASN B 719 21.86 -38.33 12.25
C ASN B 719 22.18 -39.59 11.48
N PHE B 720 23.48 -39.83 11.28
CA PHE B 720 24.03 -40.98 10.62
C PHE B 720 23.60 -42.22 11.36
N LEU B 721 23.64 -42.21 12.67
CA LEU B 721 23.22 -43.36 13.41
C LEU B 721 21.75 -43.63 13.26
N GLN B 722 20.96 -42.58 13.20
CA GLN B 722 19.51 -42.71 13.08
C GLN B 722 19.08 -43.51 11.87
N ASN B 723 19.85 -43.41 10.81
CA ASN B 723 19.64 -44.13 9.58
C ASN B 723 19.93 -45.61 9.60
N MET B 724 20.58 -46.12 10.63
CA MET B 724 20.83 -47.55 10.64
C MET B 724 19.57 -48.11 11.16
N ILE B 725 18.62 -48.33 10.27
CA ILE B 725 17.27 -48.77 10.64
C ILE B 725 17.16 -50.24 10.99
N GLU B 726 18.25 -51.02 10.86
CA GLU B 726 18.18 -52.44 11.23
C GLU B 726 18.53 -52.71 12.69
N ASP B 727 19.28 -51.82 13.33
CA ASP B 727 19.65 -51.99 14.72
C ASP B 727 18.48 -51.62 15.64
N ARG B 728 18.48 -52.22 16.82
CA ARG B 728 17.46 -51.92 17.80
C ARG B 728 17.77 -50.61 18.52
N THR B 729 16.80 -50.16 19.31
CA THR B 729 16.98 -49.01 20.18
C THR B 729 16.02 -49.16 21.35
N GLU B 730 16.15 -48.25 22.32
CA GLU B 730 15.28 -48.30 23.49
C GLU B 730 13.83 -47.94 23.16
N SER B 731 13.50 -47.69 21.88
CA SER B 731 12.16 -47.29 21.51
C SER B 731 11.68 -47.91 20.20
N ALA B 732 12.39 -48.92 19.68
CA ALA B 732 11.98 -49.56 18.43
C ALA B 732 12.67 -50.92 18.32
N LEU B 733 12.05 -51.82 17.56
CA LEU B 733 12.61 -53.14 17.33
C LEU B 733 13.77 -53.09 16.35
N SER B 734 14.66 -54.07 16.45
CA SER B 734 15.65 -54.25 15.41
C SER B 734 15.01 -54.91 14.19
N TYR B 735 15.80 -55.07 13.14
CA TYR B 735 15.28 -55.73 11.94
C TYR B 735 14.97 -57.20 12.22
N TYR B 736 15.85 -57.88 12.94
CA TYR B 736 15.57 -59.26 13.32
C TYR B 736 14.36 -59.34 14.24
N GLU B 737 14.31 -58.47 15.25
CA GLU B 737 13.15 -58.43 16.15
C GLU B 737 11.87 -58.10 15.39
N PHE B 738 11.98 -57.32 14.31
CA PHE B 738 10.81 -57.03 13.50
C PHE B 738 10.34 -58.26 12.74
N LEU B 739 11.28 -58.98 12.11
CA LEU B 739 10.91 -60.19 11.38
C LEU B 739 10.27 -61.22 12.30
N LEU B 740 10.76 -61.32 13.54
CA LEU B 740 10.19 -62.29 14.47
C LEU B 740 8.77 -61.90 14.84
N HIS B 741 8.49 -60.60 14.97
CA HIS B 741 7.12 -60.17 15.27
C HIS B 741 6.20 -60.42 14.08
N ILE B 742 6.71 -60.24 12.86
CA ILE B 742 5.90 -60.50 11.67
C ILE B 742 5.51 -61.97 11.61
N GLN B 743 6.49 -62.86 11.78
CA GLN B 743 6.22 -64.30 11.72
C GLN B 743 5.25 -64.72 12.82
N GLN B 744 5.35 -64.11 14.00
CA GLN B 744 4.42 -64.44 15.08
C GLN B 744 2.98 -64.11 14.70
N GLN B 745 2.78 -62.98 14.00
CA GLN B 745 1.43 -62.58 13.63
C GLN B 745 0.95 -63.28 12.37
N VAL B 746 1.87 -63.74 11.50
CA VAL B 746 1.46 -64.45 10.30
C VAL B 746 0.90 -65.82 10.66
N ASN B 747 1.53 -66.52 11.61
CA ASN B 747 1.12 -67.86 12.01
C ASN B 747 0.16 -67.86 13.20
N LYS B 748 -0.49 -66.72 13.47
CA LYS B 748 -1.41 -66.64 14.61
C LYS B 748 -2.63 -67.52 14.41
N MET C 1 -13.91 2.19 -21.18
CA MET C 1 -13.27 2.87 -20.07
C MET C 1 -12.34 1.90 -19.34
N VAL C 2 -12.65 0.61 -19.47
CA VAL C 2 -11.68 -0.46 -19.25
C VAL C 2 -11.46 -1.06 -20.62
N LEU C 3 -10.63 -2.09 -20.74
CA LEU C 3 -10.19 -2.51 -22.06
C LEU C 3 -10.19 -4.02 -22.23
N LEU C 4 -9.93 -4.41 -23.49
CA LEU C 4 -9.77 -5.77 -23.97
C LEU C 4 -9.26 -5.66 -25.40
N THR C 5 -8.12 -6.26 -25.70
CA THR C 5 -7.49 -6.10 -27.01
C THR C 5 -7.04 -7.45 -27.53
N MET C 6 -7.34 -7.73 -28.80
CA MET C 6 -6.99 -8.99 -29.44
C MET C 6 -6.56 -8.74 -30.88
N ILE C 7 -5.48 -9.40 -31.28
CA ILE C 7 -4.97 -9.34 -32.65
C ILE C 7 -5.01 -10.76 -33.20
N ALA C 8 -5.69 -10.95 -34.33
CA ALA C 8 -5.90 -12.29 -34.85
C ALA C 8 -5.87 -12.28 -36.38
N ARG C 9 -5.58 -13.45 -36.94
CA ARG C 9 -5.60 -13.63 -38.39
C ARG C 9 -7.03 -13.87 -38.86
N VAL C 10 -7.46 -13.12 -39.86
CA VAL C 10 -8.88 -13.10 -40.23
C VAL C 10 -9.31 -14.44 -40.83
N ALA C 11 -8.42 -15.09 -41.59
CA ALA C 11 -8.80 -16.28 -42.33
C ALA C 11 -9.34 -17.37 -41.42
N ASP C 12 -8.52 -17.83 -40.48
CA ASP C 12 -8.90 -18.92 -39.58
C ASP C 12 -9.17 -18.47 -38.16
N GLY C 13 -9.10 -17.17 -37.87
CA GLY C 13 -9.30 -16.71 -36.52
C GLY C 13 -8.17 -17.04 -35.57
N LEU C 14 -6.99 -17.36 -36.10
CA LEU C 14 -5.86 -17.73 -35.27
C LEU C 14 -5.41 -16.54 -34.42
N PRO C 15 -5.38 -16.67 -33.09
CA PRO C 15 -4.92 -15.55 -32.26
C PRO C 15 -3.43 -15.29 -32.47
N LEU C 16 -3.08 -14.01 -32.57
CA LEU C 16 -1.71 -13.58 -32.73
C LEU C 16 -1.16 -12.89 -31.48
N ALA C 17 -1.91 -11.95 -30.92
CA ALA C 17 -1.49 -11.26 -29.71
C ALA C 17 -2.71 -10.66 -29.04
N ALA C 18 -2.67 -10.59 -27.71
CA ALA C 18 -3.77 -10.03 -26.95
C ALA C 18 -3.22 -9.42 -25.66
N SER C 19 -4.13 -8.88 -24.84
CA SER C 19 -3.78 -8.31 -23.54
C SER C 19 -5.01 -8.10 -22.67
N MET C 20 -4.98 -8.65 -21.45
CA MET C 20 -6.12 -8.55 -20.54
C MET C 20 -5.63 -8.43 -19.11
N GLN C 21 -6.32 -7.61 -18.32
CA GLN C 21 -6.10 -7.58 -16.88
C GLN C 21 -7.43 -7.29 -16.21
N GLU C 22 -7.71 -8.00 -15.12
CA GLU C 22 -8.99 -7.90 -14.44
C GLU C 22 -8.95 -6.77 -13.41
N ASP C 23 -8.35 -7.04 -12.26
CA ASP C 23 -8.22 -6.03 -11.22
C ASP C 23 -6.83 -5.42 -11.21
N ASP C 29 -18.02 -10.20 -16.79
CA ASP C 29 -16.70 -10.77 -16.54
C ASP C 29 -15.88 -10.84 -17.83
N LEU C 30 -14.63 -11.31 -17.70
CA LEU C 30 -13.76 -11.46 -18.85
C LEU C 30 -14.17 -12.60 -19.75
N GLN C 31 -14.89 -13.60 -19.22
CA GLN C 31 -15.16 -14.82 -19.97
C GLN C 31 -16.20 -14.58 -21.07
N GLN C 32 -17.28 -13.88 -20.76
CA GLN C 32 -18.35 -13.72 -21.74
C GLN C 32 -17.95 -12.81 -22.90
N TYR C 33 -17.00 -11.90 -22.66
CA TYR C 33 -16.59 -10.97 -23.71
C TYR C 33 -15.39 -11.47 -24.51
N GLN C 34 -14.59 -12.36 -23.95
CA GLN C 34 -13.56 -13.03 -24.75
C GLN C 34 -14.17 -14.06 -25.69
N SER C 35 -15.28 -14.69 -25.29
CA SER C 35 -15.95 -15.63 -26.17
C SER C 35 -16.56 -14.92 -27.37
N GLN C 36 -17.34 -13.86 -27.12
CA GLN C 36 -17.93 -13.10 -28.21
C GLN C 36 -16.86 -12.53 -29.14
N ALA C 37 -15.66 -12.27 -28.62
CA ALA C 37 -14.57 -11.84 -29.49
C ALA C 37 -14.18 -12.95 -30.46
N LYS C 38 -14.10 -14.19 -29.99
CA LYS C 38 -13.76 -15.29 -30.87
C LYS C 38 -14.89 -15.60 -31.86
N GLN C 39 -16.14 -15.39 -31.44
CA GLN C 39 -17.26 -15.53 -32.38
C GLN C 39 -17.07 -14.59 -33.57
N LEU C 40 -16.60 -13.37 -33.30
CA LEU C 40 -16.37 -12.42 -34.38
C LEU C 40 -15.21 -12.86 -35.28
N PHE C 41 -14.12 -13.34 -34.68
CA PHE C 41 -12.98 -13.78 -35.46
C PHE C 41 -13.33 -14.95 -36.37
N ARG C 42 -14.32 -15.77 -35.97
CA ARG C 42 -14.74 -16.89 -36.81
C ARG C 42 -15.62 -16.41 -37.96
N LYS C 43 -16.49 -15.42 -37.71
CA LYS C 43 -17.42 -14.95 -38.73
C LYS C 43 -16.75 -14.05 -39.77
N LEU C 44 -15.74 -13.27 -39.37
CA LEU C 44 -15.11 -12.34 -40.30
C LEU C 44 -14.45 -13.10 -41.45
N ASN C 45 -14.56 -12.54 -42.65
CA ASN C 45 -13.98 -13.15 -43.84
C ASN C 45 -13.67 -12.04 -44.85
N GLU C 46 -13.55 -12.42 -46.12
CA GLU C 46 -13.08 -11.50 -47.14
C GLU C 46 -14.12 -10.43 -47.48
N GLN C 47 -15.39 -10.66 -47.17
CA GLN C 47 -16.45 -9.71 -47.47
C GLN C 47 -16.91 -8.92 -46.26
N SER C 48 -16.20 -9.02 -45.13
CA SER C 48 -16.54 -8.24 -43.96
C SER C 48 -16.06 -6.80 -44.09
N PRO C 49 -16.76 -5.85 -43.47
CA PRO C 49 -16.28 -4.46 -43.51
C PRO C 49 -14.92 -4.32 -42.84
N THR C 50 -14.06 -3.52 -43.46
CA THR C 50 -12.70 -3.34 -42.96
C THR C 50 -12.64 -2.47 -41.71
N ARG C 51 -13.71 -1.74 -41.39
CA ARG C 51 -13.76 -0.94 -40.17
C ARG C 51 -15.20 -0.91 -39.68
N CYS C 52 -15.42 -1.31 -38.43
CA CYS C 52 -16.78 -1.45 -37.92
C CYS C 52 -16.77 -1.28 -36.40
N THR C 53 -17.96 -1.03 -35.86
CA THR C 53 -18.17 -0.87 -34.43
C THR C 53 -19.39 -1.68 -34.02
N LEU C 54 -19.21 -2.57 -33.04
CA LEU C 54 -20.28 -3.40 -32.53
C LEU C 54 -20.48 -3.12 -31.05
N GLU C 55 -21.73 -3.28 -30.59
CA GLU C 55 -22.12 -2.87 -29.25
C GLU C 55 -22.81 -4.03 -28.55
N ALA C 56 -22.12 -4.64 -27.59
CA ALA C 56 -22.66 -5.79 -26.86
C ALA C 56 -23.11 -5.33 -25.48
N GLY C 57 -24.41 -5.12 -25.32
CA GLY C 57 -24.95 -4.78 -24.02
C GLY C 57 -24.42 -3.42 -23.57
N ALA C 58 -23.73 -3.40 -22.44
CA ALA C 58 -23.13 -2.17 -21.96
C ALA C 58 -21.78 -1.88 -22.62
N MET C 59 -21.11 -2.93 -23.10
CA MET C 59 -19.79 -2.78 -23.69
C MET C 59 -19.91 -2.62 -25.21
N THR C 60 -18.80 -2.20 -25.82
CA THR C 60 -18.77 -1.87 -27.24
C THR C 60 -17.48 -2.39 -27.86
N PHE C 61 -17.63 -3.14 -28.96
CA PHE C 61 -16.49 -3.65 -29.71
C PHE C 61 -16.12 -2.69 -30.82
N HIS C 62 -14.82 -2.57 -31.08
CA HIS C 62 -14.30 -1.81 -32.21
C HIS C 62 -13.19 -2.61 -32.85
N TYR C 63 -13.17 -2.63 -34.18
CA TYR C 63 -12.11 -3.37 -34.88
C TYR C 63 -11.80 -2.71 -36.22
N ILE C 64 -10.60 -3.01 -36.70
CA ILE C 64 -10.18 -2.71 -38.06
C ILE C 64 -9.54 -3.97 -38.62
N ILE C 65 -9.54 -4.07 -39.95
CA ILE C 65 -8.92 -5.20 -40.65
C ILE C 65 -7.93 -4.65 -41.65
N GLU C 66 -6.67 -5.03 -41.51
CA GLU C 66 -5.61 -4.56 -42.40
C GLU C 66 -4.72 -5.75 -42.76
N GLN C 67 -4.71 -6.12 -44.04
CA GLN C 67 -3.86 -7.20 -44.55
C GLN C 67 -4.09 -8.50 -43.80
N GLY C 68 -5.35 -8.93 -43.78
CA GLY C 68 -5.71 -10.25 -43.26
C GLY C 68 -5.58 -10.39 -41.77
N VAL C 69 -5.25 -9.29 -41.09
CA VAL C 69 -5.08 -9.25 -39.64
C VAL C 69 -6.15 -8.35 -39.06
N CYS C 70 -6.84 -8.83 -38.03
CA CYS C 70 -7.90 -8.09 -37.37
C CYS C 70 -7.41 -7.55 -36.03
N TYR C 71 -7.67 -6.26 -35.78
CA TYR C 71 -7.27 -5.59 -34.55
C TYR C 71 -8.54 -5.18 -33.82
N LEU C 72 -8.93 -5.96 -32.82
CA LEU C 72 -10.17 -5.77 -32.08
C LEU C 72 -9.89 -5.14 -30.72
N VAL C 73 -10.80 -4.26 -30.29
CA VAL C 73 -10.74 -3.67 -28.96
C VAL C 73 -12.15 -3.61 -28.39
N LEU C 74 -12.27 -3.89 -27.10
CA LEU C 74 -13.53 -3.79 -26.37
C LEU C 74 -13.35 -2.80 -25.23
N CYS C 75 -14.36 -1.95 -25.02
CA CYS C 75 -14.30 -0.93 -23.98
C CYS C 75 -15.71 -0.59 -23.53
N GLU C 76 -15.80 0.07 -22.37
CA GLU C 76 -17.09 0.57 -21.89
C GLU C 76 -17.66 1.56 -22.90
N ALA C 77 -18.98 1.47 -23.11
CA ALA C 77 -19.61 2.23 -24.19
C ALA C 77 -19.34 3.73 -24.10
N ALA C 78 -19.05 4.24 -22.91
CA ALA C 78 -18.76 5.66 -22.77
C ALA C 78 -17.40 6.05 -23.31
N PHE C 79 -16.56 5.08 -23.67
CA PHE C 79 -15.23 5.40 -24.17
C PHE C 79 -15.33 6.06 -25.54
N PRO C 80 -14.62 7.15 -25.80
CA PRO C 80 -14.75 7.85 -27.08
C PRO C 80 -14.36 6.97 -28.26
N LYS C 81 -15.24 6.91 -29.25
CA LYS C 81 -15.01 6.06 -30.41
C LYS C 81 -13.83 6.54 -31.24
N LYS C 82 -13.60 7.85 -31.29
CA LYS C 82 -12.45 8.38 -32.04
C LYS C 82 -11.14 7.94 -31.42
N LEU C 83 -11.10 7.77 -30.10
CA LEU C 83 -9.89 7.30 -29.45
C LEU C 83 -9.73 5.79 -29.58
N ALA C 84 -10.84 5.06 -29.70
CA ALA C 84 -10.76 3.61 -29.85
C ALA C 84 -10.12 3.22 -31.18
N PHE C 85 -10.50 3.88 -32.26
CA PHE C 85 -9.89 3.62 -33.56
C PHE C 85 -8.48 4.18 -33.67
N ALA C 86 -8.20 5.33 -33.05
CA ALA C 86 -6.84 5.82 -33.02
C ALA C 86 -5.90 4.88 -32.28
N TYR C 87 -6.44 4.11 -31.34
CA TYR C 87 -5.62 3.14 -30.62
C TYR C 87 -5.30 1.93 -31.48
N LEU C 88 -6.23 1.55 -32.36
CA LEU C 88 -6.05 0.37 -33.20
C LEU C 88 -5.08 0.60 -34.35
N GLU C 89 -4.87 1.84 -34.77
CA GLU C 89 -4.03 2.09 -35.94
C GLU C 89 -2.55 2.00 -35.60
N ASP C 90 -2.12 2.64 -34.52
CA ASP C 90 -0.71 2.55 -34.14
C ASP C 90 -0.34 1.14 -33.67
N LEU C 91 -1.32 0.39 -33.15
CA LEU C 91 -1.11 -1.04 -32.95
C LEU C 91 -0.82 -1.72 -34.28
N HIS C 92 -1.66 -1.47 -35.29
CA HIS C 92 -1.42 -2.02 -36.62
C HIS C 92 -0.13 -1.47 -37.21
N SER C 93 0.21 -0.22 -36.93
CA SER C 93 1.43 0.37 -37.46
C SER C 93 2.66 -0.39 -36.95
N GLU C 94 2.71 -0.65 -35.65
CA GLU C 94 3.87 -1.34 -35.08
C GLU C 94 3.84 -2.82 -35.41
N PHE C 95 2.67 -3.46 -35.30
CA PHE C 95 2.58 -4.89 -35.56
C PHE C 95 2.94 -5.21 -37.01
N ASP C 96 2.32 -4.51 -37.96
CA ASP C 96 2.58 -4.79 -39.37
C ASP C 96 4.01 -4.45 -39.77
N GLU C 97 4.68 -3.56 -39.02
CA GLU C 97 6.02 -3.15 -39.41
C GLU C 97 7.01 -4.31 -39.37
N GLN C 98 7.09 -5.02 -38.24
CA GLN C 98 8.06 -6.10 -38.09
C GLN C 98 7.42 -7.41 -37.66
N HIS C 99 6.11 -7.55 -37.83
CA HIS C 99 5.46 -8.86 -37.72
C HIS C 99 4.61 -9.22 -38.93
N GLY C 100 4.24 -8.27 -39.78
CA GLY C 100 3.35 -8.54 -40.89
C GLY C 100 3.93 -9.46 -41.95
N LYS C 101 5.26 -9.59 -42.02
CA LYS C 101 5.86 -10.44 -43.03
C LYS C 101 5.62 -11.92 -42.75
N LYS C 102 5.58 -12.32 -41.48
CA LYS C 102 5.46 -13.71 -41.11
C LYS C 102 4.10 -14.05 -40.51
N VAL C 103 3.11 -13.18 -40.65
CA VAL C 103 1.76 -13.49 -40.17
C VAL C 103 1.14 -14.67 -40.94
N PRO C 104 1.14 -14.70 -42.29
CA PRO C 104 0.47 -15.81 -42.98
C PRO C 104 1.29 -17.09 -43.02
N THR C 105 2.24 -17.25 -42.09
CA THR C 105 3.06 -18.45 -42.04
C THR C 105 2.99 -19.18 -40.70
N VAL C 106 2.64 -18.49 -39.61
CA VAL C 106 2.63 -19.14 -38.30
C VAL C 106 1.44 -20.09 -38.19
N SER C 107 1.54 -21.01 -37.24
CA SER C 107 0.49 -21.99 -36.99
C SER C 107 0.12 -22.14 -35.53
N ARG C 108 1.01 -21.80 -34.60
CA ARG C 108 0.74 -21.89 -33.18
C ARG C 108 -0.07 -20.68 -32.72
N PRO C 109 -1.04 -20.86 -31.82
CA PRO C 109 -1.77 -19.70 -31.29
C PRO C 109 -0.85 -18.78 -30.49
N TYR C 110 -1.08 -17.48 -30.63
CA TYR C 110 -0.35 -16.46 -29.89
C TYR C 110 1.16 -16.57 -30.15
N SER C 111 1.54 -16.74 -31.41
CA SER C 111 2.94 -16.76 -31.80
C SER C 111 3.64 -15.42 -31.61
N PHE C 112 2.89 -14.40 -31.19
CA PHE C 112 3.42 -13.06 -30.91
C PHE C 112 2.93 -12.57 -29.56
N ILE C 113 2.99 -13.44 -28.54
CA ILE C 113 2.59 -13.03 -27.20
C ILE C 113 3.46 -11.88 -26.70
N GLU C 114 4.71 -11.81 -27.16
CA GLU C 114 5.62 -10.75 -26.72
C GLU C 114 5.21 -9.37 -27.22
N PHE C 115 4.28 -9.29 -28.18
CA PHE C 115 3.65 -8.02 -28.51
C PHE C 115 2.80 -7.49 -27.35
N ASP C 116 2.59 -8.31 -26.31
CA ASP C 116 1.99 -7.82 -25.07
C ASP C 116 2.64 -6.53 -24.60
N THR C 117 3.96 -6.43 -24.70
CA THR C 117 4.67 -5.29 -24.14
C THR C 117 4.26 -3.99 -24.82
N PHE C 118 4.22 -3.98 -26.15
CA PHE C 118 3.84 -2.77 -26.86
C PHE C 118 2.35 -2.45 -26.69
N ILE C 119 1.51 -3.47 -26.55
CA ILE C 119 0.08 -3.24 -26.39
C ILE C 119 -0.19 -2.42 -25.14
N GLN C 120 0.25 -2.93 -23.98
CA GLN C 120 -0.07 -2.29 -22.71
C GLN C 120 0.59 -0.92 -22.58
N LYS C 121 1.74 -0.72 -23.21
CA LYS C 121 2.36 0.60 -23.21
C LYS C 121 1.53 1.60 -24.01
N THR C 122 1.14 1.23 -25.23
CA THR C 122 0.23 2.06 -26.00
C THR C 122 -1.13 2.17 -25.30
N LYS C 123 -1.56 1.09 -24.66
CA LYS C 123 -2.84 1.07 -23.97
C LYS C 123 -2.92 2.10 -22.85
N LYS C 124 -1.78 2.39 -22.20
CA LYS C 124 -1.77 3.38 -21.13
C LYS C 124 -2.09 4.78 -21.64
N LEU C 125 -1.74 5.07 -22.89
CA LEU C 125 -1.79 6.42 -23.42
C LEU C 125 -3.14 6.80 -24.01
N TYR C 126 -4.17 5.99 -23.79
CA TYR C 126 -5.52 6.29 -24.28
C TYR C 126 -6.60 6.19 -23.21
N ILE C 127 -6.35 5.54 -22.08
CA ILE C 127 -7.37 5.33 -21.06
C ILE C 127 -7.28 6.33 -19.93
N ASP C 128 -6.33 7.26 -19.98
CA ASP C 128 -6.17 8.31 -18.98
C ASP C 128 -6.29 9.66 -19.68
N SER C 129 -7.29 10.44 -19.29
CA SER C 129 -7.58 11.70 -19.97
C SER C 129 -6.53 12.78 -19.71
N ARG C 130 -5.56 12.52 -18.85
CA ARG C 130 -4.52 13.52 -18.56
C ARG C 130 -3.53 13.62 -19.71
N ILE C 148 -16.42 2.94 -41.64
CA ILE C 148 -16.92 2.82 -40.28
C ILE C 148 -18.41 2.46 -40.31
N MET C 149 -18.78 1.46 -39.53
CA MET C 149 -20.15 0.98 -39.46
C MET C 149 -20.51 0.72 -37.99
N VAL C 150 -21.80 0.83 -37.68
CA VAL C 150 -22.32 0.64 -36.32
C VAL C 150 -23.31 -0.50 -36.34
N ALA C 151 -23.13 -1.46 -35.42
CA ALA C 151 -24.07 -2.55 -35.21
C ALA C 151 -24.08 -2.89 -33.73
N ASN C 152 -24.82 -3.94 -33.36
CA ASN C 152 -25.11 -4.23 -31.96
C ASN C 152 -24.58 -5.61 -31.54
N ILE C 153 -23.57 -6.11 -32.25
CA ILE C 153 -22.86 -7.34 -31.86
C ILE C 153 -23.79 -8.55 -31.71
N GLU C 154 -25.05 -8.41 -32.10
CA GLU C 154 -25.98 -9.53 -32.07
C GLU C 154 -26.24 -10.10 -33.45
N GLU C 155 -25.95 -9.33 -34.51
CA GLU C 155 -26.24 -9.79 -35.87
C GLU C 155 -25.25 -10.84 -36.30
N VAL C 156 -23.96 -10.51 -36.29
CA VAL C 156 -22.95 -11.41 -36.83
C VAL C 156 -22.86 -12.69 -36.01
N LEU C 157 -23.26 -12.62 -34.74
CA LEU C 157 -23.18 -13.79 -33.87
C LEU C 157 -24.42 -14.67 -34.05
N THR D 3 -13.61 -26.29 -15.40
CA THR D 3 -13.63 -27.40 -16.36
C THR D 3 -12.51 -27.24 -17.39
N SER D 4 -12.16 -28.35 -18.05
CA SER D 4 -11.13 -28.33 -19.07
C SER D 4 -11.32 -29.53 -19.98
N ILE D 5 -10.81 -29.39 -21.20
CA ILE D 5 -10.90 -30.46 -22.19
C ILE D 5 -9.63 -31.30 -22.24
N ILE D 6 -8.77 -31.18 -21.23
CA ILE D 6 -7.52 -31.94 -21.17
C ILE D 6 -7.84 -33.42 -20.94
ZN ZN E . -6.48 42.98 41.67
ZN ZN F . -11.73 -43.68 -25.58
#